data_2YRZ
#
_entry.id   2YRZ
#
_entity_poly.entity_id   1
_entity_poly.type   'polypeptide(L)'
_entity_poly.pdbx_seq_one_letter_code
;GSSGSSGSHDSRLTAGVPDTPTRLVFSALGPTSLRVSWQEPRCERPLQGYSVEYQLLNGGELHRLNIPNPAQTSVVVEDL
LPNHSYVFRVRAQSQEGWGREREGVITIESQVSGPSSG
;
_entity_poly.pdbx_strand_id   A
#
# COMPACT_ATOMS: atom_id res chain seq x y z
N GLY A 1 -14.86 -37.44 -17.13
CA GLY A 1 -15.68 -38.61 -16.83
C GLY A 1 -17.13 -38.25 -16.59
N SER A 2 -17.82 -39.07 -15.80
CA SER A 2 -19.23 -38.85 -15.50
C SER A 2 -19.43 -37.46 -14.92
N SER A 3 -20.64 -36.93 -15.07
CA SER A 3 -20.97 -35.60 -14.56
C SER A 3 -21.98 -35.69 -13.42
N GLY A 4 -22.09 -34.61 -12.65
CA GLY A 4 -23.02 -34.59 -11.54
C GLY A 4 -22.33 -34.33 -10.21
N SER A 5 -22.74 -33.28 -9.53
CA SER A 5 -22.15 -32.93 -8.23
C SER A 5 -23.21 -32.40 -7.28
N SER A 6 -22.84 -32.26 -6.01
CA SER A 6 -23.75 -31.76 -4.99
C SER A 6 -23.01 -30.95 -3.94
N GLY A 7 -23.62 -29.85 -3.51
CA GLY A 7 -23.00 -29.00 -2.51
C GLY A 7 -23.37 -27.54 -2.68
N SER A 8 -22.94 -26.70 -1.74
CA SER A 8 -23.24 -25.28 -1.78
C SER A 8 -23.06 -24.73 -3.20
N HIS A 9 -23.57 -23.53 -3.43
CA HIS A 9 -23.47 -22.90 -4.74
C HIS A 9 -22.30 -21.91 -4.78
N ASP A 10 -21.17 -22.33 -4.24
CA ASP A 10 -19.98 -21.49 -4.21
C ASP A 10 -19.17 -21.66 -5.49
N SER A 11 -19.50 -20.86 -6.50
CA SER A 11 -18.80 -20.92 -7.78
C SER A 11 -18.44 -19.53 -8.28
N ARG A 12 -19.31 -18.56 -8.00
CA ARG A 12 -19.09 -17.19 -8.40
C ARG A 12 -18.13 -16.47 -7.44
N LEU A 13 -17.67 -17.20 -6.43
CA LEU A 13 -16.75 -16.64 -5.45
C LEU A 13 -15.66 -15.83 -6.13
N THR A 14 -15.12 -14.85 -5.41
CA THR A 14 -14.06 -14.00 -5.94
C THR A 14 -12.83 -14.82 -6.30
N ALA A 15 -12.62 -15.04 -7.60
CA ALA A 15 -11.48 -15.80 -8.08
C ALA A 15 -10.59 -14.95 -8.97
N GLY A 16 -11.19 -14.04 -9.72
CA GLY A 16 -10.43 -13.19 -10.61
C GLY A 16 -9.87 -11.97 -9.90
N VAL A 17 -9.72 -12.07 -8.59
CA VAL A 17 -9.19 -10.98 -7.79
C VAL A 17 -7.67 -10.86 -7.94
N PRO A 18 -7.16 -9.63 -7.79
CA PRO A 18 -5.73 -9.35 -7.92
C PRO A 18 -4.92 -9.94 -6.77
N ASP A 19 -3.91 -10.75 -7.10
CA ASP A 19 -3.07 -11.37 -6.09
C ASP A 19 -2.20 -10.33 -5.39
N THR A 20 -1.76 -10.66 -4.17
CA THR A 20 -0.92 -9.75 -3.40
C THR A 20 0.17 -9.14 -4.26
N PRO A 21 0.26 -7.80 -4.26
CA PRO A 21 1.26 -7.07 -5.04
C PRO A 21 2.66 -7.25 -4.48
N THR A 22 3.66 -6.89 -5.28
CA THR A 22 5.06 -7.01 -4.87
C THR A 22 5.45 -5.88 -3.93
N ARG A 23 6.63 -6.00 -3.33
CA ARG A 23 7.12 -4.98 -2.40
C ARG A 23 6.86 -3.59 -2.93
N LEU A 24 6.87 -2.60 -2.04
CA LEU A 24 6.63 -1.21 -2.42
C LEU A 24 7.95 -0.46 -2.56
N VAL A 25 7.91 0.68 -3.25
CA VAL A 25 9.09 1.50 -3.45
C VAL A 25 8.87 2.92 -2.95
N PHE A 26 9.63 3.29 -1.91
CA PHE A 26 9.51 4.63 -1.33
C PHE A 26 10.63 5.53 -1.84
N SER A 27 10.26 6.75 -2.23
CA SER A 27 11.22 7.72 -2.74
C SER A 27 11.66 8.68 -1.64
N ALA A 28 10.71 9.10 -0.82
CA ALA A 28 10.98 10.02 0.28
C ALA A 28 11.49 11.36 -0.26
N LEU A 29 10.75 11.93 -1.21
CA LEU A 29 11.13 13.21 -1.79
C LEU A 29 11.62 14.19 -0.72
N GLY A 30 11.20 13.96 0.52
CA GLY A 30 11.61 14.82 1.62
C GLY A 30 11.15 14.30 2.97
N PRO A 31 11.27 15.14 4.00
CA PRO A 31 10.87 14.79 5.36
C PRO A 31 9.35 14.66 5.51
N THR A 32 8.62 15.41 4.68
CA THR A 32 7.16 15.38 4.71
C THR A 32 6.58 14.96 3.37
N SER A 33 7.41 14.28 2.57
CA SER A 33 6.98 13.82 1.25
C SER A 33 7.50 12.41 0.97
N LEU A 34 6.73 11.64 0.21
CA LEU A 34 7.10 10.28 -0.13
C LEU A 34 6.43 9.83 -1.43
N ARG A 35 6.90 8.71 -1.96
CA ARG A 35 6.34 8.18 -3.20
C ARG A 35 6.36 6.64 -3.19
N VAL A 36 5.19 6.05 -3.00
CA VAL A 36 5.07 4.60 -2.97
C VAL A 36 4.71 4.05 -4.35
N SER A 37 5.48 3.05 -4.80
CA SER A 37 5.24 2.44 -6.10
C SER A 37 5.21 0.92 -5.99
N TRP A 38 4.15 0.32 -6.51
CA TRP A 38 4.00 -1.13 -6.47
C TRP A 38 4.11 -1.73 -7.86
N GLN A 39 3.88 -3.03 -7.96
CA GLN A 39 3.96 -3.72 -9.24
C GLN A 39 2.63 -4.40 -9.58
N GLU A 40 2.08 -4.05 -10.74
CA GLU A 40 0.81 -4.62 -11.18
C GLU A 40 0.79 -6.13 -10.98
N PRO A 41 0.08 -6.58 -9.94
CA PRO A 41 -0.04 -8.01 -9.62
C PRO A 41 -0.87 -8.77 -10.64
N ARG A 42 -0.85 -10.10 -10.54
CA ARG A 42 -1.61 -10.94 -11.46
C ARG A 42 -3.10 -10.83 -11.21
N CYS A 43 -3.88 -10.81 -12.28
CA CYS A 43 -5.33 -10.71 -12.17
C CYS A 43 -6.00 -11.05 -13.51
N GLU A 44 -6.78 -12.12 -13.51
CA GLU A 44 -7.47 -12.55 -14.72
C GLU A 44 -8.37 -11.44 -15.25
N ARG A 45 -8.82 -10.57 -14.36
CA ARG A 45 -9.68 -9.46 -14.74
C ARG A 45 -8.93 -8.14 -14.70
N PRO A 46 -9.38 -7.17 -15.51
CA PRO A 46 -8.76 -5.85 -15.59
C PRO A 46 -8.98 -5.02 -14.33
N LEU A 47 -7.90 -4.56 -13.73
CA LEU A 47 -7.97 -3.76 -12.51
C LEU A 47 -8.69 -2.44 -12.77
N GLN A 48 -9.42 -1.96 -11.78
CA GLN A 48 -10.16 -0.70 -11.89
C GLN A 48 -9.40 0.44 -11.22
N GLY A 49 -8.52 0.09 -10.28
CA GLY A 49 -7.75 1.09 -9.58
C GLY A 49 -6.86 0.50 -8.51
N TYR A 50 -6.49 1.31 -7.53
CA TYR A 50 -5.63 0.86 -6.44
C TYR A 50 -5.94 1.62 -5.15
N SER A 51 -5.45 1.09 -4.03
CA SER A 51 -5.68 1.71 -2.73
C SER A 51 -4.40 1.72 -1.90
N VAL A 52 -3.99 2.91 -1.47
CA VAL A 52 -2.78 3.05 -0.67
C VAL A 52 -3.10 3.59 0.72
N GLU A 53 -3.20 2.68 1.69
CA GLU A 53 -3.50 3.06 3.06
C GLU A 53 -2.23 3.19 3.89
N TYR A 54 -2.08 4.33 4.56
CA TYR A 54 -0.90 4.58 5.39
C TYR A 54 -1.30 5.17 6.74
N GLN A 55 -0.53 4.82 7.77
CA GLN A 55 -0.81 5.32 9.12
C GLN A 55 0.38 5.07 10.03
N LEU A 56 0.52 5.91 11.06
CA LEU A 56 1.61 5.77 12.01
C LEU A 56 1.79 4.32 12.45
N LEU A 57 2.96 3.76 12.16
CA LEU A 57 3.24 2.37 12.53
C LEU A 57 2.74 2.06 13.93
N ASN A 58 3.10 2.91 14.89
CA ASN A 58 2.69 2.72 16.28
C ASN A 58 1.16 2.70 16.37
N GLY A 59 0.51 3.65 15.71
CA GLY A 59 -0.94 3.72 15.74
C GLY A 59 -1.45 5.13 15.87
N GLY A 60 -1.91 5.70 14.75
CA GLY A 60 -2.42 7.06 14.77
C GLY A 60 -3.57 7.25 13.80
N GLU A 61 -3.38 8.12 12.82
CA GLU A 61 -4.40 8.40 11.82
C GLU A 61 -4.18 7.58 10.55
N LEU A 62 -5.25 6.97 10.04
CA LEU A 62 -5.17 6.15 8.84
C LEU A 62 -5.74 6.90 7.65
N HIS A 63 -4.90 7.11 6.63
CA HIS A 63 -5.34 7.81 5.42
C HIS A 63 -5.42 6.84 4.23
N ARG A 64 -6.60 6.70 3.67
CA ARG A 64 -6.82 5.82 2.53
C ARG A 64 -6.77 6.59 1.22
N LEU A 65 -5.88 6.20 0.34
CA LEU A 65 -5.73 6.85 -0.96
C LEU A 65 -6.25 5.96 -2.09
N ASN A 66 -7.22 6.48 -2.84
CA ASN A 66 -7.80 5.73 -3.94
C ASN A 66 -7.18 6.15 -5.27
N ILE A 67 -6.97 5.18 -6.16
CA ILE A 67 -6.38 5.44 -7.46
C ILE A 67 -7.40 5.20 -8.59
N PRO A 68 -7.91 6.30 -9.16
CA PRO A 68 -8.89 6.24 -10.26
C PRO A 68 -8.27 5.72 -11.55
N ASN A 69 -7.01 5.35 -11.49
CA ASN A 69 -6.30 4.83 -12.67
C ASN A 69 -5.62 3.50 -12.36
N PRO A 70 -6.11 2.43 -13.01
CA PRO A 70 -5.57 1.08 -12.82
C PRO A 70 -4.17 0.94 -13.41
N ALA A 71 -3.70 1.97 -14.09
CA ALA A 71 -2.37 1.95 -14.71
C ALA A 71 -1.35 2.63 -13.80
N GLN A 72 -1.82 3.57 -12.99
CA GLN A 72 -0.95 4.30 -12.08
C GLN A 72 -0.53 3.42 -10.91
N THR A 73 0.68 2.87 -10.98
CA THR A 73 1.21 2.01 -9.94
C THR A 73 2.17 2.76 -9.03
N SER A 74 1.91 4.05 -8.85
CA SER A 74 2.76 4.89 -8.01
C SER A 74 2.00 6.12 -7.53
N VAL A 75 2.12 6.43 -6.25
CA VAL A 75 1.45 7.59 -5.67
C VAL A 75 2.37 8.34 -4.72
N VAL A 76 2.26 9.66 -4.70
CA VAL A 76 3.07 10.50 -3.84
C VAL A 76 2.34 10.85 -2.54
N VAL A 77 2.91 10.45 -1.42
CA VAL A 77 2.32 10.71 -0.11
C VAL A 77 3.02 11.87 0.59
N GLU A 78 2.25 12.91 0.92
CA GLU A 78 2.79 14.08 1.59
C GLU A 78 1.99 14.41 2.85
N ASP A 79 2.41 15.46 3.54
CA ASP A 79 1.73 15.89 4.75
C ASP A 79 1.95 14.88 5.88
N LEU A 80 3.16 14.35 5.97
CA LEU A 80 3.50 13.37 6.99
C LEU A 80 4.31 14.02 8.11
N LEU A 81 4.64 13.23 9.13
CA LEU A 81 5.41 13.72 10.26
C LEU A 81 6.85 13.22 10.20
N PRO A 82 7.79 14.11 10.55
CA PRO A 82 9.23 13.78 10.55
C PRO A 82 9.60 12.80 11.65
N ASN A 83 10.57 11.94 11.36
CA ASN A 83 11.03 10.94 12.34
C ASN A 83 9.86 10.10 12.84
N HIS A 84 8.99 9.70 11.92
CA HIS A 84 7.83 8.88 12.26
C HIS A 84 7.63 7.76 11.24
N SER A 85 7.35 6.56 11.73
CA SER A 85 7.14 5.41 10.87
C SER A 85 5.68 5.34 10.41
N TYR A 86 5.49 4.94 9.15
CA TYR A 86 4.15 4.82 8.58
C TYR A 86 4.01 3.52 7.79
N VAL A 87 3.03 2.72 8.18
CA VAL A 87 2.77 1.45 7.51
C VAL A 87 1.97 1.65 6.22
N PHE A 88 2.66 1.59 5.09
CA PHE A 88 2.02 1.77 3.79
C PHE A 88 1.57 0.44 3.22
N ARG A 89 0.26 0.18 3.27
CA ARG A 89 -0.30 -1.06 2.75
C ARG A 89 -1.03 -0.83 1.44
N VAL A 90 -0.38 -1.20 0.34
CA VAL A 90 -0.96 -1.03 -0.99
C VAL A 90 -1.85 -2.21 -1.36
N ARG A 91 -3.00 -1.91 -1.96
CA ARG A 91 -3.94 -2.95 -2.35
C ARG A 91 -4.45 -2.71 -3.77
N ALA A 92 -4.93 -3.76 -4.41
CA ALA A 92 -5.46 -3.67 -5.77
C ALA A 92 -6.93 -4.04 -5.82
N GLN A 93 -7.64 -3.50 -6.81
CA GLN A 93 -9.07 -3.79 -6.96
C GLN A 93 -9.40 -4.08 -8.42
N SER A 94 -10.18 -5.15 -8.64
CA SER A 94 -10.56 -5.54 -9.98
C SER A 94 -12.08 -5.78 -10.07
N GLN A 95 -12.58 -5.91 -11.29
CA GLN A 95 -14.00 -6.14 -11.51
C GLN A 95 -14.57 -7.09 -10.44
N GLU A 96 -13.71 -7.98 -9.94
CA GLU A 96 -14.14 -8.93 -8.92
C GLU A 96 -14.25 -8.26 -7.55
N GLY A 97 -13.11 -7.86 -6.99
CA GLY A 97 -13.12 -7.21 -5.70
C GLY A 97 -11.72 -6.94 -5.19
N TRP A 98 -11.62 -6.53 -3.93
CA TRP A 98 -10.33 -6.23 -3.31
C TRP A 98 -9.58 -7.52 -2.97
N GLY A 99 -8.38 -7.65 -3.51
CA GLY A 99 -7.58 -8.84 -3.25
C GLY A 99 -6.69 -8.68 -2.03
N ARG A 100 -5.40 -8.98 -2.19
CA ARG A 100 -4.44 -8.88 -1.09
C ARG A 100 -3.71 -7.54 -1.14
N GLU A 101 -2.99 -7.23 -0.06
CA GLU A 101 -2.25 -5.99 0.02
C GLU A 101 -0.85 -6.22 0.62
N ARG A 102 0.13 -5.51 0.08
CA ARG A 102 1.51 -5.65 0.56
C ARG A 102 1.81 -4.63 1.64
N GLU A 103 2.51 -5.07 2.68
CA GLU A 103 2.86 -4.20 3.79
C GLU A 103 4.26 -3.59 3.58
N GLY A 104 4.37 -2.29 3.85
CA GLY A 104 5.64 -1.61 3.70
C GLY A 104 5.74 -0.35 4.53
N VAL A 105 6.46 -0.42 5.64
CA VAL A 105 6.63 0.72 6.52
C VAL A 105 7.92 1.48 6.20
N ILE A 106 7.87 2.80 6.33
CA ILE A 106 9.03 3.64 6.06
C ILE A 106 9.37 4.51 7.27
N THR A 107 10.66 4.76 7.46
CA THR A 107 11.12 5.58 8.57
C THR A 107 11.71 6.90 8.07
N ILE A 108 10.95 7.98 8.23
CA ILE A 108 11.40 9.30 7.81
C ILE A 108 12.76 9.64 8.42
N GLU A 109 13.79 9.74 7.58
CA GLU A 109 15.12 10.06 8.05
C GLU A 109 15.63 11.35 7.37
N SER A 110 15.71 12.42 8.15
CA SER A 110 16.18 13.70 7.64
C SER A 110 17.61 13.98 8.08
N GLN A 111 18.27 14.89 7.39
CA GLN A 111 19.64 15.25 7.71
C GLN A 111 20.58 14.08 7.47
N VAL A 112 20.42 13.43 6.31
CA VAL A 112 21.26 12.29 5.95
C VAL A 112 21.76 12.40 4.52
N SER A 113 23.06 12.53 4.36
CA SER A 113 23.67 12.65 3.04
C SER A 113 24.43 11.38 2.67
N GLY A 114 23.84 10.22 2.98
CA GLY A 114 24.48 8.96 2.67
C GLY A 114 25.86 8.86 3.26
N PRO A 115 26.70 7.97 2.69
CA PRO A 115 28.07 7.75 3.16
C PRO A 115 28.97 8.94 2.86
N SER A 116 30.25 8.82 3.23
CA SER A 116 31.22 9.89 3.01
C SER A 116 32.57 9.32 2.59
N SER A 117 32.91 9.49 1.33
CA SER A 117 34.18 8.99 0.80
C SER A 117 35.36 9.72 1.44
N GLY A 118 36.39 8.95 1.80
CA GLY A 118 37.56 9.54 2.42
C GLY A 118 38.73 8.58 2.48
N GLY A 1 -22.38 -38.22 -3.51
CA GLY A 1 -21.14 -38.83 -3.07
C GLY A 1 -20.01 -37.81 -2.96
N SER A 2 -19.16 -37.99 -1.95
CA SER A 2 -18.05 -37.08 -1.73
C SER A 2 -17.27 -36.85 -3.02
N SER A 3 -16.95 -37.94 -3.72
CA SER A 3 -16.20 -37.86 -4.97
C SER A 3 -15.12 -36.79 -4.89
N GLY A 4 -14.43 -36.74 -3.75
CA GLY A 4 -13.38 -35.76 -3.57
C GLY A 4 -13.81 -34.37 -3.98
N SER A 5 -14.75 -33.80 -3.24
CA SER A 5 -15.25 -32.45 -3.54
C SER A 5 -14.82 -31.46 -2.47
N SER A 6 -14.96 -31.87 -1.21
CA SER A 6 -14.59 -31.01 -0.09
C SER A 6 -13.11 -31.19 0.27
N GLY A 7 -12.31 -30.18 -0.06
CA GLY A 7 -10.89 -30.25 0.23
C GLY A 7 -10.16 -28.97 -0.16
N SER A 8 -9.57 -28.98 -1.36
CA SER A 8 -8.84 -27.81 -1.84
C SER A 8 -9.52 -27.21 -3.06
N HIS A 9 -10.48 -26.32 -2.79
CA HIS A 9 -11.22 -25.66 -3.87
C HIS A 9 -11.78 -24.32 -3.40
N ASP A 10 -11.87 -23.36 -4.32
CA ASP A 10 -12.39 -22.04 -4.01
C ASP A 10 -13.74 -21.80 -4.67
N SER A 11 -14.71 -22.65 -4.35
CA SER A 11 -16.05 -22.53 -4.92
C SER A 11 -16.77 -21.32 -4.37
N ARG A 12 -17.16 -21.40 -3.10
CA ARG A 12 -17.87 -20.30 -2.45
C ARG A 12 -16.90 -19.22 -1.97
N LEU A 13 -15.95 -18.88 -2.83
CA LEU A 13 -14.95 -17.87 -2.50
C LEU A 13 -14.55 -17.06 -3.74
N THR A 14 -13.70 -16.06 -3.54
CA THR A 14 -13.24 -15.22 -4.64
C THR A 14 -12.06 -15.86 -5.36
N ALA A 15 -12.07 -15.78 -6.69
CA ALA A 15 -11.00 -16.35 -7.49
C ALA A 15 -10.41 -15.31 -8.42
N GLY A 16 -11.28 -14.57 -9.11
CA GLY A 16 -10.82 -13.54 -10.03
C GLY A 16 -10.37 -12.29 -9.32
N VAL A 17 -9.62 -12.44 -8.24
CA VAL A 17 -9.14 -11.31 -7.47
C VAL A 17 -7.64 -11.12 -7.67
N PRO A 18 -7.19 -9.85 -7.60
CA PRO A 18 -5.78 -9.50 -7.78
C PRO A 18 -4.92 -9.97 -6.60
N ASP A 19 -4.00 -10.88 -6.87
CA ASP A 19 -3.11 -11.41 -5.84
C ASP A 19 -2.41 -10.27 -5.10
N THR A 20 -1.67 -10.63 -4.05
CA THR A 20 -0.95 -9.64 -3.25
C THR A 20 0.09 -8.92 -4.10
N PRO A 21 0.10 -7.58 -3.99
CA PRO A 21 1.05 -6.73 -4.73
C PRO A 21 2.48 -6.89 -4.24
N THR A 22 3.41 -6.98 -5.18
CA THR A 22 4.83 -7.13 -4.84
C THR A 22 5.30 -6.00 -3.93
N ARG A 23 6.53 -6.13 -3.44
CA ARG A 23 7.10 -5.11 -2.55
C ARG A 23 6.81 -3.70 -3.08
N LEU A 24 6.92 -2.72 -2.20
CA LEU A 24 6.67 -1.33 -2.57
C LEU A 24 7.98 -0.57 -2.74
N VAL A 25 7.90 0.64 -3.27
CA VAL A 25 9.07 1.47 -3.48
C VAL A 25 8.85 2.89 -2.96
N PHE A 26 9.62 3.26 -1.94
CA PHE A 26 9.50 4.60 -1.35
C PHE A 26 10.61 5.51 -1.86
N SER A 27 10.23 6.72 -2.24
CA SER A 27 11.19 7.70 -2.76
C SER A 27 11.58 8.70 -1.66
N ALA A 28 10.61 9.08 -0.85
CA ALA A 28 10.86 10.03 0.24
C ALA A 28 11.31 11.38 -0.30
N LEU A 29 10.50 11.95 -1.18
CA LEU A 29 10.81 13.25 -1.78
C LEU A 29 11.35 14.21 -0.73
N GLY A 30 10.90 14.06 0.50
CA GLY A 30 11.35 14.91 1.59
C GLY A 30 10.94 14.40 2.95
N PRO A 31 11.06 15.26 3.97
CA PRO A 31 10.70 14.91 5.35
C PRO A 31 9.21 14.73 5.54
N THR A 32 8.42 15.43 4.72
CA THR A 32 6.97 15.36 4.80
C THR A 32 6.37 14.93 3.47
N SER A 33 7.17 14.23 2.67
CA SER A 33 6.71 13.76 1.37
C SER A 33 7.27 12.37 1.06
N LEU A 34 6.51 11.59 0.29
CA LEU A 34 6.93 10.24 -0.08
C LEU A 34 6.27 9.82 -1.39
N ARG A 35 6.76 8.72 -1.95
CA ARG A 35 6.23 8.19 -3.20
C ARG A 35 6.27 6.66 -3.22
N VAL A 36 5.11 6.05 -3.04
CA VAL A 36 5.02 4.59 -3.03
C VAL A 36 4.61 4.06 -4.42
N SER A 37 5.36 3.09 -4.91
CA SER A 37 5.09 2.49 -6.21
C SER A 37 5.10 0.97 -6.12
N TRP A 38 4.00 0.35 -6.54
CA TRP A 38 3.87 -1.10 -6.52
C TRP A 38 3.91 -1.68 -7.93
N GLN A 39 3.70 -2.98 -8.04
CA GLN A 39 3.72 -3.65 -9.33
C GLN A 39 2.37 -4.31 -9.62
N GLU A 40 1.83 -4.04 -10.80
CA GLU A 40 0.54 -4.61 -11.20
C GLU A 40 0.51 -6.11 -10.94
N PRO A 41 -0.23 -6.52 -9.90
CA PRO A 41 -0.35 -7.93 -9.52
C PRO A 41 -1.18 -8.73 -10.53
N ARG A 42 -1.16 -10.05 -10.39
CA ARG A 42 -1.90 -10.92 -11.30
C ARG A 42 -3.39 -10.89 -10.97
N CYS A 43 -4.21 -10.81 -12.02
CA CYS A 43 -5.66 -10.77 -11.84
C CYS A 43 -6.37 -11.17 -13.13
N GLU A 44 -7.19 -12.23 -13.03
CA GLU A 44 -7.93 -12.72 -14.20
C GLU A 44 -8.84 -11.64 -14.77
N ARG A 45 -9.24 -10.71 -13.91
CA ARG A 45 -10.12 -9.62 -14.32
C ARG A 45 -9.36 -8.30 -14.39
N PRO A 46 -9.84 -7.38 -15.24
CA PRO A 46 -9.22 -6.07 -15.42
C PRO A 46 -9.39 -5.17 -14.20
N LEU A 47 -8.29 -4.63 -13.70
CA LEU A 47 -8.32 -3.75 -12.54
C LEU A 47 -8.96 -2.41 -12.89
N GLN A 48 -9.58 -1.77 -11.89
CA GLN A 48 -10.24 -0.49 -12.09
C GLN A 48 -9.41 0.64 -11.48
N GLY A 49 -8.52 0.28 -10.56
CA GLY A 49 -7.67 1.28 -9.91
C GLY A 49 -6.76 0.67 -8.86
N TYR A 50 -6.47 1.44 -7.82
CA TYR A 50 -5.59 0.97 -6.75
C TYR A 50 -5.90 1.69 -5.44
N SER A 51 -5.30 1.22 -4.37
CA SER A 51 -5.51 1.81 -3.04
C SER A 51 -4.22 1.80 -2.23
N VAL A 52 -3.87 2.95 -1.66
CA VAL A 52 -2.66 3.07 -0.85
C VAL A 52 -2.98 3.61 0.53
N GLU A 53 -3.03 2.71 1.51
CA GLU A 53 -3.33 3.10 2.89
C GLU A 53 -2.05 3.25 3.70
N TYR A 54 -1.96 4.32 4.46
CA TYR A 54 -0.78 4.58 5.29
C TYR A 54 -1.18 5.13 6.65
N GLN A 55 -0.46 4.72 7.69
CA GLN A 55 -0.74 5.18 9.05
C GLN A 55 0.43 4.87 9.98
N LEU A 56 0.52 5.63 11.06
CA LEU A 56 1.59 5.43 12.03
C LEU A 56 1.74 3.96 12.41
N LEU A 57 2.92 3.40 12.14
CA LEU A 57 3.18 2.00 12.45
C LEU A 57 2.58 1.62 13.80
N ASN A 58 2.72 2.50 14.77
CA ASN A 58 2.18 2.26 16.11
C ASN A 58 0.65 2.26 16.09
N GLY A 59 0.08 3.31 15.54
CA GLY A 59 -1.37 3.41 15.48
C GLY A 59 -1.87 4.82 15.75
N GLY A 60 -2.19 5.55 14.68
CA GLY A 60 -2.68 6.91 14.82
C GLY A 60 -3.75 7.25 13.81
N GLU A 61 -3.40 8.09 12.84
CA GLU A 61 -4.35 8.50 11.81
C GLU A 61 -4.12 7.70 10.52
N LEU A 62 -5.18 7.05 10.05
CA LEU A 62 -5.11 6.25 8.83
C LEU A 62 -5.64 7.04 7.64
N HIS A 63 -4.86 7.07 6.57
CA HIS A 63 -5.26 7.79 5.35
C HIS A 63 -5.35 6.83 4.16
N ARG A 64 -6.52 6.75 3.55
CA ARG A 64 -6.73 5.88 2.41
C ARG A 64 -6.69 6.67 1.11
N LEU A 65 -5.76 6.29 0.23
CA LEU A 65 -5.60 6.96 -1.06
C LEU A 65 -6.09 6.07 -2.20
N ASN A 66 -7.08 6.57 -2.94
CA ASN A 66 -7.63 5.82 -4.06
C ASN A 66 -7.01 6.28 -5.38
N ILE A 67 -6.87 5.34 -6.32
CA ILE A 67 -6.29 5.66 -7.62
C ILE A 67 -7.33 5.51 -8.73
N PRO A 68 -7.74 6.64 -9.31
CA PRO A 68 -8.73 6.67 -10.39
C PRO A 68 -8.19 6.09 -11.69
N ASN A 69 -6.96 5.59 -11.64
CA ASN A 69 -6.32 5.00 -12.81
C ASN A 69 -5.67 3.66 -12.47
N PRO A 70 -6.16 2.59 -13.10
CA PRO A 70 -5.65 1.24 -12.89
C PRO A 70 -4.24 1.05 -13.45
N ALA A 71 -3.73 2.09 -14.09
CA ALA A 71 -2.39 2.04 -14.68
C ALA A 71 -1.38 2.74 -13.78
N GLN A 72 -1.87 3.65 -12.94
CA GLN A 72 -1.00 4.39 -12.03
C GLN A 72 -0.62 3.53 -10.83
N THR A 73 0.57 2.95 -10.87
CA THR A 73 1.05 2.11 -9.78
C THR A 73 2.03 2.87 -8.89
N SER A 74 1.86 4.19 -8.80
CA SER A 74 2.73 5.02 -7.99
C SER A 74 2.01 6.28 -7.52
N VAL A 75 1.96 6.46 -6.21
CA VAL A 75 1.29 7.63 -5.62
C VAL A 75 2.20 8.35 -4.65
N VAL A 76 2.11 9.69 -4.64
CA VAL A 76 2.94 10.50 -3.75
C VAL A 76 2.20 10.82 -2.47
N VAL A 77 2.80 10.47 -1.33
CA VAL A 77 2.20 10.72 -0.03
C VAL A 77 2.90 11.88 0.67
N GLU A 78 2.13 12.92 0.97
CA GLU A 78 2.67 14.10 1.65
C GLU A 78 1.90 14.39 2.93
N ASP A 79 2.25 15.49 3.59
CA ASP A 79 1.60 15.88 4.83
C ASP A 79 1.82 14.83 5.92
N LEU A 80 3.06 14.38 6.06
CA LEU A 80 3.40 13.38 7.06
C LEU A 80 4.17 14.00 8.22
N LEU A 81 4.55 13.17 9.18
CA LEU A 81 5.30 13.64 10.34
C LEU A 81 6.75 13.19 10.27
N PRO A 82 7.68 14.09 10.65
CA PRO A 82 9.12 13.80 10.64
C PRO A 82 9.51 12.79 11.71
N ASN A 83 10.44 11.91 11.36
CA ASN A 83 10.92 10.89 12.30
C ASN A 83 9.75 10.06 12.84
N HIS A 84 8.96 9.50 11.92
CA HIS A 84 7.81 8.69 12.30
C HIS A 84 7.58 7.57 11.29
N SER A 85 7.28 6.38 11.79
CA SER A 85 7.05 5.21 10.94
C SER A 85 5.61 5.20 10.42
N TYR A 86 5.44 4.75 9.19
CA TYR A 86 4.12 4.68 8.58
C TYR A 86 3.95 3.40 7.76
N VAL A 87 3.04 2.55 8.19
CA VAL A 87 2.78 1.28 7.51
C VAL A 87 2.01 1.51 6.21
N PHE A 88 2.71 1.40 5.08
CA PHE A 88 2.09 1.59 3.77
C PHE A 88 1.55 0.27 3.22
N ARG A 89 0.24 0.10 3.29
CA ARG A 89 -0.40 -1.12 2.80
C ARG A 89 -1.05 -0.87 1.44
N VAL A 90 -0.40 -1.35 0.38
CA VAL A 90 -0.91 -1.19 -0.97
C VAL A 90 -1.78 -2.38 -1.37
N ARG A 91 -2.62 -2.18 -2.40
CA ARG A 91 -3.49 -3.24 -2.88
C ARG A 91 -4.17 -2.83 -4.17
N ALA A 92 -4.82 -3.78 -4.83
CA ALA A 92 -5.52 -3.51 -6.08
C ALA A 92 -6.97 -3.98 -6.01
N GLN A 93 -7.80 -3.47 -6.91
CA GLN A 93 -9.21 -3.83 -6.95
C GLN A 93 -9.62 -4.32 -8.34
N SER A 94 -10.48 -5.33 -8.38
CA SER A 94 -10.93 -5.90 -9.64
C SER A 94 -12.43 -6.19 -9.60
N GLN A 95 -12.97 -6.66 -10.71
CA GLN A 95 -14.40 -6.98 -10.79
C GLN A 95 -14.87 -7.67 -9.52
N GLU A 96 -14.07 -8.60 -9.02
CA GLU A 96 -14.42 -9.33 -7.80
C GLU A 96 -14.36 -8.40 -6.59
N GLY A 97 -13.20 -7.81 -6.36
CA GLY A 97 -13.04 -6.91 -5.22
C GLY A 97 -11.59 -6.70 -4.84
N TRP A 98 -11.36 -6.23 -3.62
CA TRP A 98 -10.00 -5.98 -3.15
C TRP A 98 -9.36 -7.27 -2.65
N GLY A 99 -8.27 -7.68 -3.30
CA GLY A 99 -7.58 -8.89 -2.91
C GLY A 99 -6.73 -8.70 -1.67
N ARG A 100 -5.44 -8.99 -1.79
CA ARG A 100 -4.52 -8.85 -0.66
C ARG A 100 -3.74 -7.54 -0.76
N GLU A 101 -2.93 -7.26 0.26
CA GLU A 101 -2.13 -6.04 0.29
C GLU A 101 -0.69 -6.33 0.70
N ARG A 102 0.18 -5.35 0.54
CA ARG A 102 1.59 -5.51 0.89
C ARG A 102 2.00 -4.49 1.93
N GLU A 103 2.56 -4.97 3.05
CA GLU A 103 3.00 -4.10 4.13
C GLU A 103 4.36 -3.49 3.82
N GLY A 104 4.51 -2.20 4.11
CA GLY A 104 5.76 -1.52 3.86
C GLY A 104 5.92 -0.27 4.70
N VAL A 105 6.48 -0.43 5.90
CA VAL A 105 6.69 0.70 6.80
C VAL A 105 7.94 1.47 6.44
N ILE A 106 7.85 2.79 6.47
CA ILE A 106 8.98 3.65 6.14
C ILE A 106 9.35 4.55 7.32
N THR A 107 10.65 4.81 7.46
CA THR A 107 11.13 5.67 8.55
C THR A 107 11.65 6.99 8.02
N ILE A 108 10.95 8.08 8.33
CA ILE A 108 11.34 9.40 7.87
C ILE A 108 12.69 9.80 8.46
N GLU A 109 13.69 9.93 7.60
CA GLU A 109 15.04 10.31 8.02
C GLU A 109 15.46 11.63 7.39
N SER A 110 15.60 12.66 8.22
CA SER A 110 16.00 13.98 7.74
C SER A 110 17.31 14.42 8.39
N GLN A 111 18.26 13.49 8.49
CA GLN A 111 19.56 13.78 9.09
C GLN A 111 20.41 14.64 8.15
N VAL A 112 20.54 15.91 8.48
CA VAL A 112 21.33 16.84 7.67
C VAL A 112 22.74 16.98 8.23
N SER A 113 23.73 16.74 7.38
CA SER A 113 25.13 16.84 7.79
C SER A 113 25.98 17.41 6.66
N GLY A 114 26.52 18.61 6.87
CA GLY A 114 27.35 19.24 5.86
C GLY A 114 26.60 20.30 5.06
N PRO A 115 27.35 21.20 4.42
CA PRO A 115 26.76 22.28 3.61
C PRO A 115 26.12 21.76 2.34
N SER A 116 26.13 20.45 2.17
CA SER A 116 25.53 19.82 0.99
C SER A 116 24.30 20.60 0.52
N SER A 117 24.24 20.86 -0.79
CA SER A 117 23.13 21.59 -1.36
C SER A 117 21.80 21.17 -0.72
N GLY A 118 20.95 22.16 -0.46
CA GLY A 118 19.66 21.86 0.15
C GLY A 118 18.57 21.64 -0.88
N GLY A 1 -28.59 -6.02 0.13
CA GLY A 1 -29.77 -5.87 -0.70
C GLY A 1 -30.85 -6.87 -0.37
N SER A 2 -31.79 -7.07 -1.30
CA SER A 2 -32.88 -8.01 -1.10
C SER A 2 -32.84 -9.12 -2.14
N SER A 3 -32.87 -8.74 -3.41
CA SER A 3 -32.84 -9.70 -4.50
C SER A 3 -31.96 -10.89 -4.14
N GLY A 4 -32.57 -12.07 -4.07
CA GLY A 4 -31.83 -13.27 -3.74
C GLY A 4 -32.66 -14.53 -3.90
N SER A 5 -32.23 -15.41 -4.81
CA SER A 5 -32.95 -16.65 -5.06
C SER A 5 -32.78 -17.62 -3.90
N SER A 6 -33.57 -18.69 -3.91
CA SER A 6 -33.51 -19.70 -2.85
C SER A 6 -33.20 -19.05 -1.50
N GLY A 7 -33.87 -17.94 -1.22
CA GLY A 7 -33.65 -17.24 0.02
C GLY A 7 -32.41 -16.36 0.00
N SER A 8 -31.43 -16.71 0.81
CA SER A 8 -30.18 -15.94 0.88
C SER A 8 -29.08 -16.63 0.08
N HIS A 9 -27.92 -15.97 0.00
CA HIS A 9 -26.78 -16.53 -0.73
C HIS A 9 -25.47 -16.08 -0.10
N ASP A 10 -24.64 -17.04 0.27
CA ASP A 10 -23.35 -16.73 0.89
C ASP A 10 -22.71 -15.51 0.23
N SER A 11 -22.78 -15.45 -1.09
CA SER A 11 -22.21 -14.34 -1.84
C SER A 11 -20.76 -14.09 -1.42
N ARG A 12 -20.01 -15.18 -1.23
CA ARG A 12 -18.61 -15.08 -0.82
C ARG A 12 -17.73 -15.97 -1.71
N LEU A 13 -17.36 -15.45 -2.87
CA LEU A 13 -16.52 -16.20 -3.80
C LEU A 13 -15.54 -15.27 -4.52
N THR A 14 -14.26 -15.41 -4.20
CA THR A 14 -13.23 -14.58 -4.81
C THR A 14 -12.31 -15.41 -5.70
N ALA A 15 -12.42 -15.22 -7.01
CA ALA A 15 -11.59 -15.96 -7.97
C ALA A 15 -10.85 -15.00 -8.90
N GLY A 16 -11.53 -13.94 -9.33
CA GLY A 16 -10.93 -12.98 -10.21
C GLY A 16 -10.38 -11.78 -9.48
N VAL A 17 -9.91 -11.99 -8.24
CA VAL A 17 -9.36 -10.92 -7.43
C VAL A 17 -7.85 -10.83 -7.58
N PRO A 18 -7.30 -9.62 -7.46
CA PRO A 18 -5.86 -9.38 -7.58
C PRO A 18 -5.07 -9.96 -6.41
N ASP A 19 -4.01 -10.69 -6.72
CA ASP A 19 -3.18 -11.31 -5.69
C ASP A 19 -2.36 -10.24 -4.96
N THR A 20 -1.70 -10.66 -3.88
CA THR A 20 -0.88 -9.74 -3.09
C THR A 20 0.16 -9.04 -3.96
N PRO A 21 0.21 -7.71 -3.86
CA PRO A 21 1.16 -6.89 -4.62
C PRO A 21 2.60 -7.09 -4.16
N THR A 22 3.55 -6.81 -5.05
CA THR A 22 4.96 -6.95 -4.73
C THR A 22 5.44 -5.83 -3.81
N ARG A 23 6.70 -5.91 -3.39
CA ARG A 23 7.27 -4.90 -2.52
C ARG A 23 7.01 -3.49 -3.06
N LEU A 24 7.01 -2.52 -2.16
CA LEU A 24 6.78 -1.13 -2.55
C LEU A 24 8.09 -0.36 -2.64
N VAL A 25 8.08 0.73 -3.39
CA VAL A 25 9.27 1.56 -3.55
C VAL A 25 9.03 2.98 -3.05
N PHE A 26 9.76 3.37 -2.01
CA PHE A 26 9.62 4.70 -1.43
C PHE A 26 10.76 5.61 -1.90
N SER A 27 10.41 6.84 -2.26
CA SER A 27 11.40 7.81 -2.73
C SER A 27 11.75 8.80 -1.61
N ALA A 28 10.75 9.20 -0.86
CA ALA A 28 10.96 10.14 0.24
C ALA A 28 11.45 11.49 -0.27
N LEU A 29 10.73 12.04 -1.24
CA LEU A 29 11.09 13.33 -1.82
C LEU A 29 11.58 14.30 -0.74
N GLY A 30 11.13 14.07 0.49
CA GLY A 30 11.53 14.93 1.59
C GLY A 30 11.06 14.40 2.93
N PRO A 31 11.16 15.24 3.97
CA PRO A 31 10.76 14.88 5.33
C PRO A 31 9.25 14.74 5.47
N THR A 32 8.51 15.48 4.64
CA THR A 32 7.06 15.44 4.67
C THR A 32 6.50 15.00 3.32
N SER A 33 7.33 14.34 2.51
CA SER A 33 6.91 13.88 1.20
C SER A 33 7.46 12.49 0.92
N LEU A 34 6.70 11.70 0.16
CA LEU A 34 7.11 10.34 -0.18
C LEU A 34 6.46 9.88 -1.47
N ARG A 35 6.97 8.78 -2.03
CA ARG A 35 6.42 8.25 -3.28
C ARG A 35 6.44 6.72 -3.25
N VAL A 36 5.26 6.13 -3.06
CA VAL A 36 5.14 4.68 -3.02
C VAL A 36 4.82 4.11 -4.40
N SER A 37 5.57 3.09 -4.81
CA SER A 37 5.36 2.47 -6.11
C SER A 37 5.34 0.95 -5.98
N TRP A 38 4.29 0.33 -6.52
CA TRP A 38 4.14 -1.11 -6.46
C TRP A 38 4.13 -1.72 -7.86
N GLN A 39 3.91 -3.02 -7.94
CA GLN A 39 3.87 -3.72 -9.22
C GLN A 39 2.50 -4.33 -9.48
N GLU A 40 1.97 -4.09 -10.67
CA GLU A 40 0.66 -4.62 -11.04
C GLU A 40 0.58 -6.13 -10.78
N PRO A 41 -0.17 -6.50 -9.74
CA PRO A 41 -0.34 -7.92 -9.36
C PRO A 41 -1.18 -8.68 -10.37
N ARG A 42 -1.12 -10.00 -10.30
CA ARG A 42 -1.88 -10.86 -11.21
C ARG A 42 -3.37 -10.72 -10.96
N CYS A 43 -4.17 -10.88 -12.01
CA CYS A 43 -5.62 -10.78 -11.91
C CYS A 43 -6.29 -11.19 -13.22
N GLU A 44 -7.04 -12.28 -13.18
CA GLU A 44 -7.74 -12.78 -14.36
C GLU A 44 -8.61 -11.69 -14.96
N ARG A 45 -9.03 -10.74 -14.14
CA ARG A 45 -9.88 -9.65 -14.59
C ARG A 45 -9.12 -8.32 -14.56
N PRO A 46 -9.57 -7.36 -15.37
CA PRO A 46 -8.95 -6.03 -15.45
C PRO A 46 -9.20 -5.21 -14.20
N LEU A 47 -8.13 -4.61 -13.66
CA LEU A 47 -8.24 -3.80 -12.46
C LEU A 47 -8.87 -2.44 -12.77
N GLN A 48 -9.54 -1.86 -11.78
CA GLN A 48 -10.19 -0.57 -11.95
C GLN A 48 -9.32 0.55 -11.39
N GLY A 49 -8.44 0.20 -10.47
CA GLY A 49 -7.56 1.19 -9.86
C GLY A 49 -6.64 0.60 -8.83
N TYR A 50 -6.42 1.33 -7.74
CA TYR A 50 -5.54 0.87 -6.66
C TYR A 50 -5.86 1.59 -5.36
N SER A 51 -5.28 1.12 -4.27
CA SER A 51 -5.49 1.71 -2.96
C SER A 51 -4.19 1.74 -2.15
N VAL A 52 -3.95 2.86 -1.48
CA VAL A 52 -2.74 3.02 -0.67
C VAL A 52 -3.08 3.54 0.72
N GLU A 53 -3.20 2.63 1.68
CA GLU A 53 -3.52 3.01 3.05
C GLU A 53 -2.25 3.15 3.89
N TYR A 54 -2.16 4.27 4.61
CA TYR A 54 -0.99 4.53 5.45
C TYR A 54 -1.42 5.10 6.80
N GLN A 55 -0.67 4.74 7.84
CA GLN A 55 -0.97 5.20 9.19
C GLN A 55 0.22 4.98 10.12
N LEU A 56 0.33 5.82 11.14
CA LEU A 56 1.43 5.71 12.09
C LEU A 56 1.64 4.27 12.53
N LEU A 57 2.83 3.75 12.26
CA LEU A 57 3.16 2.37 12.63
C LEU A 57 2.60 2.03 14.00
N ASN A 58 3.03 2.76 15.01
CA ASN A 58 2.57 2.54 16.37
C ASN A 58 1.05 2.52 16.44
N GLY A 59 0.43 3.49 15.79
CA GLY A 59 -1.03 3.57 15.78
C GLY A 59 -1.53 4.99 15.89
N GLY A 60 -2.17 5.47 14.82
CA GLY A 60 -2.69 6.83 14.82
C GLY A 60 -3.84 7.00 13.85
N GLU A 61 -3.70 7.97 12.94
CA GLU A 61 -4.73 8.24 11.95
C GLU A 61 -4.47 7.48 10.66
N LEU A 62 -5.49 6.79 10.17
CA LEU A 62 -5.37 6.01 8.93
C LEU A 62 -5.90 6.80 7.73
N HIS A 63 -5.10 6.86 6.68
CA HIS A 63 -5.49 7.58 5.46
C HIS A 63 -5.52 6.64 4.26
N ARG A 64 -6.70 6.51 3.66
CA ARG A 64 -6.86 5.64 2.50
C ARG A 64 -6.81 6.45 1.20
N LEU A 65 -5.88 6.10 0.33
CA LEU A 65 -5.71 6.79 -0.95
C LEU A 65 -6.19 5.91 -2.10
N ASN A 66 -7.17 6.40 -2.85
CA ASN A 66 -7.71 5.66 -3.99
C ASN A 66 -7.05 6.12 -5.29
N ILE A 67 -6.88 5.18 -6.21
CA ILE A 67 -6.26 5.49 -7.50
C ILE A 67 -7.26 5.30 -8.64
N PRO A 68 -7.69 6.42 -9.24
CA PRO A 68 -8.64 6.40 -10.35
C PRO A 68 -8.04 5.83 -11.63
N ASN A 69 -6.79 5.39 -11.54
CA ASN A 69 -6.09 4.82 -12.69
C ASN A 69 -5.44 3.48 -12.33
N PRO A 70 -5.97 2.40 -12.92
CA PRO A 70 -5.46 1.04 -12.68
C PRO A 70 -4.08 0.83 -13.28
N ALA A 71 -3.59 1.84 -13.99
CA ALA A 71 -2.28 1.77 -14.63
C ALA A 71 -1.21 2.45 -13.78
N GLN A 72 -1.64 3.41 -12.96
CA GLN A 72 -0.72 4.15 -12.10
C GLN A 72 -0.31 3.31 -10.89
N THR A 73 0.86 2.69 -10.98
CA THR A 73 1.36 1.85 -9.89
C THR A 73 2.30 2.63 -8.99
N SER A 74 2.02 3.92 -8.82
CA SER A 74 2.85 4.77 -7.98
C SER A 74 2.08 6.04 -7.57
N VAL A 75 2.18 6.38 -6.30
CA VAL A 75 1.51 7.57 -5.78
C VAL A 75 2.40 8.32 -4.79
N VAL A 76 2.30 9.65 -4.81
CA VAL A 76 3.09 10.49 -3.93
C VAL A 76 2.33 10.79 -2.63
N VAL A 77 2.93 10.42 -1.51
CA VAL A 77 2.32 10.66 -0.20
C VAL A 77 2.98 11.82 0.52
N GLU A 78 2.21 12.86 0.79
CA GLU A 78 2.73 14.04 1.47
C GLU A 78 1.92 14.33 2.74
N ASP A 79 2.24 15.45 3.39
CA ASP A 79 1.55 15.83 4.61
C ASP A 79 1.75 14.80 5.71
N LEU A 80 2.99 14.36 5.88
CA LEU A 80 3.31 13.36 6.91
C LEU A 80 4.05 14.00 8.07
N LEU A 81 4.35 13.19 9.08
CA LEU A 81 5.06 13.67 10.27
C LEU A 81 6.53 13.26 10.23
N PRO A 82 7.41 14.18 10.64
CA PRO A 82 8.85 13.94 10.66
C PRO A 82 9.25 12.93 11.73
N ASN A 83 10.29 12.14 11.45
CA ASN A 83 10.77 11.13 12.39
C ASN A 83 9.62 10.30 12.93
N HIS A 84 8.77 9.82 12.02
CA HIS A 84 7.62 8.99 12.40
C HIS A 84 7.42 7.86 11.40
N SER A 85 7.35 6.63 11.92
CA SER A 85 7.16 5.46 11.08
C SER A 85 5.73 5.39 10.55
N TYR A 86 5.58 4.88 9.34
CA TYR A 86 4.26 4.76 8.72
C TYR A 86 4.14 3.45 7.95
N VAL A 87 3.12 2.66 8.28
CA VAL A 87 2.89 1.38 7.62
C VAL A 87 2.05 1.56 6.36
N PHE A 88 2.70 1.48 5.21
CA PHE A 88 2.02 1.63 3.93
C PHE A 88 1.56 0.29 3.39
N ARG A 89 0.25 0.13 3.25
CA ARG A 89 -0.32 -1.12 2.75
C ARG A 89 -1.01 -0.90 1.40
N VAL A 90 -0.32 -1.25 0.33
CA VAL A 90 -0.86 -1.10 -1.02
C VAL A 90 -1.76 -2.27 -1.39
N ARG A 91 -2.94 -1.96 -1.90
CA ARG A 91 -3.90 -2.98 -2.30
C ARG A 91 -4.47 -2.70 -3.69
N ALA A 92 -5.00 -3.73 -4.33
CA ALA A 92 -5.58 -3.58 -5.66
C ALA A 92 -7.08 -3.91 -5.65
N GLN A 93 -7.78 -3.46 -6.69
CA GLN A 93 -9.21 -3.70 -6.78
C GLN A 93 -9.59 -4.11 -8.21
N SER A 94 -10.32 -5.22 -8.32
CA SER A 94 -10.75 -5.71 -9.62
C SER A 94 -12.25 -5.93 -9.65
N GLN A 95 -12.79 -6.14 -10.86
CA GLN A 95 -14.22 -6.35 -11.02
C GLN A 95 -14.79 -7.17 -9.88
N GLU A 96 -14.08 -8.21 -9.48
CA GLU A 96 -14.52 -9.08 -8.39
C GLU A 96 -14.56 -8.31 -7.07
N GLY A 97 -13.40 -7.82 -6.65
CA GLY A 97 -13.34 -7.08 -5.40
C GLY A 97 -11.91 -6.80 -4.97
N TRP A 98 -11.75 -6.26 -3.76
CA TRP A 98 -10.42 -5.95 -3.23
C TRP A 98 -9.66 -7.22 -2.89
N GLY A 99 -8.52 -7.41 -3.54
CA GLY A 99 -7.71 -8.59 -3.29
C GLY A 99 -6.84 -8.44 -2.05
N ARG A 100 -5.58 -8.83 -2.17
CA ARG A 100 -4.65 -8.74 -1.04
C ARG A 100 -3.83 -7.45 -1.11
N GLU A 101 -3.01 -7.23 -0.09
CA GLU A 101 -2.18 -6.03 -0.03
C GLU A 101 -0.78 -6.37 0.50
N ARG A 102 0.17 -5.48 0.23
CA ARG A 102 1.54 -5.67 0.68
C ARG A 102 1.92 -4.63 1.72
N GLU A 103 2.69 -5.05 2.73
CA GLU A 103 3.11 -4.15 3.80
C GLU A 103 4.42 -3.45 3.41
N GLY A 104 4.51 -2.17 3.75
CA GLY A 104 5.70 -1.40 3.44
C GLY A 104 5.91 -0.24 4.38
N VAL A 105 6.54 -0.51 5.52
CA VAL A 105 6.80 0.53 6.52
C VAL A 105 7.93 1.45 6.08
N ILE A 106 7.90 2.69 6.56
CA ILE A 106 8.92 3.67 6.20
C ILE A 106 9.27 4.54 7.40
N THR A 107 10.54 4.97 7.46
CA THR A 107 10.99 5.82 8.56
C THR A 107 11.50 7.15 8.03
N ILE A 108 10.78 8.22 8.35
CA ILE A 108 11.16 9.56 7.91
C ILE A 108 12.52 9.96 8.49
N GLU A 109 13.51 10.06 7.62
CA GLU A 109 14.86 10.44 8.05
C GLU A 109 15.29 11.74 7.38
N SER A 110 15.43 12.80 8.19
CA SER A 110 15.83 14.10 7.67
C SER A 110 17.29 14.40 8.02
N GLN A 111 17.62 14.24 9.30
CA GLN A 111 18.98 14.48 9.76
C GLN A 111 19.92 13.37 9.32
N VAL A 112 20.74 13.66 8.32
CA VAL A 112 21.69 12.68 7.79
C VAL A 112 23.09 13.27 7.69
N SER A 113 23.97 12.87 8.61
CA SER A 113 25.33 13.36 8.62
C SER A 113 26.27 12.42 7.86
N GLY A 114 26.95 12.95 6.86
CA GLY A 114 27.86 12.15 6.06
C GLY A 114 27.29 10.78 5.74
N PRO A 115 28.16 9.86 5.31
CA PRO A 115 27.75 8.49 4.95
C PRO A 115 27.33 7.68 6.17
N SER A 116 27.65 8.18 7.36
CA SER A 116 27.30 7.49 8.59
C SER A 116 25.79 7.39 8.75
N SER A 117 25.26 6.19 8.52
CA SER A 117 23.82 5.95 8.62
C SER A 117 23.32 6.24 10.04
N GLY A 118 22.02 6.48 10.17
CA GLY A 118 21.45 6.77 11.46
C GLY A 118 21.82 5.73 12.51
N GLY A 1 0.27 -3.53 15.80
CA GLY A 1 -0.53 -3.37 14.60
C GLY A 1 -2.02 -3.43 14.87
N SER A 2 -2.73 -2.39 14.47
CA SER A 2 -4.18 -2.32 14.69
C SER A 2 -4.89 -3.34 13.82
N SER A 3 -5.46 -4.36 14.45
CA SER A 3 -6.19 -5.40 13.74
C SER A 3 -7.69 -5.17 13.81
N GLY A 4 -8.42 -5.82 12.91
CA GLY A 4 -9.87 -5.67 12.89
C GLY A 4 -10.58 -6.83 13.57
N SER A 5 -11.64 -6.51 14.31
CA SER A 5 -12.41 -7.53 15.02
C SER A 5 -13.70 -7.83 14.28
N SER A 6 -13.66 -8.81 13.38
CA SER A 6 -14.83 -9.20 12.61
C SER A 6 -15.07 -10.70 12.69
N GLY A 7 -16.20 -11.15 12.17
CA GLY A 7 -16.53 -12.55 12.19
C GLY A 7 -15.52 -13.40 11.44
N SER A 8 -15.69 -14.72 11.49
CA SER A 8 -14.78 -15.63 10.82
C SER A 8 -15.51 -16.43 9.73
N HIS A 9 -14.89 -16.54 8.57
CA HIS A 9 -15.48 -17.27 7.45
C HIS A 9 -14.45 -17.51 6.35
N ASP A 10 -14.74 -18.45 5.46
CA ASP A 10 -13.85 -18.78 4.36
C ASP A 10 -13.26 -17.51 3.74
N SER A 11 -12.00 -17.58 3.35
CA SER A 11 -11.31 -16.43 2.75
C SER A 11 -11.20 -16.61 1.23
N ARG A 12 -10.81 -17.81 0.81
CA ARG A 12 -10.66 -18.10 -0.60
C ARG A 12 -12.02 -18.31 -1.27
N LEU A 13 -12.69 -17.20 -1.57
CA LEU A 13 -14.00 -17.26 -2.21
C LEU A 13 -14.08 -16.28 -3.39
N THR A 14 -12.96 -16.11 -4.08
CA THR A 14 -12.90 -15.20 -5.22
C THR A 14 -11.97 -15.74 -6.30
N ALA A 15 -12.54 -16.13 -7.43
CA ALA A 15 -11.76 -16.66 -8.54
C ALA A 15 -11.52 -15.58 -9.60
N GLY A 16 -10.49 -14.78 -9.40
CA GLY A 16 -10.16 -13.73 -10.35
C GLY A 16 -9.76 -12.44 -9.66
N VAL A 17 -9.13 -12.56 -8.49
CA VAL A 17 -8.70 -11.39 -7.73
C VAL A 17 -7.19 -11.19 -7.88
N PRO A 18 -6.75 -9.92 -7.74
CA PRO A 18 -5.34 -9.56 -7.85
C PRO A 18 -4.52 -10.08 -6.67
N ASP A 19 -3.65 -11.03 -6.94
CA ASP A 19 -2.79 -11.61 -5.90
C ASP A 19 -1.98 -10.52 -5.20
N THR A 20 -1.56 -10.81 -3.98
CA THR A 20 -0.77 -9.86 -3.20
C THR A 20 0.22 -9.10 -4.09
N PRO A 21 0.16 -7.76 -4.03
CA PRO A 21 1.04 -6.90 -4.81
C PRO A 21 2.49 -6.97 -4.34
N THR A 22 3.41 -7.05 -5.30
CA THR A 22 4.83 -7.13 -4.98
C THR A 22 5.23 -6.04 -3.99
N ARG A 23 6.50 -6.05 -3.58
CA ARG A 23 7.00 -5.05 -2.64
C ARG A 23 6.75 -3.64 -3.14
N LEU A 24 6.82 -2.67 -2.24
CA LEU A 24 6.60 -1.28 -2.59
C LEU A 24 7.93 -0.53 -2.72
N VAL A 25 7.88 0.66 -3.31
CA VAL A 25 9.07 1.47 -3.48
C VAL A 25 8.85 2.90 -3.00
N PHE A 26 9.62 3.31 -1.99
CA PHE A 26 9.50 4.66 -1.43
C PHE A 26 10.60 5.56 -1.96
N SER A 27 10.21 6.77 -2.36
CA SER A 27 11.16 7.74 -2.90
C SER A 27 11.60 8.73 -1.82
N ALA A 28 10.65 9.15 -1.00
CA ALA A 28 10.94 10.09 0.07
C ALA A 28 11.40 11.44 -0.49
N LEU A 29 10.60 12.02 -1.37
CA LEU A 29 10.93 13.30 -1.97
C LEU A 29 11.44 14.29 -0.93
N GLY A 30 11.00 14.12 0.31
CA GLY A 30 11.43 14.99 1.38
C GLY A 30 11.05 14.46 2.75
N PRO A 31 11.17 15.31 3.78
CA PRO A 31 10.85 14.95 5.16
C PRO A 31 9.36 14.75 5.37
N THR A 32 8.55 15.45 4.57
CA THR A 32 7.10 15.36 4.68
C THR A 32 6.49 14.92 3.35
N SER A 33 7.29 14.31 2.50
CA SER A 33 6.82 13.83 1.21
C SER A 33 7.37 12.45 0.90
N LEU A 34 6.58 11.65 0.18
CA LEU A 34 6.98 10.31 -0.19
C LEU A 34 6.28 9.86 -1.47
N ARG A 35 6.78 8.77 -2.06
CA ARG A 35 6.20 8.23 -3.29
C ARG A 35 6.27 6.71 -3.30
N VAL A 36 5.11 6.08 -3.13
CA VAL A 36 5.03 4.62 -3.12
C VAL A 36 4.66 4.08 -4.50
N SER A 37 5.40 3.09 -4.96
CA SER A 37 5.15 2.49 -6.27
C SER A 37 5.17 0.96 -6.18
N TRP A 38 4.09 0.34 -6.63
CA TRP A 38 3.99 -1.12 -6.60
C TRP A 38 4.05 -1.70 -8.01
N GLN A 39 3.86 -3.00 -8.12
CA GLN A 39 3.89 -3.67 -9.42
C GLN A 39 2.56 -4.37 -9.70
N GLU A 40 1.96 -4.04 -10.84
CA GLU A 40 0.69 -4.62 -11.24
C GLU A 40 0.71 -6.15 -11.05
N PRO A 41 0.00 -6.62 -10.01
CA PRO A 41 -0.09 -8.05 -9.70
C PRO A 41 -0.89 -8.83 -10.74
N ARG A 42 -0.92 -10.14 -10.59
CA ARG A 42 -1.65 -11.00 -11.51
C ARG A 42 -3.15 -10.99 -11.21
N CYS A 43 -3.96 -10.84 -12.26
CA CYS A 43 -5.41 -10.80 -12.10
C CYS A 43 -6.10 -11.13 -13.42
N GLU A 44 -6.78 -12.27 -13.45
CA GLU A 44 -7.49 -12.70 -14.65
C GLU A 44 -8.43 -11.61 -15.15
N ARG A 45 -8.83 -10.72 -14.24
CA ARG A 45 -9.73 -9.63 -14.58
C ARG A 45 -9.01 -8.29 -14.54
N PRO A 46 -9.48 -7.33 -15.34
CA PRO A 46 -8.89 -5.98 -15.40
C PRO A 46 -9.13 -5.18 -14.14
N LEU A 47 -8.09 -4.51 -13.66
CA LEU A 47 -8.19 -3.70 -12.45
C LEU A 47 -8.83 -2.34 -12.75
N GLN A 48 -9.51 -1.78 -11.77
CA GLN A 48 -10.16 -0.48 -11.93
C GLN A 48 -9.34 0.63 -11.28
N GLY A 49 -8.48 0.25 -10.34
CA GLY A 49 -7.65 1.22 -9.65
C GLY A 49 -6.81 0.60 -8.56
N TYR A 50 -6.43 1.40 -7.57
CA TYR A 50 -5.61 0.92 -6.46
C TYR A 50 -5.89 1.72 -5.19
N SER A 51 -5.39 1.23 -4.07
CA SER A 51 -5.58 1.89 -2.79
C SER A 51 -4.29 1.87 -1.96
N VAL A 52 -3.88 3.04 -1.50
CA VAL A 52 -2.66 3.17 -0.70
C VAL A 52 -2.97 3.72 0.69
N GLU A 53 -3.06 2.83 1.67
CA GLU A 53 -3.36 3.23 3.03
C GLU A 53 -2.07 3.36 3.85
N TYR A 54 -1.94 4.49 4.54
CA TYR A 54 -0.75 4.75 5.35
C TYR A 54 -1.15 5.34 6.71
N GLN A 55 -0.45 4.89 7.75
CA GLN A 55 -0.73 5.38 9.10
C GLN A 55 0.45 5.07 10.03
N LEU A 56 0.59 5.88 11.07
CA LEU A 56 1.68 5.70 12.04
C LEU A 56 1.88 4.21 12.34
N LEU A 57 3.08 3.72 12.04
CA LEU A 57 3.41 2.32 12.28
C LEU A 57 2.70 1.81 13.53
N ASN A 58 3.02 2.40 14.67
CA ASN A 58 2.41 2.00 15.94
C ASN A 58 0.89 1.98 15.84
N GLY A 59 0.33 3.10 15.38
CA GLY A 59 -1.11 3.20 15.23
C GLY A 59 -1.62 4.61 15.43
N GLY A 60 -1.91 5.29 14.33
CA GLY A 60 -2.41 6.66 14.40
C GLY A 60 -3.37 6.99 13.28
N GLU A 61 -3.43 8.27 12.92
CA GLU A 61 -4.32 8.71 11.85
C GLU A 61 -4.09 7.90 10.58
N LEU A 62 -5.16 7.28 10.08
CA LEU A 62 -5.07 6.47 8.86
C LEU A 62 -5.63 7.23 7.67
N HIS A 63 -4.85 7.28 6.59
CA HIS A 63 -5.28 7.96 5.38
C HIS A 63 -5.34 7.00 4.20
N ARG A 64 -6.53 6.88 3.60
CA ARG A 64 -6.72 5.99 2.47
C ARG A 64 -6.65 6.77 1.15
N LEU A 65 -5.74 6.36 0.27
CA LEU A 65 -5.57 7.02 -1.02
C LEU A 65 -6.10 6.13 -2.14
N ASN A 66 -7.09 6.64 -2.88
CA ASN A 66 -7.69 5.91 -3.98
C ASN A 66 -7.04 6.31 -5.31
N ILE A 67 -6.88 5.34 -6.21
CA ILE A 67 -6.28 5.60 -7.50
C ILE A 67 -7.31 5.41 -8.63
N PRO A 68 -7.75 6.52 -9.23
CA PRO A 68 -8.73 6.50 -10.31
C PRO A 68 -8.15 5.93 -11.60
N ASN A 69 -6.91 5.47 -11.53
CA ASN A 69 -6.24 4.89 -12.69
C ASN A 69 -5.58 3.56 -12.34
N PRO A 70 -6.09 2.47 -12.93
CA PRO A 70 -5.57 1.12 -12.70
C PRO A 70 -4.18 0.93 -13.30
N ALA A 71 -3.73 1.91 -14.06
CA ALA A 71 -2.41 1.85 -14.69
C ALA A 71 -1.36 2.54 -13.84
N GLN A 72 -1.78 3.53 -13.07
CA GLN A 72 -0.88 4.27 -12.19
C GLN A 72 -0.46 3.43 -11.00
N THR A 73 0.73 2.84 -11.07
CA THR A 73 1.24 2.01 -10.00
C THR A 73 2.21 2.79 -9.12
N SER A 74 1.92 4.07 -8.92
CA SER A 74 2.77 4.93 -8.09
C SER A 74 2.00 6.16 -7.62
N VAL A 75 2.04 6.41 -6.32
CA VAL A 75 1.36 7.56 -5.74
C VAL A 75 2.27 8.33 -4.79
N VAL A 76 2.09 9.65 -4.74
CA VAL A 76 2.89 10.49 -3.87
C VAL A 76 2.17 10.78 -2.56
N VAL A 77 2.78 10.38 -1.45
CA VAL A 77 2.20 10.60 -0.13
C VAL A 77 2.88 11.75 0.59
N GLU A 78 2.08 12.75 0.97
CA GLU A 78 2.60 13.91 1.67
C GLU A 78 1.80 14.20 2.93
N ASP A 79 2.18 15.27 3.64
CA ASP A 79 1.49 15.65 4.86
C ASP A 79 1.73 14.63 5.96
N LEU A 80 2.96 14.13 6.03
CA LEU A 80 3.33 13.15 7.04
C LEU A 80 4.11 13.79 8.18
N LEU A 81 4.39 13.01 9.22
CA LEU A 81 5.13 13.52 10.37
C LEU A 81 6.60 13.06 10.31
N PRO A 82 7.51 13.99 10.63
CA PRO A 82 8.95 13.71 10.62
C PRO A 82 9.36 12.77 11.75
N ASN A 83 10.37 11.95 11.49
CA ASN A 83 10.86 11.01 12.48
C ASN A 83 9.73 10.16 13.04
N HIS A 84 8.90 9.63 12.14
CA HIS A 84 7.77 8.80 12.54
C HIS A 84 7.53 7.68 11.52
N SER A 85 7.46 6.45 12.01
CA SER A 85 7.24 5.30 11.14
C SER A 85 5.81 5.29 10.62
N TYR A 86 5.63 4.68 9.44
CA TYR A 86 4.31 4.60 8.83
C TYR A 86 4.14 3.30 8.06
N VAL A 87 3.10 2.55 8.39
CA VAL A 87 2.83 1.27 7.73
C VAL A 87 1.98 1.47 6.48
N PHE A 88 2.64 1.35 5.32
CA PHE A 88 1.95 1.52 4.04
C PHE A 88 1.40 0.19 3.54
N ARG A 89 0.13 0.19 3.17
CA ARG A 89 -0.52 -1.03 2.67
C ARG A 89 -1.22 -0.76 1.34
N VAL A 90 -0.64 -1.28 0.27
CA VAL A 90 -1.20 -1.11 -1.07
C VAL A 90 -2.11 -2.28 -1.44
N ARG A 91 -3.21 -1.98 -2.14
CA ARG A 91 -4.15 -3.00 -2.55
C ARG A 91 -4.55 -2.81 -4.01
N ALA A 92 -5.11 -3.85 -4.61
CA ALA A 92 -5.54 -3.80 -6.00
C ALA A 92 -6.98 -4.25 -6.15
N GLN A 93 -7.81 -3.42 -6.77
CA GLN A 93 -9.22 -3.74 -6.98
C GLN A 93 -9.47 -4.20 -8.41
N SER A 94 -10.27 -5.25 -8.54
CA SER A 94 -10.59 -5.80 -9.86
C SER A 94 -12.05 -6.20 -9.94
N GLN A 95 -12.51 -6.49 -11.15
CA GLN A 95 -13.90 -6.88 -11.37
C GLN A 95 -14.42 -7.73 -10.21
N GLU A 96 -13.57 -8.61 -9.71
CA GLU A 96 -13.94 -9.49 -8.59
C GLU A 96 -13.98 -8.70 -7.29
N GLY A 97 -12.84 -8.13 -6.91
CA GLY A 97 -12.76 -7.36 -5.68
C GLY A 97 -11.35 -7.20 -5.18
N TRP A 98 -11.19 -6.50 -4.06
CA TRP A 98 -9.88 -6.28 -3.47
C TRP A 98 -9.24 -7.60 -3.03
N GLY A 99 -8.15 -7.97 -3.68
CA GLY A 99 -7.46 -9.21 -3.35
C GLY A 99 -6.64 -9.09 -2.08
N ARG A 100 -5.33 -9.19 -2.22
CA ARG A 100 -4.43 -9.09 -1.06
C ARG A 100 -3.68 -7.76 -1.07
N GLU A 101 -2.95 -7.49 0.01
CA GLU A 101 -2.19 -6.25 0.12
C GLU A 101 -0.81 -6.52 0.72
N ARG A 102 0.13 -5.62 0.42
CA ARG A 102 1.49 -5.76 0.94
C ARG A 102 1.81 -4.65 1.93
N GLU A 103 2.53 -5.01 2.99
CA GLU A 103 2.90 -4.05 4.02
C GLU A 103 4.29 -3.45 3.74
N GLY A 104 4.39 -2.12 3.90
CA GLY A 104 5.65 -1.45 3.66
C GLY A 104 5.89 -0.30 4.61
N VAL A 105 6.54 -0.59 5.74
CA VAL A 105 6.83 0.44 6.74
C VAL A 105 7.97 1.33 6.29
N ILE A 106 7.86 2.62 6.58
CA ILE A 106 8.89 3.58 6.22
C ILE A 106 9.26 4.47 7.40
N THR A 107 10.52 4.89 7.43
CA THR A 107 11.01 5.75 8.52
C THR A 107 11.56 7.07 7.97
N ILE A 108 10.87 8.15 8.27
CA ILE A 108 11.29 9.48 7.81
C ILE A 108 12.62 9.89 8.44
N GLU A 109 13.67 9.91 7.63
CA GLU A 109 15.00 10.28 8.11
C GLU A 109 15.48 11.56 7.44
N SER A 110 15.39 12.67 8.16
CA SER A 110 15.81 13.96 7.63
C SER A 110 17.29 14.21 7.94
N GLN A 111 17.87 15.19 7.25
CA GLN A 111 19.27 15.54 7.44
C GLN A 111 19.48 17.04 7.33
N VAL A 112 20.00 17.64 8.41
CA VAL A 112 20.25 19.07 8.43
C VAL A 112 21.73 19.37 8.28
N SER A 113 22.04 20.43 7.52
CA SER A 113 23.43 20.82 7.29
C SER A 113 23.70 22.21 7.85
N GLY A 114 24.39 22.26 8.98
CA GLY A 114 24.71 23.53 9.60
C GLY A 114 26.18 23.88 9.49
N PRO A 115 26.56 25.05 10.02
CA PRO A 115 27.94 25.53 10.00
C PRO A 115 28.86 24.72 10.91
N SER A 116 29.71 23.89 10.31
CA SER A 116 30.62 23.06 11.07
C SER A 116 31.82 23.87 11.57
N SER A 117 32.18 23.67 12.83
CA SER A 117 33.30 24.39 13.42
C SER A 117 33.66 23.81 14.78
N GLY A 118 34.90 23.35 14.91
CA GLY A 118 35.35 22.77 16.16
C GLY A 118 36.84 22.92 16.36
N GLY A 1 1.64 -16.43 6.80
CA GLY A 1 1.87 -17.24 7.97
C GLY A 1 0.59 -17.81 8.56
N SER A 2 -0.27 -18.33 7.69
CA SER A 2 -1.54 -18.89 8.12
C SER A 2 -1.34 -19.90 9.25
N SER A 3 -1.55 -19.45 10.48
CA SER A 3 -1.39 -20.32 11.64
C SER A 3 -2.73 -20.88 12.10
N GLY A 4 -2.77 -22.20 12.30
CA GLY A 4 -4.00 -22.83 12.73
C GLY A 4 -4.37 -24.04 11.89
N SER A 5 -4.15 -25.23 12.44
CA SER A 5 -4.44 -26.47 11.73
C SER A 5 -5.77 -27.06 12.20
N SER A 6 -6.77 -26.21 12.35
CA SER A 6 -8.08 -26.64 12.80
C SER A 6 -9.20 -25.89 12.08
N GLY A 7 -10.16 -26.64 11.55
CA GLY A 7 -11.26 -26.02 10.83
C GLY A 7 -10.98 -25.89 9.34
N SER A 8 -9.86 -25.24 9.01
CA SER A 8 -9.48 -25.04 7.62
C SER A 8 -10.67 -24.54 6.80
N HIS A 9 -11.38 -23.55 7.33
CA HIS A 9 -12.54 -22.99 6.65
C HIS A 9 -12.27 -22.84 5.16
N ASP A 10 -13.26 -23.20 4.35
CA ASP A 10 -13.13 -23.10 2.89
C ASP A 10 -12.56 -21.75 2.48
N SER A 11 -11.37 -21.77 1.89
CA SER A 11 -10.71 -20.54 1.46
C SER A 11 -11.72 -19.56 0.89
N ARG A 12 -11.43 -18.27 1.03
CA ARG A 12 -12.31 -17.22 0.52
C ARG A 12 -12.94 -17.64 -0.80
N LEU A 13 -14.16 -17.16 -1.04
CA LEU A 13 -14.87 -17.49 -2.28
C LEU A 13 -14.51 -16.51 -3.40
N THR A 14 -13.24 -16.08 -3.40
CA THR A 14 -12.76 -15.15 -4.42
C THR A 14 -11.71 -15.81 -5.31
N ALA A 15 -11.86 -15.64 -6.62
CA ALA A 15 -10.92 -16.20 -7.58
C ALA A 15 -10.38 -15.14 -8.52
N GLY A 16 -11.28 -14.29 -9.03
CA GLY A 16 -10.88 -13.24 -9.94
C GLY A 16 -10.34 -12.02 -9.21
N VAL A 17 -9.63 -12.25 -8.11
CA VAL A 17 -9.07 -11.16 -7.33
C VAL A 17 -7.57 -11.03 -7.57
N PRO A 18 -7.07 -9.78 -7.53
CA PRO A 18 -5.65 -9.48 -7.75
C PRO A 18 -4.77 -9.98 -6.61
N ASP A 19 -3.82 -10.84 -6.93
CA ASP A 19 -2.92 -11.40 -5.92
C ASP A 19 -2.15 -10.28 -5.21
N THR A 20 -1.45 -10.64 -4.14
CA THR A 20 -0.68 -9.67 -3.37
C THR A 20 0.30 -8.92 -4.26
N PRO A 21 0.30 -7.58 -4.14
CA PRO A 21 1.19 -6.72 -4.92
C PRO A 21 2.65 -6.86 -4.50
N THR A 22 3.56 -6.77 -5.48
CA THR A 22 4.98 -6.89 -5.22
C THR A 22 5.46 -5.78 -4.28
N ARG A 23 6.66 -5.95 -3.73
CA ARG A 23 7.23 -4.97 -2.82
C ARG A 23 6.96 -3.55 -3.32
N LEU A 24 6.97 -2.59 -2.40
CA LEU A 24 6.73 -1.20 -2.75
C LEU A 24 8.05 -0.42 -2.81
N VAL A 25 8.00 0.76 -3.42
CA VAL A 25 9.17 1.60 -3.56
C VAL A 25 8.91 3.02 -3.04
N PHE A 26 9.67 3.41 -2.03
CA PHE A 26 9.51 4.74 -1.44
C PHE A 26 10.60 5.68 -1.92
N SER A 27 10.19 6.87 -2.35
CA SER A 27 11.14 7.87 -2.85
C SER A 27 11.55 8.82 -1.74
N ALA A 28 10.60 9.19 -0.90
CA ALA A 28 10.87 10.11 0.21
C ALA A 28 11.34 11.46 -0.30
N LEU A 29 10.56 12.06 -1.20
CA LEU A 29 10.92 13.36 -1.76
C LEU A 29 11.36 14.32 -0.67
N GLY A 30 10.87 14.12 0.54
CA GLY A 30 11.24 14.97 1.65
C GLY A 30 10.80 14.40 2.99
N PRO A 31 10.87 15.24 4.03
CA PRO A 31 10.49 14.84 5.39
C PRO A 31 8.99 14.61 5.54
N THR A 32 8.22 15.31 4.72
CA THR A 32 6.76 15.19 4.75
C THR A 32 6.21 14.76 3.39
N SER A 33 7.08 14.18 2.57
CA SER A 33 6.69 13.73 1.24
C SER A 33 7.26 12.35 0.94
N LEU A 34 6.53 11.56 0.16
CA LEU A 34 6.96 10.21 -0.19
C LEU A 34 6.31 9.76 -1.50
N ARG A 35 6.86 8.70 -2.09
CA ARG A 35 6.35 8.17 -3.35
C ARG A 35 6.37 6.64 -3.33
N VAL A 36 5.20 6.04 -3.16
CA VAL A 36 5.08 4.59 -3.15
C VAL A 36 4.76 4.04 -4.53
N SER A 37 5.53 3.07 -4.97
CA SER A 37 5.34 2.45 -6.28
C SER A 37 5.27 0.93 -6.17
N TRP A 38 4.25 0.35 -6.78
CA TRP A 38 4.08 -1.11 -6.75
C TRP A 38 4.06 -1.68 -8.17
N GLN A 39 3.84 -2.99 -8.27
CA GLN A 39 3.81 -3.66 -9.56
C GLN A 39 2.44 -4.30 -9.81
N GLU A 40 1.89 -4.04 -10.99
CA GLU A 40 0.59 -4.58 -11.36
C GLU A 40 0.52 -6.08 -11.08
N PRO A 41 -0.20 -6.46 -10.01
CA PRO A 41 -0.35 -7.86 -9.63
C PRO A 41 -1.20 -8.66 -10.62
N ARG A 42 -1.12 -9.98 -10.54
CA ARG A 42 -1.88 -10.85 -11.43
C ARG A 42 -3.36 -10.82 -11.08
N CYS A 43 -4.21 -10.76 -12.10
CA CYS A 43 -5.65 -10.74 -11.90
C CYS A 43 -6.39 -11.11 -13.18
N GLU A 44 -7.04 -12.27 -13.16
CA GLU A 44 -7.78 -12.74 -14.33
C GLU A 44 -8.75 -11.68 -14.82
N ARG A 45 -9.17 -10.81 -13.92
CA ARG A 45 -10.12 -9.74 -14.26
C ARG A 45 -9.40 -8.39 -14.34
N PRO A 46 -9.99 -7.46 -15.10
CA PRO A 46 -9.43 -6.11 -15.27
C PRO A 46 -9.52 -5.28 -14.00
N LEU A 47 -8.44 -4.55 -13.70
CA LEU A 47 -8.39 -3.71 -12.51
C LEU A 47 -9.05 -2.36 -12.76
N GLN A 48 -9.58 -1.74 -11.71
CA GLN A 48 -10.23 -0.45 -11.82
C GLN A 48 -9.35 0.66 -11.28
N GLY A 49 -8.43 0.30 -10.37
CA GLY A 49 -7.53 1.28 -9.80
C GLY A 49 -6.61 0.67 -8.75
N TYR A 50 -6.34 1.44 -7.70
CA TYR A 50 -5.46 0.96 -6.63
C TYR A 50 -5.71 1.74 -5.34
N SER A 51 -5.26 1.18 -4.22
CA SER A 51 -5.45 1.81 -2.92
C SER A 51 -4.16 1.77 -2.11
N VAL A 52 -3.86 2.87 -1.43
CA VAL A 52 -2.65 2.96 -0.61
C VAL A 52 -2.97 3.47 0.79
N GLU A 53 -3.29 2.54 1.69
CA GLU A 53 -3.62 2.89 3.07
C GLU A 53 -2.36 2.96 3.93
N TYR A 54 -2.11 4.14 4.50
CA TYR A 54 -0.94 4.34 5.33
C TYR A 54 -1.32 5.02 6.65
N GLN A 55 -0.67 4.60 7.73
CA GLN A 55 -0.95 5.17 9.05
C GLN A 55 0.29 5.08 9.94
N LEU A 56 0.18 5.66 11.14
CA LEU A 56 1.29 5.64 12.09
C LEU A 56 1.51 4.24 12.64
N LEU A 57 2.67 3.66 12.31
CA LEU A 57 3.02 2.32 12.77
C LEU A 57 2.57 2.11 14.22
N ASN A 58 2.86 3.09 15.07
CA ASN A 58 2.48 3.01 16.47
C ASN A 58 0.98 2.81 16.63
N GLY A 59 0.20 3.59 15.89
CA GLY A 59 -1.24 3.48 15.96
C GLY A 59 -1.93 4.83 16.00
N GLY A 60 -2.53 5.24 14.89
CA GLY A 60 -3.20 6.51 14.84
C GLY A 60 -4.09 6.65 13.61
N GLU A 61 -4.47 7.88 13.29
CA GLU A 61 -5.33 8.13 12.14
C GLU A 61 -4.76 7.46 10.88
N LEU A 62 -5.64 6.86 10.09
CA LEU A 62 -5.24 6.19 8.87
C LEU A 62 -5.67 6.97 7.64
N HIS A 63 -4.78 7.09 6.66
CA HIS A 63 -5.08 7.81 5.43
C HIS A 63 -5.24 6.85 4.26
N ARG A 64 -6.42 6.85 3.66
CA ARG A 64 -6.71 5.98 2.52
C ARG A 64 -6.60 6.74 1.21
N LEU A 65 -5.72 6.26 0.33
CA LEU A 65 -5.52 6.90 -0.97
C LEU A 65 -6.02 6.01 -2.10
N ASN A 66 -6.98 6.52 -2.86
CA ASN A 66 -7.55 5.77 -3.98
C ASN A 66 -6.93 6.21 -5.30
N ILE A 67 -6.80 5.27 -6.23
CA ILE A 67 -6.23 5.56 -7.53
C ILE A 67 -7.23 5.31 -8.65
N PRO A 68 -7.77 6.40 -9.22
CA PRO A 68 -8.75 6.32 -10.30
C PRO A 68 -8.14 5.81 -11.62
N ASN A 69 -6.86 5.46 -11.56
CA ASN A 69 -6.16 4.97 -12.74
C ASN A 69 -5.50 3.62 -12.44
N PRO A 70 -6.01 2.55 -13.07
CA PRO A 70 -5.49 1.20 -12.90
C PRO A 70 -4.11 1.02 -13.54
N ALA A 71 -3.62 2.08 -14.18
CA ALA A 71 -2.32 2.04 -14.82
C ALA A 71 -1.25 2.71 -13.96
N GLN A 72 -1.69 3.65 -13.11
CA GLN A 72 -0.77 4.36 -12.23
C GLN A 72 -0.34 3.48 -11.07
N THR A 73 0.85 2.91 -11.17
CA THR A 73 1.38 2.05 -10.11
C THR A 73 2.32 2.81 -9.19
N SER A 74 2.02 4.10 -8.99
CA SER A 74 2.84 4.93 -8.12
C SER A 74 2.04 6.14 -7.62
N VAL A 75 2.06 6.35 -6.31
CA VAL A 75 1.34 7.46 -5.70
C VAL A 75 2.24 8.23 -4.74
N VAL A 76 2.15 9.56 -4.79
CA VAL A 76 2.94 10.41 -3.92
C VAL A 76 2.20 10.73 -2.63
N VAL A 77 2.79 10.32 -1.50
CA VAL A 77 2.18 10.57 -0.20
C VAL A 77 2.82 11.77 0.49
N GLU A 78 1.99 12.76 0.82
CA GLU A 78 2.47 13.97 1.48
C GLU A 78 1.66 14.25 2.75
N ASP A 79 1.98 15.37 3.40
CA ASP A 79 1.28 15.75 4.62
C ASP A 79 1.50 14.72 5.72
N LEU A 80 2.75 14.32 5.92
CA LEU A 80 3.09 13.34 6.94
C LEU A 80 3.82 13.98 8.10
N LEU A 81 4.23 13.17 9.07
CA LEU A 81 4.94 13.67 10.24
C LEU A 81 6.42 13.27 10.19
N PRO A 82 7.30 14.20 10.59
CA PRO A 82 8.74 13.98 10.60
C PRO A 82 9.16 12.97 11.67
N ASN A 83 10.19 12.18 11.36
CA ASN A 83 10.69 11.18 12.30
C ASN A 83 9.55 10.33 12.84
N HIS A 84 8.70 9.82 11.95
CA HIS A 84 7.57 9.00 12.35
C HIS A 84 7.39 7.83 11.39
N SER A 85 7.29 6.63 11.95
CA SER A 85 7.12 5.42 11.13
C SER A 85 5.68 5.31 10.62
N TYR A 86 5.55 4.86 9.37
CA TYR A 86 4.24 4.71 8.76
C TYR A 86 4.15 3.39 7.98
N VAL A 87 3.15 2.58 8.32
CA VAL A 87 2.95 1.31 7.65
C VAL A 87 2.08 1.47 6.41
N PHE A 88 2.71 1.41 5.24
CA PHE A 88 2.00 1.56 3.98
C PHE A 88 1.50 0.21 3.48
N ARG A 89 0.20 0.10 3.23
CA ARG A 89 -0.40 -1.13 2.75
C ARG A 89 -1.11 -0.92 1.41
N VAL A 90 -0.39 -1.18 0.32
CA VAL A 90 -0.95 -1.02 -1.01
C VAL A 90 -1.74 -2.26 -1.43
N ARG A 91 -2.68 -2.06 -2.35
CA ARG A 91 -3.50 -3.15 -2.84
C ARG A 91 -4.20 -2.78 -4.15
N ALA A 92 -4.69 -3.78 -4.86
CA ALA A 92 -5.39 -3.54 -6.13
C ALA A 92 -6.87 -3.93 -6.03
N GLN A 93 -7.68 -3.35 -6.91
CA GLN A 93 -9.10 -3.63 -6.92
C GLN A 93 -9.56 -4.11 -8.30
N SER A 94 -10.28 -5.22 -8.32
CA SER A 94 -10.77 -5.79 -9.57
C SER A 94 -12.27 -6.06 -9.50
N GLN A 95 -12.84 -6.46 -10.62
CA GLN A 95 -14.27 -6.76 -10.68
C GLN A 95 -14.73 -7.48 -9.42
N GLU A 96 -13.95 -8.46 -8.98
CA GLU A 96 -14.27 -9.23 -7.78
C GLU A 96 -14.25 -8.34 -6.55
N GLY A 97 -13.10 -7.72 -6.28
CA GLY A 97 -12.97 -6.86 -5.12
C GLY A 97 -11.52 -6.65 -4.72
N TRP A 98 -11.32 -6.03 -3.55
CA TRP A 98 -9.98 -5.77 -3.05
C TRP A 98 -9.32 -7.06 -2.56
N GLY A 99 -8.30 -7.51 -3.28
CA GLY A 99 -7.60 -8.73 -2.90
C GLY A 99 -6.70 -8.53 -1.69
N ARG A 100 -5.44 -8.93 -1.83
CA ARG A 100 -4.48 -8.79 -0.75
C ARG A 100 -3.79 -7.43 -0.80
N GLU A 101 -2.97 -7.14 0.20
CA GLU A 101 -2.26 -5.88 0.28
C GLU A 101 -0.85 -6.07 0.86
N ARG A 102 0.15 -5.58 0.15
CA ARG A 102 1.53 -5.70 0.59
C ARG A 102 1.85 -4.66 1.67
N GLU A 103 2.63 -5.07 2.67
CA GLU A 103 3.01 -4.17 3.75
C GLU A 103 4.36 -3.52 3.48
N GLY A 104 4.44 -2.22 3.73
CA GLY A 104 5.68 -1.50 3.51
C GLY A 104 5.86 -0.32 4.46
N VAL A 105 6.49 -0.58 5.59
CA VAL A 105 6.72 0.47 6.59
C VAL A 105 7.89 1.36 6.20
N ILE A 106 7.78 2.64 6.53
CA ILE A 106 8.85 3.60 6.21
C ILE A 106 9.14 4.50 7.41
N THR A 107 10.40 4.93 7.53
CA THR A 107 10.81 5.79 8.62
C THR A 107 11.38 7.10 8.09
N ILE A 108 10.64 8.19 8.28
CA ILE A 108 11.07 9.50 7.82
C ILE A 108 12.40 9.90 8.46
N GLU A 109 13.42 10.06 7.62
CA GLU A 109 14.75 10.43 8.11
C GLU A 109 15.25 11.69 7.41
N SER A 110 15.15 12.83 8.10
CA SER A 110 15.59 14.10 7.55
C SER A 110 17.05 14.39 7.91
N GLN A 111 17.88 14.56 6.89
CA GLN A 111 19.29 14.84 7.10
C GLN A 111 19.68 16.20 6.53
N VAL A 112 18.79 17.18 6.71
CA VAL A 112 19.03 18.53 6.20
C VAL A 112 19.29 19.50 7.35
N SER A 113 18.53 19.35 8.43
CA SER A 113 18.67 20.22 9.59
C SER A 113 19.60 19.60 10.62
N GLY A 114 20.70 19.04 10.14
CA GLY A 114 21.67 18.41 11.04
C GLY A 114 23.00 18.14 10.37
N PRO A 115 24.09 18.43 11.08
CA PRO A 115 25.45 18.21 10.57
C PRO A 115 25.80 16.74 10.44
N SER A 116 25.47 16.16 9.29
CA SER A 116 25.74 14.75 9.03
C SER A 116 26.90 14.58 8.04
N SER A 117 27.66 13.51 8.20
CA SER A 117 28.80 13.24 7.33
C SER A 117 28.35 12.46 6.08
N GLY A 118 29.26 12.36 5.11
CA GLY A 118 28.94 11.64 3.89
C GLY A 118 28.62 10.18 4.14
N GLY A 1 -31.30 -15.66 11.94
CA GLY A 1 -30.34 -15.99 10.90
C GLY A 1 -31.01 -16.55 9.65
N SER A 2 -31.14 -17.87 9.60
CA SER A 2 -31.76 -18.52 8.44
C SER A 2 -32.28 -19.91 8.83
N SER A 3 -33.45 -20.26 8.30
CA SER A 3 -34.06 -21.55 8.59
C SER A 3 -33.20 -22.69 8.06
N GLY A 4 -32.99 -23.71 8.90
CA GLY A 4 -32.18 -24.84 8.50
C GLY A 4 -30.75 -24.74 9.00
N SER A 5 -30.18 -25.87 9.38
CA SER A 5 -28.81 -25.91 9.88
C SER A 5 -27.86 -25.20 8.93
N SER A 6 -26.87 -24.51 9.48
CA SER A 6 -25.90 -23.78 8.67
C SER A 6 -24.49 -23.99 9.20
N GLY A 7 -23.59 -24.44 8.32
CA GLY A 7 -22.22 -24.68 8.72
C GLY A 7 -21.22 -24.07 7.76
N SER A 8 -20.35 -24.91 7.20
CA SER A 8 -19.34 -24.44 6.26
C SER A 8 -19.80 -24.65 4.82
N HIS A 9 -20.46 -23.63 4.27
CA HIS A 9 -20.96 -23.68 2.91
C HIS A 9 -20.30 -22.62 2.04
N ASP A 10 -19.15 -22.96 1.46
CA ASP A 10 -18.42 -22.04 0.61
C ASP A 10 -18.54 -22.43 -0.86
N SER A 11 -19.33 -21.66 -1.60
CA SER A 11 -19.54 -21.93 -3.02
C SER A 11 -19.02 -20.78 -3.88
N ARG A 12 -19.26 -19.56 -3.42
CA ARG A 12 -18.83 -18.37 -4.14
C ARG A 12 -17.42 -17.94 -3.70
N LEU A 13 -16.42 -18.67 -4.19
CA LEU A 13 -15.04 -18.38 -3.84
C LEU A 13 -14.41 -17.42 -4.86
N THR A 14 -14.00 -16.24 -4.39
CA THR A 14 -13.40 -15.24 -5.25
C THR A 14 -12.22 -15.82 -6.03
N ALA A 15 -12.27 -15.70 -7.35
CA ALA A 15 -11.22 -16.22 -8.21
C ALA A 15 -10.64 -15.11 -9.10
N GLY A 16 -11.49 -14.16 -9.48
CA GLY A 16 -11.06 -13.07 -10.33
C GLY A 16 -10.56 -11.89 -9.53
N VAL A 17 -9.90 -12.16 -8.41
CA VAL A 17 -9.36 -11.11 -7.55
C VAL A 17 -7.87 -10.90 -7.79
N PRO A 18 -7.42 -9.65 -7.68
CA PRO A 18 -6.01 -9.29 -7.87
C PRO A 18 -5.11 -9.83 -6.75
N ASP A 19 -4.22 -10.74 -7.09
CA ASP A 19 -3.30 -11.32 -6.13
C ASP A 19 -2.59 -10.23 -5.32
N THR A 20 -1.79 -10.65 -4.35
CA THR A 20 -1.06 -9.71 -3.52
C THR A 20 -0.02 -8.96 -4.32
N PRO A 21 0.00 -7.63 -4.17
CA PRO A 21 0.94 -6.76 -4.88
C PRO A 21 2.37 -6.93 -4.39
N THR A 22 3.34 -6.75 -5.29
CA THR A 22 4.75 -6.88 -4.94
C THR A 22 5.19 -5.77 -4.00
N ARG A 23 6.42 -5.87 -3.50
CA ARG A 23 6.96 -4.88 -2.59
C ARG A 23 6.69 -3.46 -3.10
N LEU A 24 7.00 -2.48 -2.27
CA LEU A 24 6.78 -1.07 -2.64
C LEU A 24 8.11 -0.32 -2.71
N VAL A 25 8.09 0.81 -3.41
CA VAL A 25 9.29 1.63 -3.55
C VAL A 25 9.04 3.06 -3.07
N PHE A 26 9.69 3.43 -1.97
CA PHE A 26 9.54 4.76 -1.41
C PHE A 26 10.65 5.69 -1.90
N SER A 27 10.28 6.92 -2.24
CA SER A 27 11.24 7.90 -2.73
C SER A 27 11.68 8.83 -1.60
N ALA A 28 10.74 9.24 -0.76
CA ALA A 28 11.04 10.11 0.35
C ALA A 28 11.55 11.47 -0.14
N LEU A 29 10.81 12.08 -1.05
CA LEU A 29 11.20 13.38 -1.60
C LEU A 29 11.66 14.33 -0.50
N GLY A 30 11.13 14.12 0.71
CA GLY A 30 11.51 14.96 1.83
C GLY A 30 11.03 14.41 3.15
N PRO A 31 11.11 15.24 4.22
CA PRO A 31 10.69 14.84 5.56
C PRO A 31 9.17 14.71 5.67
N THR A 32 8.45 15.46 4.84
CA THR A 32 6.99 15.42 4.84
C THR A 32 6.45 15.01 3.49
N SER A 33 7.31 14.40 2.68
CA SER A 33 6.92 13.94 1.35
C SER A 33 7.47 12.55 1.06
N LEU A 34 6.70 11.77 0.29
CA LEU A 34 7.11 10.41 -0.05
C LEU A 34 6.45 9.96 -1.36
N ARG A 35 6.98 8.89 -1.94
CA ARG A 35 6.45 8.35 -3.18
C ARG A 35 6.48 6.83 -3.18
N VAL A 36 5.32 6.21 -3.00
CA VAL A 36 5.21 4.76 -2.99
C VAL A 36 4.92 4.21 -4.38
N SER A 37 5.63 3.16 -4.76
CA SER A 37 5.45 2.55 -6.07
C SER A 37 5.40 1.03 -5.96
N TRP A 38 4.35 0.43 -6.51
CA TRP A 38 4.18 -1.02 -6.46
C TRP A 38 4.14 -1.61 -7.87
N GLN A 39 3.90 -2.91 -7.96
CA GLN A 39 3.83 -3.59 -9.25
C GLN A 39 2.42 -4.11 -9.51
N GLU A 40 2.16 -4.50 -10.76
CA GLU A 40 0.85 -5.02 -11.14
C GLU A 40 0.77 -6.52 -10.91
N PRO A 41 -0.02 -6.92 -9.88
CA PRO A 41 -0.21 -8.33 -9.53
C PRO A 41 -1.02 -9.08 -10.57
N ARG A 42 -1.11 -10.39 -10.41
CA ARG A 42 -1.86 -11.24 -11.34
C ARG A 42 -3.36 -11.10 -11.10
N CYS A 43 -4.09 -10.83 -12.18
CA CYS A 43 -5.54 -10.66 -12.09
C CYS A 43 -6.21 -11.11 -13.39
N GLU A 44 -7.03 -12.17 -13.29
CA GLU A 44 -7.73 -12.70 -14.45
C GLU A 44 -8.61 -11.64 -15.08
N ARG A 45 -9.00 -10.65 -14.29
CA ARG A 45 -9.85 -9.56 -14.77
C ARG A 45 -9.11 -8.23 -14.75
N PRO A 46 -9.56 -7.28 -15.58
CA PRO A 46 -8.95 -5.96 -15.67
C PRO A 46 -9.20 -5.11 -14.43
N LEU A 47 -8.12 -4.63 -13.82
CA LEU A 47 -8.23 -3.80 -12.62
C LEU A 47 -8.90 -2.48 -12.92
N GLN A 48 -9.50 -1.87 -11.91
CA GLN A 48 -10.18 -0.59 -12.07
C GLN A 48 -9.38 0.53 -11.41
N GLY A 49 -8.51 0.17 -10.48
CA GLY A 49 -7.70 1.17 -9.80
C GLY A 49 -6.76 0.55 -8.77
N TYR A 50 -6.51 1.27 -7.69
CA TYR A 50 -5.64 0.79 -6.64
C TYR A 50 -5.95 1.47 -5.31
N SER A 51 -5.44 0.91 -4.22
CA SER A 51 -5.67 1.45 -2.89
C SER A 51 -4.37 1.52 -2.09
N VAL A 52 -4.08 2.68 -1.53
CA VAL A 52 -2.87 2.88 -0.74
C VAL A 52 -3.19 3.51 0.61
N GLU A 53 -3.34 2.66 1.63
CA GLU A 53 -3.63 3.13 2.97
C GLU A 53 -2.38 3.14 3.85
N TYR A 54 -2.16 4.24 4.54
CA TYR A 54 -1.00 4.38 5.41
C TYR A 54 -1.38 5.01 6.75
N GLN A 55 -0.65 4.65 7.79
CA GLN A 55 -0.92 5.19 9.12
C GLN A 55 0.28 4.97 10.05
N LEU A 56 0.44 5.87 11.01
CA LEU A 56 1.55 5.78 11.96
C LEU A 56 1.84 4.32 12.32
N LEU A 57 3.04 3.87 12.00
CA LEU A 57 3.44 2.49 12.30
C LEU A 57 2.81 2.01 13.60
N ASN A 58 3.11 2.71 14.69
CA ASN A 58 2.57 2.34 16.00
C ASN A 58 1.06 2.46 16.01
N GLY A 59 0.56 3.57 15.47
CA GLY A 59 -0.89 3.79 15.43
C GLY A 59 -1.25 5.25 15.60
N GLY A 60 -2.20 5.72 14.80
CA GLY A 60 -2.63 7.10 14.88
C GLY A 60 -3.71 7.44 13.87
N GLU A 61 -3.35 8.22 12.86
CA GLU A 61 -4.31 8.61 11.82
C GLU A 61 -4.11 7.79 10.56
N LEU A 62 -5.19 7.21 10.07
CA LEU A 62 -5.14 6.39 8.86
C LEU A 62 -5.63 7.17 7.64
N HIS A 63 -4.82 7.19 6.59
CA HIS A 63 -5.17 7.91 5.36
C HIS A 63 -5.37 6.94 4.21
N ARG A 64 -6.58 6.91 3.65
CA ARG A 64 -6.89 6.03 2.54
C ARG A 64 -6.76 6.76 1.21
N LEU A 65 -5.89 6.25 0.34
CA LEU A 65 -5.67 6.86 -0.96
C LEU A 65 -6.22 5.97 -2.08
N ASN A 66 -7.13 6.53 -2.87
CA ASN A 66 -7.74 5.79 -3.97
C ASN A 66 -7.08 6.15 -5.30
N ILE A 67 -6.93 5.16 -6.17
CA ILE A 67 -6.31 5.38 -7.48
C ILE A 67 -7.33 5.17 -8.60
N PRO A 68 -7.82 6.28 -9.17
CA PRO A 68 -8.79 6.24 -10.27
C PRO A 68 -8.19 5.70 -11.56
N ASN A 69 -6.92 5.31 -11.50
CA ASN A 69 -6.23 4.78 -12.66
C ASN A 69 -5.48 3.50 -12.33
N PRO A 70 -5.88 2.38 -12.97
CA PRO A 70 -5.26 1.07 -12.75
C PRO A 70 -3.85 1.00 -13.30
N ALA A 71 -3.48 2.00 -14.10
CA ALA A 71 -2.15 2.05 -14.69
C ALA A 71 -1.15 2.69 -13.75
N GLN A 72 -1.61 3.64 -12.95
CA GLN A 72 -0.75 4.33 -12.00
C GLN A 72 -0.37 3.41 -10.85
N THR A 73 0.84 2.84 -10.92
CA THR A 73 1.32 1.94 -9.89
C THR A 73 2.23 2.67 -8.90
N SER A 74 1.96 3.95 -8.70
CA SER A 74 2.75 4.76 -7.77
C SER A 74 2.00 6.03 -7.39
N VAL A 75 2.12 6.42 -6.13
CA VAL A 75 1.45 7.62 -5.63
C VAL A 75 2.37 8.40 -4.69
N VAL A 76 2.22 9.73 -4.70
CA VAL A 76 3.03 10.58 -3.85
C VAL A 76 2.31 10.91 -2.54
N VAL A 77 2.91 10.53 -1.43
CA VAL A 77 2.32 10.79 -0.11
C VAL A 77 3.01 11.96 0.57
N GLU A 78 2.21 12.93 1.00
CA GLU A 78 2.74 14.11 1.68
C GLU A 78 1.96 14.40 2.96
N ASP A 79 2.30 15.50 3.62
CA ASP A 79 1.64 15.88 4.86
C ASP A 79 1.85 14.83 5.94
N LEU A 80 3.10 14.45 6.15
CA LEU A 80 3.44 13.44 7.15
C LEU A 80 4.20 14.07 8.32
N LEU A 81 4.55 13.26 9.30
CA LEU A 81 5.28 13.74 10.47
C LEU A 81 6.73 13.28 10.42
N PRO A 82 7.65 14.18 10.81
CA PRO A 82 9.09 13.89 10.82
C PRO A 82 9.47 12.89 11.91
N ASN A 83 10.49 12.09 11.64
CA ASN A 83 10.95 11.09 12.59
C ASN A 83 9.79 10.24 13.11
N HIS A 84 8.98 9.74 12.18
CA HIS A 84 7.83 8.90 12.53
C HIS A 84 7.64 7.79 11.50
N SER A 85 7.58 6.57 11.98
CA SER A 85 7.39 5.41 11.10
C SER A 85 5.96 5.34 10.59
N TYR A 86 5.79 4.82 9.38
CA TYR A 86 4.47 4.70 8.77
C TYR A 86 4.33 3.37 8.03
N VAL A 87 3.24 2.66 8.30
CA VAL A 87 2.99 1.38 7.66
C VAL A 87 2.13 1.55 6.41
N PHE A 88 2.78 1.49 5.25
CA PHE A 88 2.09 1.64 3.97
C PHE A 88 1.53 0.29 3.50
N ARG A 89 0.23 0.26 3.22
CA ARG A 89 -0.43 -0.95 2.76
C ARG A 89 -1.07 -0.73 1.39
N VAL A 90 -0.39 -1.17 0.34
CA VAL A 90 -0.90 -1.03 -1.02
C VAL A 90 -1.69 -2.26 -1.44
N ARG A 91 -2.78 -2.03 -2.17
CA ARG A 91 -3.63 -3.11 -2.63
C ARG A 91 -4.28 -2.77 -3.97
N ALA A 92 -4.78 -3.79 -4.66
CA ALA A 92 -5.43 -3.58 -5.95
C ALA A 92 -6.90 -4.00 -5.90
N GLN A 93 -7.65 -3.62 -6.93
CA GLN A 93 -9.07 -3.96 -7.00
C GLN A 93 -9.45 -4.38 -8.42
N SER A 94 -10.37 -5.35 -8.51
CA SER A 94 -10.82 -5.85 -9.81
C SER A 94 -12.34 -5.98 -9.83
N GLN A 95 -12.86 -6.44 -10.96
CA GLN A 95 -14.30 -6.62 -11.13
C GLN A 95 -14.88 -7.41 -9.96
N GLU A 96 -14.17 -8.47 -9.56
CA GLU A 96 -14.62 -9.32 -8.47
C GLU A 96 -14.67 -8.54 -7.16
N GLY A 97 -13.50 -8.15 -6.66
CA GLY A 97 -13.42 -7.40 -5.42
C GLY A 97 -12.00 -7.15 -4.98
N TRP A 98 -11.85 -6.57 -3.79
CA TRP A 98 -10.52 -6.26 -3.26
C TRP A 98 -9.80 -7.53 -2.83
N GLY A 99 -8.63 -7.77 -3.41
CA GLY A 99 -7.85 -8.95 -3.08
C GLY A 99 -6.94 -8.74 -1.89
N ARG A 100 -5.71 -9.22 -2.00
CA ARG A 100 -4.74 -9.07 -0.92
C ARG A 100 -4.01 -7.74 -1.02
N GLU A 101 -3.13 -7.48 -0.06
CA GLU A 101 -2.36 -6.24 -0.04
C GLU A 101 -0.94 -6.49 0.47
N ARG A 102 -0.07 -5.51 0.23
CA ARG A 102 1.33 -5.62 0.65
C ARG A 102 1.69 -4.52 1.65
N GLU A 103 2.43 -4.88 2.69
CA GLU A 103 2.83 -3.92 3.70
C GLU A 103 4.20 -3.33 3.38
N GLY A 104 4.42 -2.09 3.80
CA GLY A 104 5.68 -1.42 3.55
C GLY A 104 5.94 -0.28 4.51
N VAL A 105 6.56 -0.60 5.64
CA VAL A 105 6.87 0.41 6.65
C VAL A 105 8.01 1.32 6.19
N ILE A 106 7.92 2.59 6.57
CA ILE A 106 8.95 3.56 6.20
C ILE A 106 9.30 4.47 7.37
N THR A 107 10.53 4.95 7.40
CA THR A 107 10.99 5.83 8.47
C THR A 107 11.53 7.14 7.91
N ILE A 108 11.01 8.26 8.42
CA ILE A 108 11.44 9.57 7.97
C ILE A 108 12.75 9.98 8.63
N GLU A 109 13.85 9.88 7.88
CA GLU A 109 15.16 10.24 8.40
C GLU A 109 15.66 11.53 7.75
N SER A 110 15.54 12.64 8.48
CA SER A 110 15.99 13.93 7.97
C SER A 110 17.46 14.17 8.31
N GLN A 111 18.18 14.77 7.36
CA GLN A 111 19.60 15.06 7.55
C GLN A 111 20.02 16.27 6.73
N VAL A 112 20.64 17.24 7.40
CA VAL A 112 21.09 18.45 6.73
C VAL A 112 22.60 18.60 6.84
N SER A 113 23.13 18.38 8.04
CA SER A 113 24.57 18.50 8.28
C SER A 113 25.02 17.51 9.35
N GLY A 114 26.10 16.79 9.06
CA GLY A 114 26.63 15.82 10.00
C GLY A 114 27.92 15.20 9.54
N PRO A 115 28.79 14.83 10.49
CA PRO A 115 30.08 14.22 10.20
C PRO A 115 29.94 12.80 9.65
N SER A 116 30.91 12.38 8.84
CA SER A 116 30.89 11.05 8.24
C SER A 116 32.31 10.59 7.91
N SER A 117 32.76 9.54 8.60
CA SER A 117 34.08 8.99 8.37
C SER A 117 34.17 8.30 7.02
N GLY A 118 35.37 8.31 6.43
CA GLY A 118 35.56 7.69 5.14
C GLY A 118 36.36 6.41 5.22
N GLY A 1 -11.68 -30.47 25.73
CA GLY A 1 -10.76 -31.21 24.88
C GLY A 1 -10.67 -30.66 23.48
N SER A 2 -11.53 -31.16 22.60
CA SER A 2 -11.56 -30.70 21.21
C SER A 2 -12.25 -29.36 21.09
N SER A 3 -11.47 -28.31 20.79
CA SER A 3 -12.01 -26.97 20.65
C SER A 3 -12.92 -26.87 19.43
N GLY A 4 -12.47 -27.44 18.32
CA GLY A 4 -13.25 -27.41 17.09
C GLY A 4 -12.37 -27.42 15.85
N SER A 5 -13.00 -27.24 14.70
CA SER A 5 -12.28 -27.23 13.42
C SER A 5 -12.72 -26.06 12.55
N SER A 6 -11.86 -25.67 11.61
CA SER A 6 -12.15 -24.56 10.72
C SER A 6 -11.88 -24.94 9.26
N GLY A 7 -12.93 -25.31 8.55
CA GLY A 7 -12.79 -25.68 7.16
C GLY A 7 -14.12 -25.81 6.44
N SER A 8 -14.91 -24.73 6.48
CA SER A 8 -16.21 -24.72 5.84
C SER A 8 -16.11 -25.18 4.39
N HIS A 9 -17.19 -25.77 3.88
CA HIS A 9 -17.22 -26.25 2.51
C HIS A 9 -17.57 -25.12 1.54
N ASP A 10 -16.90 -23.98 1.70
CA ASP A 10 -17.14 -22.83 0.85
C ASP A 10 -16.74 -23.12 -0.59
N SER A 11 -17.59 -22.74 -1.53
CA SER A 11 -17.32 -22.97 -2.95
C SER A 11 -17.31 -21.65 -3.72
N ARG A 12 -18.31 -20.82 -3.47
CA ARG A 12 -18.42 -19.53 -4.14
C ARG A 12 -17.66 -18.45 -3.36
N LEU A 13 -16.36 -18.33 -3.63
CA LEU A 13 -15.52 -17.35 -2.96
C LEU A 13 -14.77 -16.49 -3.97
N THR A 14 -14.13 -15.43 -3.48
CA THR A 14 -13.38 -14.53 -4.34
C THR A 14 -12.43 -15.30 -5.25
N ALA A 15 -12.61 -15.12 -6.56
CA ALA A 15 -11.77 -15.81 -7.54
C ALA A 15 -11.11 -14.81 -8.48
N GLY A 16 -11.93 -13.94 -9.08
CA GLY A 16 -11.40 -12.95 -10.00
C GLY A 16 -10.82 -11.74 -9.29
N VAL A 17 -10.13 -11.99 -8.19
CA VAL A 17 -9.52 -10.92 -7.40
C VAL A 17 -8.01 -10.87 -7.64
N PRO A 18 -7.42 -9.67 -7.48
CA PRO A 18 -5.99 -9.45 -7.67
C PRO A 18 -5.16 -10.11 -6.57
N ASP A 19 -4.06 -10.73 -6.97
CA ASP A 19 -3.17 -11.41 -6.02
C ASP A 19 -2.33 -10.39 -5.26
N THR A 20 -1.84 -10.80 -4.09
CA THR A 20 -1.02 -9.92 -3.26
C THR A 20 0.04 -9.20 -4.08
N PRO A 21 0.09 -7.87 -3.95
CA PRO A 21 1.05 -7.04 -4.68
C PRO A 21 2.48 -7.24 -4.18
N THR A 22 3.45 -6.98 -5.06
CA THR A 22 4.85 -7.13 -4.70
C THR A 22 5.31 -5.99 -3.79
N ARG A 23 6.60 -6.01 -3.45
CA ARG A 23 7.17 -4.99 -2.58
C ARG A 23 6.90 -3.60 -3.14
N LEU A 24 6.92 -2.60 -2.26
CA LEU A 24 6.68 -1.22 -2.66
C LEU A 24 7.99 -0.45 -2.78
N VAL A 25 7.93 0.74 -3.37
CA VAL A 25 9.10 1.59 -3.54
C VAL A 25 8.86 2.99 -3.01
N PHE A 26 9.63 3.37 -1.99
CA PHE A 26 9.50 4.70 -1.39
C PHE A 26 10.63 5.62 -1.85
N SER A 27 10.27 6.85 -2.21
CA SER A 27 11.24 7.82 -2.68
C SER A 27 11.60 8.81 -1.56
N ALA A 28 10.61 9.14 -0.75
CA ALA A 28 10.82 10.08 0.36
C ALA A 28 11.27 11.44 -0.16
N LEU A 29 10.53 12.00 -1.10
CA LEU A 29 10.87 13.29 -1.67
C LEU A 29 11.36 14.26 -0.60
N GLY A 30 10.86 14.07 0.63
CA GLY A 30 11.27 14.92 1.72
C GLY A 30 10.82 14.38 3.07
N PRO A 31 10.91 15.22 4.11
CA PRO A 31 10.52 14.84 5.47
C PRO A 31 9.02 14.66 5.62
N THR A 32 8.26 15.36 4.78
CA THR A 32 6.80 15.28 4.82
C THR A 32 6.24 14.85 3.47
N SER A 33 7.09 14.23 2.65
CA SER A 33 6.68 13.76 1.33
C SER A 33 7.24 12.37 1.05
N LEU A 34 6.51 11.59 0.26
CA LEU A 34 6.93 10.24 -0.09
C LEU A 34 6.30 9.79 -1.40
N ARG A 35 6.80 8.69 -1.96
CA ARG A 35 6.28 8.16 -3.21
C ARG A 35 6.29 6.63 -3.20
N VAL A 36 5.12 6.04 -3.04
CA VAL A 36 4.99 4.59 -3.01
C VAL A 36 4.65 4.04 -4.40
N SER A 37 5.41 3.05 -4.85
CA SER A 37 5.18 2.44 -6.14
C SER A 37 5.18 0.92 -6.04
N TRP A 38 4.16 0.30 -6.62
CA TRP A 38 4.04 -1.15 -6.61
C TRP A 38 4.08 -1.73 -8.01
N GLN A 39 3.88 -3.04 -8.12
CA GLN A 39 3.89 -3.71 -9.41
C GLN A 39 2.53 -4.35 -9.71
N GLU A 40 1.96 -4.00 -10.86
CA GLU A 40 0.67 -4.54 -11.27
C GLU A 40 0.61 -6.05 -11.05
N PRO A 41 -0.11 -6.47 -10.00
CA PRO A 41 -0.25 -7.89 -9.66
C PRO A 41 -1.12 -8.63 -10.67
N ARG A 42 -1.14 -9.96 -10.56
CA ARG A 42 -1.93 -10.79 -11.46
C ARG A 42 -3.41 -10.79 -11.06
N CYS A 43 -4.28 -10.94 -12.05
CA CYS A 43 -5.72 -10.95 -11.79
C CYS A 43 -6.49 -11.34 -13.06
N GLU A 44 -7.23 -12.43 -12.98
CA GLU A 44 -8.02 -12.89 -14.12
C GLU A 44 -8.75 -11.74 -14.80
N ARG A 45 -9.21 -10.80 -13.97
CA ARG A 45 -9.93 -9.63 -14.49
C ARG A 45 -9.04 -8.38 -14.45
N PRO A 46 -9.33 -7.44 -15.35
CA PRO A 46 -8.58 -6.17 -15.45
C PRO A 46 -8.83 -5.26 -14.26
N LEU A 47 -7.77 -4.86 -13.58
CA LEU A 47 -7.87 -3.99 -12.42
C LEU A 47 -8.58 -2.69 -12.79
N GLN A 48 -9.30 -2.12 -11.83
CA GLN A 48 -10.02 -0.87 -12.04
C GLN A 48 -9.28 0.30 -11.42
N GLY A 49 -8.44 0.02 -10.44
CA GLY A 49 -7.68 1.06 -9.77
C GLY A 49 -6.72 0.51 -8.74
N TYR A 50 -6.44 1.31 -7.71
CA TYR A 50 -5.52 0.89 -6.66
C TYR A 50 -5.83 1.62 -5.35
N SER A 51 -5.23 1.15 -4.26
CA SER A 51 -5.45 1.75 -2.94
C SER A 51 -4.14 1.79 -2.16
N VAL A 52 -3.87 2.94 -1.55
CA VAL A 52 -2.65 3.11 -0.75
C VAL A 52 -2.98 3.64 0.63
N GLU A 53 -3.08 2.74 1.60
CA GLU A 53 -3.38 3.12 2.97
C GLU A 53 -2.11 3.21 3.81
N TYR A 54 -1.99 4.30 4.57
CA TYR A 54 -0.82 4.51 5.42
C TYR A 54 -1.22 5.08 6.78
N GLN A 55 -0.54 4.63 7.83
CA GLN A 55 -0.83 5.10 9.18
C GLN A 55 0.40 4.94 10.08
N LEU A 56 0.45 5.74 11.14
CA LEU A 56 1.56 5.68 12.08
C LEU A 56 1.90 4.24 12.45
N LEU A 57 3.12 3.83 12.10
CA LEU A 57 3.57 2.46 12.39
C LEU A 57 3.02 1.98 13.73
N ASN A 58 3.35 2.71 14.79
CA ASN A 58 2.89 2.36 16.13
C ASN A 58 1.37 2.45 16.22
N GLY A 59 0.81 3.55 15.71
CA GLY A 59 -0.63 3.74 15.74
C GLY A 59 -1.02 5.20 15.71
N GLY A 60 -2.15 5.49 15.08
CA GLY A 60 -2.62 6.87 14.99
C GLY A 60 -3.73 7.04 13.97
N GLU A 61 -3.52 7.92 13.00
CA GLU A 61 -4.52 8.17 11.97
C GLU A 61 -4.26 7.30 10.74
N LEU A 62 -5.33 6.92 10.05
CA LEU A 62 -5.22 6.10 8.86
C LEU A 62 -5.71 6.86 7.63
N HIS A 63 -4.82 7.08 6.67
CA HIS A 63 -5.16 7.78 5.45
C HIS A 63 -5.33 6.81 4.29
N ARG A 64 -6.54 6.78 3.72
CA ARG A 64 -6.83 5.89 2.60
C ARG A 64 -6.77 6.64 1.28
N LEU A 65 -5.89 6.19 0.40
CA LEU A 65 -5.73 6.81 -0.91
C LEU A 65 -6.25 5.91 -2.03
N ASN A 66 -7.04 6.48 -2.92
CA ASN A 66 -7.60 5.72 -4.04
C ASN A 66 -6.98 6.14 -5.36
N ILE A 67 -6.85 5.19 -6.28
CA ILE A 67 -6.26 5.46 -7.58
C ILE A 67 -7.26 5.20 -8.70
N PRO A 68 -7.76 6.30 -9.31
CA PRO A 68 -8.74 6.21 -10.40
C PRO A 68 -8.12 5.67 -11.68
N ASN A 69 -6.85 5.28 -11.61
CA ASN A 69 -6.15 4.73 -12.76
C ASN A 69 -5.47 3.42 -12.41
N PRO A 70 -5.92 2.33 -13.04
CA PRO A 70 -5.36 0.99 -12.81
C PRO A 70 -3.95 0.85 -13.38
N ALA A 71 -3.52 1.84 -14.14
CA ALA A 71 -2.19 1.83 -14.73
C ALA A 71 -1.18 2.54 -13.83
N GLN A 72 -1.66 3.51 -13.07
CA GLN A 72 -0.80 4.27 -12.16
C GLN A 72 -0.39 3.42 -10.96
N THR A 73 0.83 2.87 -11.02
CA THR A 73 1.34 2.04 -9.94
C THR A 73 2.27 2.83 -9.04
N SER A 74 2.00 4.12 -8.88
CA SER A 74 2.82 4.99 -8.04
C SER A 74 2.02 6.19 -7.57
N VAL A 75 2.11 6.48 -6.27
CA VAL A 75 1.39 7.61 -5.69
C VAL A 75 2.27 8.35 -4.69
N VAL A 76 2.26 9.68 -4.78
CA VAL A 76 3.05 10.52 -3.89
C VAL A 76 2.27 10.86 -2.62
N VAL A 77 2.82 10.45 -1.48
CA VAL A 77 2.18 10.71 -0.19
C VAL A 77 2.79 11.93 0.49
N GLU A 78 1.94 12.86 0.92
CA GLU A 78 2.40 14.07 1.59
C GLU A 78 1.64 14.29 2.88
N ASP A 79 1.97 15.39 3.57
CA ASP A 79 1.31 15.73 4.83
C ASP A 79 1.57 14.65 5.88
N LEU A 80 2.84 14.34 6.10
CA LEU A 80 3.22 13.34 7.08
C LEU A 80 3.96 13.97 8.26
N LEU A 81 4.31 13.15 9.24
CA LEU A 81 5.01 13.63 10.42
C LEU A 81 6.48 13.19 10.40
N PRO A 82 7.37 14.11 10.79
CA PRO A 82 8.82 13.84 10.82
C PRO A 82 9.20 12.86 11.93
N ASN A 83 10.27 12.11 11.70
CA ASN A 83 10.74 11.13 12.67
C ASN A 83 9.59 10.24 13.13
N HIS A 84 8.71 9.90 12.22
CA HIS A 84 7.56 9.04 12.54
C HIS A 84 7.35 8.00 11.45
N SER A 85 7.46 6.73 11.83
CA SER A 85 7.28 5.63 10.88
C SER A 85 5.83 5.55 10.42
N TYR A 86 5.62 4.95 9.24
CA TYR A 86 4.28 4.81 8.69
C TYR A 86 4.16 3.51 7.89
N VAL A 87 3.21 2.67 8.28
CA VAL A 87 2.99 1.39 7.60
C VAL A 87 2.15 1.59 6.34
N PHE A 88 2.82 1.52 5.19
CA PHE A 88 2.14 1.68 3.91
C PHE A 88 1.67 0.33 3.36
N ARG A 89 0.36 0.15 3.29
CA ARG A 89 -0.21 -1.10 2.79
C ARG A 89 -0.92 -0.88 1.46
N VAL A 90 -0.24 -1.21 0.37
CA VAL A 90 -0.80 -1.05 -0.97
C VAL A 90 -1.70 -2.22 -1.33
N ARG A 91 -2.86 -1.91 -1.92
CA ARG A 91 -3.81 -2.94 -2.31
C ARG A 91 -4.36 -2.66 -3.70
N ALA A 92 -4.90 -3.70 -4.34
CA ALA A 92 -5.46 -3.57 -5.68
C ALA A 92 -6.93 -4.00 -5.70
N GLN A 93 -7.68 -3.48 -6.67
CA GLN A 93 -9.09 -3.80 -6.80
C GLN A 93 -9.41 -4.28 -8.21
N SER A 94 -10.40 -5.16 -8.32
CA SER A 94 -10.81 -5.70 -9.62
C SER A 94 -12.31 -5.89 -9.69
N GLN A 95 -12.83 -6.09 -10.90
CA GLN A 95 -14.26 -6.28 -11.10
C GLN A 95 -14.88 -7.03 -9.92
N GLU A 96 -14.20 -8.08 -9.47
CA GLU A 96 -14.68 -8.88 -8.36
C GLU A 96 -14.70 -8.07 -7.07
N GLY A 97 -13.53 -7.60 -6.66
CA GLY A 97 -13.43 -6.81 -5.44
C GLY A 97 -11.99 -6.53 -5.05
N TRP A 98 -11.80 -6.08 -3.82
CA TRP A 98 -10.45 -5.78 -3.32
C TRP A 98 -9.71 -7.06 -2.95
N GLY A 99 -8.52 -7.22 -3.53
CA GLY A 99 -7.72 -8.40 -3.25
C GLY A 99 -6.84 -8.23 -2.04
N ARG A 100 -5.64 -8.80 -2.10
CA ARG A 100 -4.69 -8.72 -0.99
C ARG A 100 -3.88 -7.43 -1.07
N GLU A 101 -3.11 -7.16 -0.02
CA GLU A 101 -2.28 -5.95 0.02
C GLU A 101 -0.87 -6.29 0.50
N ARG A 102 0.08 -5.42 0.16
CA ARG A 102 1.47 -5.61 0.56
C ARG A 102 1.89 -4.61 1.62
N GLU A 103 2.53 -5.09 2.68
CA GLU A 103 2.98 -4.22 3.75
C GLU A 103 4.30 -3.54 3.40
N GLY A 104 4.39 -2.25 3.69
CA GLY A 104 5.60 -1.50 3.40
C GLY A 104 5.84 -0.38 4.38
N VAL A 105 6.44 -0.71 5.52
CA VAL A 105 6.74 0.28 6.54
C VAL A 105 7.88 1.20 6.12
N ILE A 106 7.83 2.44 6.57
CA ILE A 106 8.86 3.42 6.24
C ILE A 106 9.14 4.34 7.42
N THR A 107 10.39 4.79 7.52
CA THR A 107 10.80 5.68 8.60
C THR A 107 11.38 6.98 8.06
N ILE A 108 10.79 8.10 8.46
CA ILE A 108 11.25 9.40 8.02
C ILE A 108 12.56 9.79 8.70
N GLU A 109 13.63 9.88 7.93
CA GLU A 109 14.94 10.24 8.46
C GLU A 109 15.45 11.53 7.82
N SER A 110 15.46 12.60 8.60
CA SER A 110 15.93 13.90 8.11
C SER A 110 17.24 14.29 8.79
N GLN A 111 17.21 14.36 10.12
CA GLN A 111 18.38 14.74 10.90
C GLN A 111 19.03 13.52 11.53
N VAL A 112 19.11 12.43 10.76
CA VAL A 112 19.71 11.20 11.26
C VAL A 112 20.66 10.60 10.23
N SER A 113 21.95 10.56 10.56
CA SER A 113 22.96 10.02 9.67
C SER A 113 23.79 8.95 10.37
N GLY A 114 23.61 7.70 9.96
CA GLY A 114 24.37 6.61 10.56
C GLY A 114 23.53 5.36 10.74
N PRO A 115 24.20 4.23 11.00
CA PRO A 115 23.53 2.94 11.19
C PRO A 115 22.72 2.88 12.49
N SER A 116 21.41 3.11 12.36
CA SER A 116 20.53 3.09 13.53
C SER A 116 20.26 1.66 13.98
N SER A 117 19.94 1.51 15.26
CA SER A 117 19.65 0.18 15.83
C SER A 117 18.50 -0.48 15.08
N GLY A 118 17.38 0.22 14.98
CA GLY A 118 16.22 -0.31 14.31
C GLY A 118 14.93 0.32 14.77
N GLY A 1 -32.09 -39.00 -4.61
CA GLY A 1 -31.02 -39.89 -4.16
C GLY A 1 -30.51 -39.52 -2.79
N SER A 2 -29.46 -40.20 -2.34
CA SER A 2 -28.87 -39.94 -1.03
C SER A 2 -27.37 -39.70 -1.15
N SER A 3 -26.87 -39.71 -2.38
CA SER A 3 -25.45 -39.50 -2.63
C SER A 3 -25.23 -38.79 -3.97
N GLY A 4 -24.24 -37.90 -4.00
CA GLY A 4 -23.95 -37.16 -5.22
C GLY A 4 -23.24 -35.85 -4.95
N SER A 5 -23.98 -34.75 -5.04
CA SER A 5 -23.42 -33.42 -4.79
C SER A 5 -23.67 -32.97 -3.37
N SER A 6 -22.84 -32.06 -2.88
CA SER A 6 -22.98 -31.54 -1.52
C SER A 6 -23.82 -30.27 -1.51
N GLY A 7 -24.20 -29.83 -0.31
CA GLY A 7 -25.00 -28.63 -0.18
C GLY A 7 -24.23 -27.49 0.46
N SER A 8 -24.96 -26.55 1.07
CA SER A 8 -24.34 -25.41 1.73
C SER A 8 -23.29 -24.77 0.82
N HIS A 9 -23.65 -24.60 -0.45
CA HIS A 9 -22.74 -23.99 -1.42
C HIS A 9 -22.63 -22.48 -1.20
N ASP A 10 -21.63 -22.06 -0.44
CA ASP A 10 -21.42 -20.65 -0.16
C ASP A 10 -21.49 -19.82 -1.44
N SER A 11 -22.39 -18.84 -1.46
CA SER A 11 -22.55 -17.98 -2.63
C SER A 11 -21.53 -16.86 -2.62
N ARG A 12 -20.73 -16.80 -1.56
CA ARG A 12 -19.70 -15.77 -1.43
C ARG A 12 -18.31 -16.34 -1.70
N LEU A 13 -17.87 -16.24 -2.94
CA LEU A 13 -16.56 -16.74 -3.32
C LEU A 13 -15.90 -15.83 -4.36
N THR A 14 -14.63 -15.54 -4.16
CA THR A 14 -13.88 -14.67 -5.06
C THR A 14 -12.74 -15.44 -5.73
N ALA A 15 -12.67 -15.34 -7.06
CA ALA A 15 -11.63 -16.01 -7.82
C ALA A 15 -10.89 -15.04 -8.73
N GLY A 16 -11.64 -14.12 -9.33
CA GLY A 16 -11.04 -13.14 -10.22
C GLY A 16 -10.47 -11.95 -9.48
N VAL A 17 -9.91 -12.20 -8.29
CA VAL A 17 -9.33 -11.14 -7.48
C VAL A 17 -7.83 -11.03 -7.71
N PRO A 18 -7.30 -9.81 -7.57
CA PRO A 18 -5.87 -9.54 -7.76
C PRO A 18 -5.02 -10.14 -6.65
N ASP A 19 -3.94 -10.81 -7.04
CA ASP A 19 -3.04 -11.43 -6.07
C ASP A 19 -2.20 -10.37 -5.35
N THR A 20 -1.72 -10.73 -4.16
CA THR A 20 -0.91 -9.81 -3.37
C THR A 20 0.19 -9.18 -4.21
N PRO A 21 0.26 -7.84 -4.17
CA PRO A 21 1.26 -7.07 -4.93
C PRO A 21 2.67 -7.27 -4.38
N THR A 22 3.67 -6.99 -5.22
CA THR A 22 5.06 -7.13 -4.81
C THR A 22 5.49 -5.99 -3.89
N ARG A 23 6.71 -6.08 -3.39
CA ARG A 23 7.24 -5.05 -2.49
C ARG A 23 6.97 -3.64 -3.05
N LEU A 24 6.97 -2.66 -2.16
CA LEU A 24 6.72 -1.28 -2.56
C LEU A 24 8.03 -0.50 -2.66
N VAL A 25 7.97 0.66 -3.32
CA VAL A 25 9.15 1.50 -3.49
C VAL A 25 8.90 2.91 -2.93
N PHE A 26 9.65 3.26 -1.89
CA PHE A 26 9.51 4.58 -1.27
C PHE A 26 10.63 5.51 -1.74
N SER A 27 10.25 6.72 -2.15
CA SER A 27 11.21 7.70 -2.62
C SER A 27 11.60 8.66 -1.50
N ALA A 28 10.63 9.02 -0.67
CA ALA A 28 10.87 9.93 0.45
C ALA A 28 11.39 11.27 -0.05
N LEU A 29 10.71 11.86 -1.02
CA LEU A 29 11.13 13.14 -1.58
C LEU A 29 11.57 14.10 -0.48
N GLY A 30 11.08 13.86 0.73
CA GLY A 30 11.44 14.71 1.86
C GLY A 30 10.91 14.19 3.17
N PRO A 31 10.99 15.02 4.23
CA PRO A 31 10.51 14.66 5.57
C PRO A 31 9.00 14.56 5.64
N THR A 32 8.32 15.31 4.76
CA THR A 32 6.86 15.30 4.73
C THR A 32 6.34 14.89 3.36
N SER A 33 7.20 14.21 2.60
CA SER A 33 6.82 13.76 1.26
C SER A 33 7.34 12.34 1.00
N LEU A 34 6.60 11.58 0.19
CA LEU A 34 6.99 10.22 -0.13
C LEU A 34 6.38 9.78 -1.46
N ARG A 35 6.86 8.65 -1.99
CA ARG A 35 6.35 8.13 -3.24
C ARG A 35 6.37 6.61 -3.25
N VAL A 36 5.20 6.00 -3.10
CA VAL A 36 5.07 4.55 -3.08
C VAL A 36 4.75 4.01 -4.47
N SER A 37 5.49 3.00 -4.90
CA SER A 37 5.29 2.40 -6.21
C SER A 37 5.26 0.88 -6.11
N TRP A 38 4.18 0.28 -6.62
CA TRP A 38 4.02 -1.17 -6.58
C TRP A 38 4.07 -1.75 -7.99
N GLN A 39 3.95 -3.07 -8.08
CA GLN A 39 3.97 -3.76 -9.36
C GLN A 39 2.62 -4.39 -9.68
N GLU A 40 2.05 -4.04 -10.83
CA GLU A 40 0.76 -4.57 -11.25
C GLU A 40 0.71 -6.08 -11.04
N PRO A 41 -0.03 -6.52 -10.01
CA PRO A 41 -0.17 -7.94 -9.69
C PRO A 41 -1.01 -8.69 -10.73
N ARG A 42 -1.02 -10.01 -10.64
CA ARG A 42 -1.78 -10.84 -11.56
C ARG A 42 -3.26 -10.87 -11.18
N CYS A 43 -4.12 -10.72 -12.17
CA CYS A 43 -5.56 -10.72 -11.95
C CYS A 43 -6.31 -11.09 -13.22
N GLU A 44 -7.03 -12.20 -13.19
CA GLU A 44 -7.79 -12.66 -14.34
C GLU A 44 -8.62 -11.52 -14.94
N ARG A 45 -9.03 -10.59 -14.07
CA ARG A 45 -9.83 -9.45 -14.51
C ARG A 45 -9.00 -8.17 -14.49
N PRO A 46 -9.38 -7.21 -15.35
CA PRO A 46 -8.68 -5.93 -15.45
C PRO A 46 -8.92 -5.05 -14.23
N LEU A 47 -7.83 -4.57 -13.62
CA LEU A 47 -7.91 -3.72 -12.45
C LEU A 47 -8.58 -2.40 -12.78
N GLN A 48 -9.31 -1.85 -11.82
CA GLN A 48 -10.00 -0.58 -12.01
C GLN A 48 -9.29 0.55 -11.27
N GLY A 49 -8.41 0.18 -10.34
CA GLY A 49 -7.67 1.16 -9.58
C GLY A 49 -6.79 0.55 -8.52
N TYR A 50 -6.33 1.37 -7.59
CA TYR A 50 -5.47 0.89 -6.51
C TYR A 50 -5.79 1.60 -5.20
N SER A 51 -5.27 1.06 -4.10
CA SER A 51 -5.51 1.63 -2.78
C SER A 51 -4.21 1.71 -1.97
N VAL A 52 -3.85 2.92 -1.56
CA VAL A 52 -2.63 3.13 -0.78
C VAL A 52 -2.96 3.66 0.62
N GLU A 53 -3.07 2.74 1.57
CA GLU A 53 -3.38 3.11 2.95
C GLU A 53 -2.10 3.26 3.77
N TYR A 54 -2.03 4.32 4.56
CA TYR A 54 -0.86 4.58 5.39
C TYR A 54 -1.28 5.13 6.76
N GLN A 55 -0.55 4.73 7.80
CA GLN A 55 -0.84 5.17 9.15
C GLN A 55 0.39 5.00 10.05
N LEU A 56 0.45 5.81 11.10
CA LEU A 56 1.56 5.75 12.04
C LEU A 56 1.79 4.32 12.51
N LEU A 57 2.97 3.78 12.18
CA LEU A 57 3.32 2.41 12.56
C LEU A 57 3.04 2.18 14.05
N ASN A 58 3.23 3.23 14.84
CA ASN A 58 3.00 3.13 16.29
C ASN A 58 1.51 3.00 16.59
N GLY A 59 0.71 3.87 15.99
CA GLY A 59 -0.72 3.84 16.20
C GLY A 59 -1.35 5.22 16.18
N GLY A 60 -1.82 5.64 15.02
CA GLY A 60 -2.44 6.95 14.89
C GLY A 60 -3.62 6.95 13.95
N GLU A 61 -3.67 7.93 13.07
CA GLU A 61 -4.77 8.04 12.11
C GLU A 61 -4.47 7.25 10.84
N LEU A 62 -5.52 6.82 10.14
CA LEU A 62 -5.36 6.04 8.91
C LEU A 62 -5.87 6.83 7.72
N HIS A 63 -5.02 6.98 6.70
CA HIS A 63 -5.40 7.70 5.49
C HIS A 63 -5.47 6.76 4.30
N ARG A 64 -6.66 6.67 3.70
CA ARG A 64 -6.87 5.79 2.55
C ARG A 64 -6.81 6.59 1.25
N LEU A 65 -5.89 6.21 0.37
CA LEU A 65 -5.72 6.89 -0.91
C LEU A 65 -6.21 6.00 -2.05
N ASN A 66 -7.18 6.50 -2.80
CA ASN A 66 -7.74 5.76 -3.93
C ASN A 66 -7.12 6.24 -5.25
N ILE A 67 -6.89 5.29 -6.16
CA ILE A 67 -6.30 5.60 -7.45
C ILE A 67 -7.30 5.38 -8.58
N PRO A 68 -7.76 6.49 -9.19
CA PRO A 68 -8.73 6.43 -10.29
C PRO A 68 -8.12 5.86 -11.57
N ASN A 69 -6.86 5.46 -11.49
CA ASN A 69 -6.16 4.89 -12.64
C ASN A 69 -5.56 3.53 -12.30
N PRO A 70 -6.08 2.47 -12.93
CA PRO A 70 -5.62 1.10 -12.70
C PRO A 70 -4.21 0.87 -13.27
N ALA A 71 -3.72 1.85 -14.01
CA ALA A 71 -2.38 1.75 -14.61
C ALA A 71 -1.34 2.46 -13.74
N GLN A 72 -1.79 3.44 -12.97
CA GLN A 72 -0.90 4.20 -12.10
C GLN A 72 -0.49 3.37 -10.88
N THR A 73 0.72 2.81 -10.94
CA THR A 73 1.23 2.00 -9.85
C THR A 73 2.21 2.79 -8.98
N SER A 74 1.99 4.09 -8.90
CA SER A 74 2.85 4.96 -8.10
C SER A 74 2.09 6.19 -7.63
N VAL A 75 2.16 6.47 -6.32
CA VAL A 75 1.48 7.62 -5.75
C VAL A 75 2.38 8.36 -4.76
N VAL A 76 2.32 9.68 -4.79
CA VAL A 76 3.12 10.51 -3.90
C VAL A 76 2.35 10.88 -2.64
N VAL A 77 2.88 10.48 -1.49
CA VAL A 77 2.25 10.76 -0.21
C VAL A 77 2.92 11.94 0.49
N GLU A 78 2.14 12.95 0.83
CA GLU A 78 2.66 14.12 1.51
C GLU A 78 1.86 14.44 2.77
N ASP A 79 2.23 15.52 3.45
CA ASP A 79 1.54 15.92 4.68
C ASP A 79 1.74 14.88 5.77
N LEU A 80 2.99 14.48 5.98
CA LEU A 80 3.31 13.48 7.00
C LEU A 80 4.09 14.12 8.15
N LEU A 81 4.50 13.29 9.11
CA LEU A 81 5.25 13.78 10.27
C LEU A 81 6.70 13.32 10.20
N PRO A 82 7.63 14.20 10.59
CA PRO A 82 9.06 13.90 10.58
C PRO A 82 9.44 12.88 11.65
N ASN A 83 10.50 12.13 11.38
CA ASN A 83 10.98 11.12 12.32
C ASN A 83 9.82 10.26 12.82
N HIS A 84 8.95 9.86 11.89
CA HIS A 84 7.80 9.03 12.24
C HIS A 84 7.62 7.90 11.23
N SER A 85 7.36 6.70 11.72
CA SER A 85 7.17 5.54 10.86
C SER A 85 5.73 5.43 10.39
N TYR A 86 5.53 4.97 9.16
CA TYR A 86 4.20 4.83 8.60
C TYR A 86 4.09 3.53 7.81
N VAL A 87 3.14 2.69 8.20
CA VAL A 87 2.92 1.42 7.52
C VAL A 87 2.09 1.60 6.24
N PHE A 88 2.77 1.57 5.11
CA PHE A 88 2.10 1.73 3.82
C PHE A 88 1.64 0.38 3.26
N ARG A 89 0.33 0.18 3.20
CA ARG A 89 -0.23 -1.06 2.69
C ARG A 89 -0.93 -0.83 1.35
N VAL A 90 -0.28 -1.25 0.27
CA VAL A 90 -0.84 -1.09 -1.06
C VAL A 90 -1.75 -2.26 -1.42
N ARG A 91 -2.90 -1.95 -2.01
CA ARG A 91 -3.86 -2.98 -2.39
C ARG A 91 -4.44 -2.69 -3.77
N ALA A 92 -4.92 -3.73 -4.43
CA ALA A 92 -5.51 -3.59 -5.77
C ALA A 92 -6.98 -3.95 -5.76
N GLN A 93 -7.72 -3.40 -6.71
CA GLN A 93 -9.16 -3.66 -6.81
C GLN A 93 -9.53 -4.12 -8.22
N SER A 94 -10.44 -5.08 -8.31
CA SER A 94 -10.87 -5.61 -9.60
C SER A 94 -12.38 -5.76 -9.63
N GLN A 95 -12.90 -6.18 -10.79
CA GLN A 95 -14.34 -6.38 -10.95
C GLN A 95 -14.92 -7.20 -9.82
N GLU A 96 -14.17 -8.22 -9.39
CA GLU A 96 -14.61 -9.09 -8.31
C GLU A 96 -14.61 -8.33 -6.97
N GLY A 97 -13.43 -8.01 -6.49
CA GLY A 97 -13.31 -7.30 -5.23
C GLY A 97 -11.87 -7.08 -4.81
N TRP A 98 -11.67 -6.42 -3.68
CA TRP A 98 -10.34 -6.14 -3.18
C TRP A 98 -9.59 -7.43 -2.84
N GLY A 99 -8.44 -7.62 -3.46
CA GLY A 99 -7.66 -8.82 -3.22
C GLY A 99 -6.75 -8.68 -2.01
N ARG A 100 -5.48 -9.00 -2.19
CA ARG A 100 -4.50 -8.92 -1.11
C ARG A 100 -3.75 -7.59 -1.17
N GLU A 101 -3.03 -7.29 -0.09
CA GLU A 101 -2.26 -6.05 -0.01
C GLU A 101 -0.88 -6.31 0.60
N ARG A 102 0.13 -5.62 0.07
CA ARG A 102 1.49 -5.77 0.57
C ARG A 102 1.78 -4.77 1.68
N GLU A 103 2.63 -5.17 2.62
CA GLU A 103 2.99 -4.30 3.74
C GLU A 103 4.35 -3.64 3.50
N GLY A 104 4.46 -2.37 3.88
CA GLY A 104 5.71 -1.66 3.70
C GLY A 104 5.77 -0.39 4.54
N VAL A 105 6.40 -0.47 5.70
CA VAL A 105 6.54 0.67 6.59
C VAL A 105 7.81 1.44 6.31
N ILE A 106 7.72 2.77 6.33
CA ILE A 106 8.87 3.63 6.09
C ILE A 106 9.12 4.57 7.26
N THR A 107 10.38 4.87 7.51
CA THR A 107 10.76 5.76 8.60
C THR A 107 11.38 7.05 8.08
N ILE A 108 10.68 8.17 8.27
CA ILE A 108 11.16 9.46 7.81
C ILE A 108 12.50 9.81 8.46
N GLU A 109 13.56 9.85 7.64
CA GLU A 109 14.89 10.17 8.14
C GLU A 109 15.39 11.47 7.53
N SER A 110 15.32 12.55 8.31
CA SER A 110 15.76 13.85 7.84
C SER A 110 16.80 14.45 8.78
N GLN A 111 17.99 14.72 8.26
CA GLN A 111 19.07 15.29 9.06
C GLN A 111 18.53 16.35 10.01
N VAL A 112 18.71 16.12 11.31
CA VAL A 112 18.24 17.05 12.33
C VAL A 112 19.34 18.03 12.71
N SER A 113 20.57 17.72 12.32
CA SER A 113 21.72 18.57 12.62
C SER A 113 22.40 19.04 11.34
N GLY A 114 23.28 20.02 11.47
CA GLY A 114 24.00 20.54 10.32
C GLY A 114 25.16 19.65 9.90
N PRO A 115 25.66 19.86 8.69
CA PRO A 115 26.79 19.08 8.14
C PRO A 115 28.10 19.42 8.84
N SER A 116 28.10 20.48 9.63
CA SER A 116 29.29 20.90 10.35
C SER A 116 29.74 19.83 11.34
N SER A 117 30.66 18.98 10.89
CA SER A 117 31.16 17.90 11.72
C SER A 117 32.65 18.10 12.02
N GLY A 118 33.01 18.00 13.31
CA GLY A 118 34.39 18.17 13.69
C GLY A 118 34.58 19.32 14.67
N GLY A 1 -20.68 -29.20 26.13
CA GLY A 1 -21.50 -28.74 25.03
C GLY A 1 -21.70 -27.24 25.06
N SER A 2 -20.88 -26.51 24.29
CA SER A 2 -20.98 -25.06 24.24
C SER A 2 -20.30 -24.52 22.98
N SER A 3 -20.82 -23.41 22.47
CA SER A 3 -20.27 -22.79 21.27
C SER A 3 -19.96 -21.31 21.51
N GLY A 4 -19.10 -20.75 20.68
CA GLY A 4 -18.74 -19.35 20.80
C GLY A 4 -18.51 -18.68 19.46
N SER A 5 -17.60 -17.72 19.43
CA SER A 5 -17.30 -16.99 18.20
C SER A 5 -17.13 -17.95 17.03
N SER A 6 -17.73 -17.59 15.90
CA SER A 6 -17.65 -18.43 14.70
C SER A 6 -16.21 -18.58 14.24
N GLY A 7 -16.00 -19.51 13.31
CA GLY A 7 -14.65 -19.75 12.80
C GLY A 7 -14.48 -19.26 11.38
N SER A 8 -13.96 -20.12 10.51
CA SER A 8 -13.75 -19.75 9.12
C SER A 8 -15.00 -19.13 8.51
N HIS A 9 -14.82 -18.01 7.81
CA HIS A 9 -15.93 -17.32 7.18
C HIS A 9 -15.44 -16.39 6.07
N ASP A 10 -16.19 -16.33 4.98
CA ASP A 10 -15.83 -15.48 3.84
C ASP A 10 -17.07 -14.95 3.15
N SER A 11 -17.22 -13.62 3.15
CA SER A 11 -18.38 -12.99 2.52
C SER A 11 -18.70 -13.64 1.18
N ARG A 12 -17.70 -13.72 0.32
CA ARG A 12 -17.88 -14.32 -1.00
C ARG A 12 -16.57 -14.98 -1.47
N LEU A 13 -16.71 -16.00 -2.31
CA LEU A 13 -15.55 -16.71 -2.84
C LEU A 13 -14.77 -15.83 -3.81
N THR A 14 -13.57 -15.44 -3.40
CA THR A 14 -12.72 -14.60 -4.24
C THR A 14 -11.83 -15.45 -5.15
N ALA A 15 -12.12 -15.40 -6.45
CA ALA A 15 -11.34 -16.15 -7.42
C ALA A 15 -10.59 -15.23 -8.38
N GLY A 16 -11.32 -14.26 -8.94
CA GLY A 16 -10.71 -13.32 -9.87
C GLY A 16 -10.26 -12.04 -9.18
N VAL A 17 -9.53 -12.19 -8.08
CA VAL A 17 -9.04 -11.04 -7.34
C VAL A 17 -7.53 -10.86 -7.54
N PRO A 18 -7.07 -9.61 -7.44
CA PRO A 18 -5.65 -9.28 -7.61
C PRO A 18 -4.80 -9.78 -6.45
N ASP A 19 -3.95 -10.75 -6.74
CA ASP A 19 -3.07 -11.32 -5.72
C ASP A 19 -2.23 -10.23 -5.05
N THR A 20 -1.79 -10.49 -3.83
CA THR A 20 -0.99 -9.54 -3.08
C THR A 20 0.04 -8.86 -3.98
N PRO A 21 0.03 -7.52 -3.98
CA PRO A 21 0.96 -6.72 -4.79
C PRO A 21 2.39 -6.81 -4.29
N THR A 22 3.34 -6.88 -5.23
CA THR A 22 4.74 -6.97 -4.89
C THR A 22 5.14 -5.86 -3.93
N ARG A 23 6.39 -5.91 -3.45
CA ARG A 23 6.89 -4.92 -2.52
C ARG A 23 6.62 -3.50 -3.03
N LEU A 24 6.74 -2.52 -2.15
CA LEU A 24 6.51 -1.13 -2.51
C LEU A 24 7.82 -0.35 -2.54
N VAL A 25 7.85 0.69 -3.37
CA VAL A 25 9.05 1.52 -3.50
C VAL A 25 8.79 2.93 -3.00
N PHE A 26 9.59 3.37 -2.03
CA PHE A 26 9.44 4.70 -1.46
C PHE A 26 10.55 5.63 -1.96
N SER A 27 10.17 6.83 -2.37
CA SER A 27 11.13 7.81 -2.87
C SER A 27 11.55 8.77 -1.76
N ALA A 28 10.58 9.19 -0.96
CA ALA A 28 10.85 10.11 0.14
C ALA A 28 11.34 11.46 -0.38
N LEU A 29 10.59 12.05 -1.30
CA LEU A 29 10.95 13.34 -1.88
C LEU A 29 11.48 14.29 -0.81
N GLY A 30 10.98 14.13 0.41
CA GLY A 30 11.42 14.97 1.51
C GLY A 30 10.99 14.44 2.86
N PRO A 31 11.09 15.28 3.90
CA PRO A 31 10.73 14.91 5.27
C PRO A 31 9.22 14.73 5.42
N THR A 32 8.45 15.44 4.62
CA THR A 32 6.99 15.37 4.67
C THR A 32 6.41 14.93 3.33
N SER A 33 7.24 14.27 2.52
CA SER A 33 6.81 13.80 1.22
C SER A 33 7.36 12.40 0.93
N LEU A 34 6.61 11.62 0.16
CA LEU A 34 7.02 10.26 -0.18
C LEU A 34 6.36 9.80 -1.48
N ARG A 35 6.89 8.74 -2.06
CA ARG A 35 6.34 8.20 -3.30
C ARG A 35 6.33 6.67 -3.27
N VAL A 36 5.14 6.10 -3.08
CA VAL A 36 4.98 4.65 -3.03
C VAL A 36 4.65 4.08 -4.41
N SER A 37 5.37 3.05 -4.81
CA SER A 37 5.15 2.41 -6.10
C SER A 37 5.11 0.89 -5.96
N TRP A 38 4.12 0.28 -6.61
CA TRP A 38 3.97 -1.17 -6.56
C TRP A 38 4.07 -1.78 -7.95
N GLN A 39 3.85 -3.09 -8.04
CA GLN A 39 3.92 -3.79 -9.33
C GLN A 39 2.59 -4.46 -9.64
N GLU A 40 2.00 -4.08 -10.78
CA GLU A 40 0.73 -4.64 -11.20
C GLU A 40 0.69 -6.14 -10.94
N PRO A 41 -0.05 -6.55 -9.90
CA PRO A 41 -0.19 -7.96 -9.52
C PRO A 41 -1.01 -8.75 -10.53
N ARG A 42 -1.08 -10.07 -10.33
CA ARG A 42 -1.83 -10.93 -11.22
C ARG A 42 -3.33 -10.86 -10.92
N CYS A 43 -4.14 -10.90 -11.97
CA CYS A 43 -5.59 -10.84 -11.81
C CYS A 43 -6.29 -11.24 -13.11
N GLU A 44 -7.08 -12.30 -13.04
CA GLU A 44 -7.81 -12.79 -14.20
C GLU A 44 -8.71 -11.70 -14.78
N ARG A 45 -9.13 -10.77 -13.93
CA ARG A 45 -10.00 -9.68 -14.35
C ARG A 45 -9.22 -8.37 -14.42
N PRO A 46 -9.68 -7.45 -15.28
CA PRO A 46 -9.04 -6.14 -15.47
C PRO A 46 -9.22 -5.24 -14.26
N LEU A 47 -8.11 -4.66 -13.80
CA LEU A 47 -8.14 -3.77 -12.64
C LEU A 47 -8.76 -2.43 -13.01
N GLN A 48 -9.43 -1.81 -12.04
CA GLN A 48 -10.08 -0.52 -12.26
C GLN A 48 -9.22 0.61 -11.71
N GLY A 49 -8.43 0.31 -10.69
CA GLY A 49 -7.58 1.31 -10.09
C GLY A 49 -6.64 0.73 -9.06
N TYR A 50 -6.41 1.48 -7.98
CA TYR A 50 -5.52 1.04 -6.91
C TYR A 50 -5.82 1.78 -5.61
N SER A 51 -5.29 1.26 -4.51
CA SER A 51 -5.51 1.86 -3.20
C SER A 51 -4.22 1.84 -2.38
N VAL A 52 -3.98 2.93 -1.65
CA VAL A 52 -2.78 3.04 -0.82
C VAL A 52 -3.13 3.57 0.57
N GLU A 53 -3.05 2.69 1.56
CA GLU A 53 -3.35 3.07 2.95
C GLU A 53 -2.07 3.26 3.75
N TYR A 54 -2.03 4.33 4.54
CA TYR A 54 -0.86 4.63 5.36
C TYR A 54 -1.28 5.16 6.73
N GLN A 55 -0.54 4.76 7.76
CA GLN A 55 -0.83 5.18 9.12
C GLN A 55 0.38 5.01 10.02
N LEU A 56 0.43 5.77 11.10
CA LEU A 56 1.54 5.70 12.05
C LEU A 56 1.85 4.25 12.42
N LEU A 57 3.05 3.80 12.08
CA LEU A 57 3.47 2.44 12.38
C LEU A 57 2.96 2.00 13.75
N ASN A 58 3.28 2.79 14.77
CA ASN A 58 2.86 2.49 16.14
C ASN A 58 1.33 2.37 16.22
N GLY A 59 0.63 3.33 15.64
CA GLY A 59 -0.81 3.32 15.66
C GLY A 59 -1.41 4.71 15.78
N GLY A 60 -1.85 5.26 14.67
CA GLY A 60 -2.44 6.60 14.68
C GLY A 60 -3.59 6.74 13.70
N GLU A 61 -3.58 7.84 12.95
CA GLU A 61 -4.64 8.09 11.97
C GLU A 61 -4.36 7.33 10.67
N LEU A 62 -5.40 6.68 10.15
CA LEU A 62 -5.27 5.92 8.91
C LEU A 62 -5.84 6.69 7.74
N HIS A 63 -5.04 6.84 6.68
CA HIS A 63 -5.47 7.56 5.49
C HIS A 63 -5.52 6.62 4.29
N ARG A 64 -6.71 6.48 3.72
CA ARG A 64 -6.91 5.62 2.56
C ARG A 64 -6.86 6.42 1.26
N LEU A 65 -5.95 6.03 0.37
CA LEU A 65 -5.79 6.72 -0.91
C LEU A 65 -6.37 5.88 -2.05
N ASN A 66 -7.05 6.54 -2.97
CA ASN A 66 -7.65 5.86 -4.11
C ASN A 66 -6.97 6.28 -5.42
N ILE A 67 -6.91 5.36 -6.37
CA ILE A 67 -6.29 5.64 -7.66
C ILE A 67 -7.28 5.41 -8.80
N PRO A 68 -7.76 6.51 -9.39
CA PRO A 68 -8.71 6.47 -10.50
C PRO A 68 -8.08 5.94 -11.79
N ASN A 69 -6.82 5.55 -11.70
CA ASN A 69 -6.09 5.02 -12.85
C ASN A 69 -5.45 3.68 -12.53
N PRO A 70 -5.96 2.61 -13.17
CA PRO A 70 -5.46 1.25 -12.97
C PRO A 70 -4.06 1.06 -13.55
N ALA A 71 -3.56 2.09 -14.23
CA ALA A 71 -2.24 2.03 -14.83
C ALA A 71 -1.20 2.69 -13.94
N GLN A 72 -1.65 3.64 -13.11
CA GLN A 72 -0.75 4.35 -12.20
C GLN A 72 -0.40 3.48 -11.00
N THR A 73 0.78 2.86 -11.05
CA THR A 73 1.23 2.00 -9.96
C THR A 73 2.19 2.75 -9.03
N SER A 74 1.96 4.05 -8.89
CA SER A 74 2.80 4.88 -8.03
C SER A 74 2.05 6.14 -7.59
N VAL A 75 2.06 6.40 -6.28
CA VAL A 75 1.39 7.56 -5.72
C VAL A 75 2.30 8.32 -4.77
N VAL A 76 2.20 9.64 -4.78
CA VAL A 76 3.01 10.49 -3.92
C VAL A 76 2.27 10.83 -2.63
N VAL A 77 2.83 10.44 -1.50
CA VAL A 77 2.23 10.70 -0.20
C VAL A 77 2.87 11.92 0.46
N GLU A 78 2.03 12.80 1.00
CA GLU A 78 2.52 14.01 1.66
C GLU A 78 1.73 14.27 2.94
N ASP A 79 2.13 15.31 3.66
CA ASP A 79 1.46 15.67 4.91
C ASP A 79 1.72 14.63 5.98
N LEU A 80 2.99 14.23 6.12
CA LEU A 80 3.36 13.23 7.12
C LEU A 80 4.14 13.88 8.27
N LEU A 81 4.54 13.07 9.24
CA LEU A 81 5.28 13.56 10.39
C LEU A 81 6.76 13.15 10.30
N PRO A 82 7.65 14.08 10.67
CA PRO A 82 9.10 13.83 10.65
C PRO A 82 9.53 12.85 11.73
N ASN A 83 10.53 12.02 11.41
CA ASN A 83 11.04 11.04 12.35
C ASN A 83 9.90 10.20 12.93
N HIS A 84 9.12 9.59 12.04
CA HIS A 84 8.00 8.75 12.45
C HIS A 84 7.76 7.63 11.45
N SER A 85 7.60 6.40 11.96
CA SER A 85 7.36 5.26 11.10
C SER A 85 5.91 5.23 10.60
N TYR A 86 5.71 4.67 9.42
CA TYR A 86 4.38 4.59 8.83
C TYR A 86 4.22 3.30 8.04
N VAL A 87 3.17 2.55 8.35
CA VAL A 87 2.89 1.29 7.67
C VAL A 87 2.10 1.52 6.39
N PHE A 88 2.77 1.44 5.25
CA PHE A 88 2.13 1.63 3.96
C PHE A 88 1.61 0.31 3.40
N ARG A 89 0.29 0.16 3.40
CA ARG A 89 -0.34 -1.05 2.90
C ARG A 89 -1.07 -0.78 1.58
N VAL A 90 -0.48 -1.22 0.49
CA VAL A 90 -1.07 -1.03 -0.83
C VAL A 90 -1.85 -2.26 -1.27
N ARG A 91 -2.78 -2.07 -2.21
CA ARG A 91 -3.59 -3.17 -2.71
C ARG A 91 -4.17 -2.83 -4.09
N ALA A 92 -4.99 -3.74 -4.62
CA ALA A 92 -5.60 -3.54 -5.93
C ALA A 92 -7.07 -3.91 -5.89
N GLN A 93 -7.85 -3.35 -6.83
CA GLN A 93 -9.27 -3.63 -6.91
C GLN A 93 -9.65 -4.18 -8.28
N SER A 94 -10.49 -5.21 -8.29
CA SER A 94 -10.92 -5.83 -9.54
C SER A 94 -12.42 -6.10 -9.52
N GLN A 95 -12.97 -6.44 -10.68
CA GLN A 95 -14.40 -6.72 -10.80
C GLN A 95 -14.90 -7.52 -9.61
N GLU A 96 -14.08 -8.47 -9.16
CA GLU A 96 -14.44 -9.31 -8.02
C GLU A 96 -14.43 -8.51 -6.72
N GLY A 97 -13.27 -7.94 -6.40
CA GLY A 97 -13.14 -7.15 -5.19
C GLY A 97 -11.69 -6.94 -4.79
N TRP A 98 -11.48 -6.20 -3.70
CA TRP A 98 -10.14 -5.92 -3.21
C TRP A 98 -9.45 -7.20 -2.74
N GLY A 99 -8.33 -7.53 -3.37
CA GLY A 99 -7.60 -8.72 -2.99
C GLY A 99 -6.79 -8.54 -1.73
N ARG A 100 -5.50 -8.89 -1.79
CA ARG A 100 -4.61 -8.76 -0.65
C ARG A 100 -3.84 -7.45 -0.71
N GLU A 101 -2.98 -7.23 0.27
CA GLU A 101 -2.17 -6.01 0.33
C GLU A 101 -0.74 -6.32 0.75
N ARG A 102 0.14 -5.35 0.58
CA ARG A 102 1.54 -5.51 0.94
C ARG A 102 1.98 -4.46 1.95
N GLU A 103 2.58 -4.91 3.05
CA GLU A 103 3.03 -4.00 4.10
C GLU A 103 4.39 -3.38 3.74
N GLY A 104 4.49 -2.07 3.89
CA GLY A 104 5.73 -1.38 3.57
C GLY A 104 6.01 -0.24 4.53
N VAL A 105 6.56 -0.59 5.70
CA VAL A 105 6.88 0.42 6.71
C VAL A 105 8.03 1.32 6.24
N ILE A 106 7.94 2.59 6.56
CA ILE A 106 8.97 3.56 6.18
C ILE A 106 9.31 4.48 7.35
N THR A 107 10.58 4.89 7.41
CA THR A 107 11.05 5.78 8.47
C THR A 107 11.56 7.09 7.89
N ILE A 108 10.88 8.18 8.22
CA ILE A 108 11.27 9.50 7.75
C ILE A 108 12.61 9.93 8.35
N GLU A 109 13.62 10.08 7.50
CA GLU A 109 14.95 10.48 7.97
C GLU A 109 15.36 11.80 7.33
N SER A 110 15.49 12.84 8.15
CA SER A 110 15.87 14.16 7.67
C SER A 110 17.38 14.35 7.76
N GLN A 111 18.13 13.38 7.25
CA GLN A 111 19.58 13.45 7.27
C GLN A 111 20.12 14.17 6.04
N VAL A 112 20.31 15.48 6.18
CA VAL A 112 20.81 16.31 5.08
C VAL A 112 22.33 16.16 4.94
N SER A 113 22.75 15.10 4.24
CA SER A 113 24.17 14.84 4.04
C SER A 113 24.73 15.75 2.95
N GLY A 114 23.92 15.99 1.92
CA GLY A 114 24.36 16.83 0.82
C GLY A 114 24.56 16.06 -0.46
N PRO A 115 25.37 16.61 -1.38
CA PRO A 115 25.67 15.98 -2.66
C PRO A 115 26.54 14.74 -2.51
N SER A 116 26.98 14.47 -1.28
CA SER A 116 27.81 13.30 -1.01
C SER A 116 27.03 12.24 -0.24
N SER A 117 27.47 11.00 -0.36
CA SER A 117 26.81 9.89 0.33
C SER A 117 27.34 9.73 1.75
N GLY A 118 26.43 9.62 2.70
CA GLY A 118 26.82 9.47 4.09
C GLY A 118 26.25 10.54 4.98
N GLY A 1 -7.27 -3.75 15.43
CA GLY A 1 -7.31 -4.96 14.64
C GLY A 1 -8.46 -5.87 15.01
N SER A 2 -9.01 -6.57 14.03
CA SER A 2 -10.13 -7.47 14.26
C SER A 2 -9.89 -8.83 13.60
N SER A 3 -10.29 -9.89 14.27
CA SER A 3 -10.13 -11.25 13.75
C SER A 3 -11.39 -12.08 13.95
N GLY A 4 -11.79 -12.79 12.91
CA GLY A 4 -12.98 -13.62 13.00
C GLY A 4 -13.34 -14.26 11.67
N SER A 5 -13.43 -15.59 11.66
CA SER A 5 -13.77 -16.32 10.45
C SER A 5 -15.13 -16.99 10.57
N SER A 6 -16.08 -16.26 11.13
CA SER A 6 -17.44 -16.77 11.32
C SER A 6 -18.17 -16.86 9.98
N GLY A 7 -19.05 -17.85 9.86
CA GLY A 7 -19.80 -18.02 8.63
C GLY A 7 -19.62 -19.40 8.03
N SER A 8 -20.52 -20.32 8.37
CA SER A 8 -20.46 -21.69 7.86
C SER A 8 -20.44 -21.71 6.34
N HIS A 9 -21.38 -21.00 5.73
CA HIS A 9 -21.47 -20.92 4.28
C HIS A 9 -20.25 -20.23 3.69
N ASP A 10 -19.99 -20.49 2.41
CA ASP A 10 -18.84 -19.88 1.73
C ASP A 10 -19.25 -18.60 1.02
N SER A 11 -20.09 -17.80 1.67
CA SER A 11 -20.55 -16.55 1.09
C SER A 11 -19.42 -15.82 0.37
N ARG A 12 -18.24 -15.84 0.97
CA ARG A 12 -17.08 -15.19 0.39
C ARG A 12 -16.44 -16.07 -0.69
N LEU A 13 -16.48 -15.60 -1.93
CA LEU A 13 -15.91 -16.34 -3.05
C LEU A 13 -15.13 -15.42 -3.97
N THR A 14 -13.80 -15.55 -3.95
CA THR A 14 -12.94 -14.72 -4.78
C THR A 14 -12.01 -15.58 -5.63
N ALA A 15 -12.08 -15.41 -6.95
CA ALA A 15 -11.25 -16.16 -7.87
C ALA A 15 -10.46 -15.24 -8.79
N GLY A 16 -11.16 -14.29 -9.40
CA GLY A 16 -10.50 -13.35 -10.30
C GLY A 16 -10.06 -12.09 -9.59
N VAL A 17 -9.41 -12.26 -8.45
CA VAL A 17 -8.93 -11.11 -7.67
C VAL A 17 -7.43 -10.91 -7.85
N PRO A 18 -6.98 -9.65 -7.74
CA PRO A 18 -5.57 -9.30 -7.89
C PRO A 18 -4.71 -9.82 -6.74
N ASP A 19 -3.88 -10.80 -7.02
CA ASP A 19 -3.00 -11.38 -6.00
C ASP A 19 -2.26 -10.29 -5.24
N THR A 20 -1.47 -10.70 -4.26
CA THR A 20 -0.72 -9.75 -3.43
C THR A 20 0.34 -9.04 -4.26
N PRO A 21 0.34 -7.70 -4.19
CA PRO A 21 1.29 -6.86 -4.93
C PRO A 21 2.71 -6.98 -4.37
N THR A 22 3.70 -6.95 -5.27
CA THR A 22 5.09 -7.05 -4.87
C THR A 22 5.49 -5.91 -3.94
N ARG A 23 6.71 -5.99 -3.42
CA ARG A 23 7.21 -4.96 -2.51
C ARG A 23 6.93 -3.56 -3.06
N LEU A 24 6.91 -2.58 -2.16
CA LEU A 24 6.66 -1.20 -2.56
C LEU A 24 7.95 -0.40 -2.63
N VAL A 25 7.93 0.69 -3.38
CA VAL A 25 9.11 1.54 -3.52
C VAL A 25 8.84 2.94 -2.99
N PHE A 26 9.62 3.35 -1.99
CA PHE A 26 9.46 4.67 -1.40
C PHE A 26 10.56 5.61 -1.87
N SER A 27 10.16 6.81 -2.29
CA SER A 27 11.11 7.81 -2.78
C SER A 27 11.50 8.78 -1.66
N ALA A 28 10.50 9.18 -0.87
CA ALA A 28 10.73 10.11 0.23
C ALA A 28 11.22 11.47 -0.28
N LEU A 29 10.45 12.06 -1.19
CA LEU A 29 10.79 13.36 -1.76
C LEU A 29 11.30 14.31 -0.67
N GLY A 30 10.77 14.15 0.53
CA GLY A 30 11.17 15.01 1.63
C GLY A 30 10.75 14.46 2.98
N PRO A 31 10.82 15.30 4.01
CA PRO A 31 10.44 14.91 5.38
C PRO A 31 8.94 14.70 5.53
N THR A 32 8.16 15.39 4.71
CA THR A 32 6.71 15.27 4.75
C THR A 32 6.16 14.83 3.40
N SER A 33 7.00 14.19 2.60
CA SER A 33 6.60 13.72 1.27
C SER A 33 7.18 12.34 1.00
N LEU A 34 6.45 11.55 0.21
CA LEU A 34 6.90 10.20 -0.14
C LEU A 34 6.26 9.74 -1.46
N ARG A 35 6.81 8.68 -2.03
CA ARG A 35 6.30 8.14 -3.29
C ARG A 35 6.30 6.62 -3.27
N VAL A 36 5.13 6.02 -3.09
CA VAL A 36 5.00 4.57 -3.05
C VAL A 36 4.67 4.01 -4.43
N SER A 37 5.45 3.04 -4.88
CA SER A 37 5.25 2.42 -6.18
C SER A 37 5.21 0.90 -6.07
N TRP A 38 4.19 0.30 -6.64
CA TRP A 38 4.04 -1.15 -6.61
C TRP A 38 4.07 -1.75 -8.01
N GLN A 39 3.85 -3.05 -8.10
CA GLN A 39 3.85 -3.73 -9.40
C GLN A 39 2.48 -4.35 -9.69
N GLU A 40 1.94 -4.08 -10.87
CA GLU A 40 0.65 -4.61 -11.27
C GLU A 40 0.59 -6.12 -11.05
N PRO A 41 -0.16 -6.54 -10.02
CA PRO A 41 -0.31 -7.95 -9.68
C PRO A 41 -1.15 -8.71 -10.72
N ARG A 42 -1.12 -10.03 -10.63
CA ARG A 42 -1.88 -10.88 -11.56
C ARG A 42 -3.37 -10.83 -11.25
N CYS A 43 -4.19 -10.80 -12.29
CA CYS A 43 -5.64 -10.76 -12.13
C CYS A 43 -6.34 -11.10 -13.44
N GLU A 44 -7.17 -12.14 -13.40
CA GLU A 44 -7.90 -12.57 -14.59
C GLU A 44 -8.84 -11.48 -15.08
N ARG A 45 -9.23 -10.58 -14.17
CA ARG A 45 -10.11 -9.48 -14.52
C ARG A 45 -9.36 -8.15 -14.55
N PRO A 46 -9.85 -7.21 -15.35
CA PRO A 46 -9.24 -5.89 -15.48
C PRO A 46 -9.41 -5.04 -14.23
N LEU A 47 -8.32 -4.47 -13.75
CA LEU A 47 -8.34 -3.64 -12.55
C LEU A 47 -8.95 -2.27 -12.85
N GLN A 48 -9.60 -1.67 -11.86
CA GLN A 48 -10.22 -0.36 -12.02
C GLN A 48 -9.35 0.73 -11.41
N GLY A 49 -8.53 0.35 -10.43
CA GLY A 49 -7.67 1.31 -9.78
C GLY A 49 -6.80 0.68 -8.70
N TYR A 50 -6.45 1.47 -7.69
CA TYR A 50 -5.61 0.98 -6.61
C TYR A 50 -5.92 1.72 -5.31
N SER A 51 -5.40 1.21 -4.20
CA SER A 51 -5.62 1.82 -2.89
C SER A 51 -4.37 1.72 -2.03
N VAL A 52 -3.91 2.87 -1.54
CA VAL A 52 -2.71 2.92 -0.69
C VAL A 52 -3.05 3.48 0.68
N GLU A 53 -3.20 2.60 1.66
CA GLU A 53 -3.51 3.03 3.02
C GLU A 53 -2.25 3.09 3.88
N TYR A 54 -2.04 4.23 4.52
CA TYR A 54 -0.87 4.42 5.37
C TYR A 54 -1.25 5.06 6.70
N GLN A 55 -0.53 4.70 7.75
CA GLN A 55 -0.81 5.23 9.09
C GLN A 55 0.37 4.98 10.02
N LEU A 56 0.49 5.81 11.05
CA LEU A 56 1.57 5.69 12.02
C LEU A 56 1.82 4.22 12.37
N LEU A 57 3.02 3.73 12.07
CA LEU A 57 3.37 2.35 12.36
C LEU A 57 2.70 1.86 13.65
N ASN A 58 2.98 2.55 14.75
CA ASN A 58 2.40 2.21 16.04
C ASN A 58 0.89 2.14 15.96
N GLY A 59 0.28 3.17 15.36
CA GLY A 59 -1.16 3.21 15.23
C GLY A 59 -1.73 4.58 15.52
N GLY A 60 -1.95 5.36 14.47
CA GLY A 60 -2.50 6.70 14.63
C GLY A 60 -3.52 7.04 13.57
N GLU A 61 -3.28 8.13 12.84
CA GLU A 61 -4.20 8.56 11.79
C GLU A 61 -4.01 7.74 10.52
N LEU A 62 -5.10 7.21 10.00
CA LEU A 62 -5.06 6.40 8.79
C LEU A 62 -5.57 7.19 7.58
N HIS A 63 -4.77 7.21 6.52
CA HIS A 63 -5.12 7.93 5.31
C HIS A 63 -5.26 6.97 4.13
N ARG A 64 -6.46 6.92 3.54
CA ARG A 64 -6.72 6.04 2.41
C ARG A 64 -6.58 6.80 1.09
N LEU A 65 -5.69 6.32 0.23
CA LEU A 65 -5.47 6.95 -1.06
C LEU A 65 -5.98 6.08 -2.20
N ASN A 66 -6.94 6.60 -2.96
CA ASN A 66 -7.53 5.88 -4.07
C ASN A 66 -6.90 6.31 -5.39
N ILE A 67 -6.69 5.34 -6.29
CA ILE A 67 -6.10 5.62 -7.59
C ILE A 67 -7.11 5.42 -8.71
N PRO A 68 -7.56 6.54 -9.31
CA PRO A 68 -8.53 6.51 -10.40
C PRO A 68 -7.95 5.94 -11.69
N ASN A 69 -6.69 5.50 -11.62
CA ASN A 69 -6.02 4.93 -12.77
C ASN A 69 -5.40 3.57 -12.43
N PRO A 70 -5.95 2.51 -13.03
CA PRO A 70 -5.47 1.14 -12.81
C PRO A 70 -4.09 0.90 -13.42
N ALA A 71 -3.59 1.91 -14.13
CA ALA A 71 -2.28 1.81 -14.76
C ALA A 71 -1.21 2.49 -13.93
N GLN A 72 -1.64 3.44 -13.09
CA GLN A 72 -0.72 4.18 -12.23
C GLN A 72 -0.32 3.35 -11.01
N THR A 73 0.86 2.74 -11.08
CA THR A 73 1.36 1.91 -9.99
C THR A 73 2.31 2.70 -9.10
N SER A 74 2.04 4.00 -8.95
CA SER A 74 2.88 4.86 -8.12
C SER A 74 2.10 6.09 -7.64
N VAL A 75 2.10 6.31 -6.33
CA VAL A 75 1.39 7.43 -5.74
C VAL A 75 2.29 8.21 -4.78
N VAL A 76 2.13 9.53 -4.78
CA VAL A 76 2.92 10.39 -3.89
C VAL A 76 2.17 10.71 -2.62
N VAL A 77 2.74 10.33 -1.48
CA VAL A 77 2.12 10.60 -0.18
C VAL A 77 2.72 11.82 0.48
N GLU A 78 1.87 12.72 0.95
CA GLU A 78 2.32 13.94 1.61
C GLU A 78 1.55 14.18 2.91
N ASP A 79 1.85 15.28 3.57
CA ASP A 79 1.18 15.64 4.82
C ASP A 79 1.48 14.61 5.91
N LEU A 80 2.76 14.28 6.07
CA LEU A 80 3.18 13.30 7.07
C LEU A 80 3.94 13.99 8.21
N LEU A 81 4.43 13.18 9.14
CA LEU A 81 5.18 13.71 10.28
C LEU A 81 6.63 13.27 10.23
N PRO A 82 7.55 14.19 10.58
CA PRO A 82 8.99 13.91 10.57
C PRO A 82 9.40 12.95 11.68
N ASN A 83 10.40 12.12 11.39
CA ASN A 83 10.89 11.15 12.37
C ASN A 83 9.73 10.31 12.93
N HIS A 84 8.88 9.82 12.04
CA HIS A 84 7.75 9.00 12.45
C HIS A 84 7.53 7.84 11.48
N SER A 85 7.39 6.64 12.02
CA SER A 85 7.18 5.45 11.20
C SER A 85 5.77 5.42 10.63
N TYR A 86 5.61 4.75 9.49
CA TYR A 86 4.31 4.65 8.85
C TYR A 86 4.18 3.33 8.09
N VAL A 87 3.14 2.56 8.42
CA VAL A 87 2.90 1.29 7.77
C VAL A 87 2.05 1.45 6.51
N PHE A 88 2.69 1.35 5.36
CA PHE A 88 2.00 1.50 4.08
C PHE A 88 1.48 0.15 3.59
N ARG A 89 0.21 0.11 3.22
CA ARG A 89 -0.42 -1.12 2.73
C ARG A 89 -1.13 -0.88 1.40
N VAL A 90 -0.47 -1.27 0.31
CA VAL A 90 -1.05 -1.10 -1.02
C VAL A 90 -1.90 -2.30 -1.41
N ARG A 91 -2.88 -2.06 -2.27
CA ARG A 91 -3.78 -3.12 -2.73
C ARG A 91 -4.42 -2.75 -4.06
N ALA A 92 -4.93 -3.76 -4.76
CA ALA A 92 -5.58 -3.55 -6.05
C ALA A 92 -7.04 -3.98 -6.00
N GLN A 93 -7.86 -3.32 -6.82
CA GLN A 93 -9.28 -3.64 -6.87
C GLN A 93 -9.69 -4.06 -8.28
N SER A 94 -10.45 -5.15 -8.36
CA SER A 94 -10.91 -5.67 -9.65
C SER A 94 -12.41 -5.96 -9.61
N GLN A 95 -12.98 -6.20 -10.78
CA GLN A 95 -14.41 -6.50 -10.89
C GLN A 95 -14.86 -7.41 -9.76
N GLU A 96 -14.00 -8.34 -9.37
CA GLU A 96 -14.31 -9.27 -8.29
C GLU A 96 -14.32 -8.56 -6.94
N GLY A 97 -13.14 -8.10 -6.52
CA GLY A 97 -13.04 -7.40 -5.25
C GLY A 97 -11.59 -7.18 -4.82
N TRP A 98 -11.41 -6.49 -3.71
CA TRP A 98 -10.07 -6.22 -3.19
C TRP A 98 -9.37 -7.51 -2.77
N GLY A 99 -8.22 -7.78 -3.40
CA GLY A 99 -7.47 -8.98 -3.08
C GLY A 99 -6.62 -8.82 -1.83
N ARG A 100 -5.32 -8.99 -1.98
CA ARG A 100 -4.40 -8.88 -0.85
C ARG A 100 -3.63 -7.55 -0.91
N GLU A 101 -2.74 -7.34 0.05
CA GLU A 101 -1.95 -6.13 0.10
C GLU A 101 -0.50 -6.43 0.51
N ARG A 102 0.36 -5.44 0.38
CA ARG A 102 1.77 -5.60 0.73
C ARG A 102 2.22 -4.53 1.72
N GLU A 103 2.55 -4.96 2.94
CA GLU A 103 3.00 -4.03 3.97
C GLU A 103 4.32 -3.37 3.60
N GLY A 104 4.43 -2.08 3.87
CA GLY A 104 5.64 -1.35 3.55
C GLY A 104 5.91 -0.22 4.52
N VAL A 105 6.46 -0.57 5.69
CA VAL A 105 6.77 0.43 6.71
C VAL A 105 7.92 1.34 6.26
N ILE A 106 7.83 2.62 6.62
CA ILE A 106 8.86 3.58 6.26
C ILE A 106 9.20 4.48 7.44
N THR A 107 10.46 4.92 7.51
CA THR A 107 10.91 5.78 8.58
C THR A 107 11.45 7.10 8.03
N ILE A 108 10.82 8.20 8.43
CA ILE A 108 11.24 9.53 7.98
C ILE A 108 12.58 9.92 8.60
N GLU A 109 13.62 9.95 7.77
CA GLU A 109 14.95 10.32 8.25
C GLU A 109 15.33 11.71 7.77
N SER A 110 15.36 12.67 8.69
CA SER A 110 15.71 14.04 8.36
C SER A 110 16.85 14.54 9.24
N GLN A 111 16.75 14.27 10.54
CA GLN A 111 17.77 14.68 11.49
C GLN A 111 18.75 13.56 11.78
N VAL A 112 19.11 12.82 10.72
CA VAL A 112 20.04 11.71 10.86
C VAL A 112 21.42 12.07 10.30
N SER A 113 22.46 11.64 11.00
CA SER A 113 23.83 11.92 10.57
C SER A 113 24.70 10.67 10.65
N GLY A 114 25.15 10.21 9.49
CA GLY A 114 25.98 9.02 9.45
C GLY A 114 26.09 8.43 8.05
N PRO A 115 27.26 7.87 7.72
CA PRO A 115 27.51 7.27 6.41
C PRO A 115 26.72 5.98 6.21
N SER A 116 25.91 5.63 7.20
CA SER A 116 25.10 4.41 7.14
C SER A 116 24.65 4.13 5.70
N SER A 117 24.68 2.86 5.31
CA SER A 117 24.28 2.47 3.97
C SER A 117 23.48 1.17 4.00
N GLY A 118 22.81 0.87 2.90
CA GLY A 118 22.02 -0.35 2.83
C GLY A 118 22.34 -1.18 1.59
N GLY A 1 -24.21 -17.07 26.68
CA GLY A 1 -23.23 -17.92 26.03
C GLY A 1 -23.45 -18.03 24.53
N SER A 2 -22.36 -18.08 23.78
CA SER A 2 -22.43 -18.19 22.33
C SER A 2 -21.50 -19.28 21.81
N SER A 3 -22.10 -20.39 21.36
CA SER A 3 -21.33 -21.51 20.84
C SER A 3 -20.11 -21.02 20.06
N GLY A 4 -18.97 -21.66 20.29
CA GLY A 4 -17.75 -21.27 19.61
C GLY A 4 -17.71 -21.76 18.17
N SER A 5 -17.38 -23.02 17.98
CA SER A 5 -17.31 -23.61 16.64
C SER A 5 -18.52 -24.49 16.36
N SER A 6 -19.48 -23.96 15.62
CA SER A 6 -20.69 -24.69 15.29
C SER A 6 -21.15 -24.38 13.87
N GLY A 7 -21.44 -25.42 13.10
CA GLY A 7 -21.89 -25.23 11.73
C GLY A 7 -20.73 -25.04 10.77
N SER A 8 -21.05 -24.96 9.48
CA SER A 8 -20.03 -24.78 8.46
C SER A 8 -20.53 -23.85 7.35
N HIS A 9 -19.70 -22.87 6.99
CA HIS A 9 -20.06 -21.92 5.95
C HIS A 9 -18.84 -21.08 5.54
N ASP A 10 -18.43 -21.21 4.28
CA ASP A 10 -17.29 -20.47 3.77
C ASP A 10 -17.70 -19.58 2.61
N SER A 11 -17.69 -18.26 2.84
CA SER A 11 -18.07 -17.30 1.81
C SER A 11 -16.89 -16.41 1.44
N ARG A 12 -15.71 -17.02 1.31
CA ARG A 12 -14.51 -16.30 0.95
C ARG A 12 -13.82 -16.93 -0.26
N LEU A 13 -14.62 -17.30 -1.26
CA LEU A 13 -14.10 -17.90 -2.47
C LEU A 13 -13.80 -16.85 -3.53
N THR A 14 -12.65 -16.21 -3.42
CA THR A 14 -12.25 -15.18 -4.37
C THR A 14 -10.97 -15.57 -5.10
N ALA A 15 -11.12 -15.96 -6.37
CA ALA A 15 -9.97 -16.37 -7.18
C ALA A 15 -9.62 -15.28 -8.20
N GLY A 16 -10.64 -14.65 -8.76
CA GLY A 16 -10.41 -13.60 -9.75
C GLY A 16 -9.76 -12.38 -9.14
N VAL A 17 -9.86 -12.24 -7.82
CA VAL A 17 -9.26 -11.11 -7.13
C VAL A 17 -7.76 -11.03 -7.37
N PRO A 18 -7.22 -9.82 -7.38
CA PRO A 18 -5.78 -9.58 -7.60
C PRO A 18 -4.94 -10.05 -6.42
N ASP A 19 -3.98 -10.92 -6.71
CA ASP A 19 -3.09 -11.45 -5.67
C ASP A 19 -2.26 -10.33 -5.04
N THR A 20 -1.81 -10.56 -3.82
CA THR A 20 -1.02 -9.57 -3.09
C THR A 20 0.03 -8.95 -4.00
N PRO A 21 0.11 -7.61 -3.99
CA PRO A 21 1.06 -6.86 -4.81
C PRO A 21 2.50 -7.04 -4.34
N THR A 22 3.45 -6.80 -5.23
CA THR A 22 4.86 -6.93 -4.91
C THR A 22 5.33 -5.82 -3.98
N ARG A 23 6.55 -5.93 -3.49
CA ARG A 23 7.12 -4.94 -2.59
C ARG A 23 6.85 -3.52 -3.11
N LEU A 24 6.91 -2.54 -2.21
CA LEU A 24 6.68 -1.15 -2.57
C LEU A 24 7.99 -0.37 -2.60
N VAL A 25 8.01 0.71 -3.38
CA VAL A 25 9.21 1.54 -3.48
C VAL A 25 8.94 2.96 -2.97
N PHE A 26 9.73 3.39 -2.01
CA PHE A 26 9.58 4.73 -1.44
C PHE A 26 10.71 5.65 -1.90
N SER A 27 10.33 6.85 -2.32
CA SER A 27 11.30 7.84 -2.80
C SER A 27 11.70 8.78 -1.67
N ALA A 28 10.74 9.17 -0.85
CA ALA A 28 10.99 10.07 0.26
C ALA A 28 11.50 11.42 -0.23
N LEU A 29 10.78 12.01 -1.18
CA LEU A 29 11.17 13.30 -1.74
C LEU A 29 11.67 14.23 -0.65
N GLY A 30 11.13 14.09 0.55
CA GLY A 30 11.55 14.92 1.66
C GLY A 30 11.08 14.38 3.00
N PRO A 31 11.16 15.22 4.04
CA PRO A 31 10.75 14.84 5.39
C PRO A 31 9.24 14.68 5.53
N THR A 32 8.50 15.43 4.71
CA THR A 32 7.05 15.37 4.73
C THR A 32 6.50 14.94 3.37
N SER A 33 7.33 14.30 2.57
CA SER A 33 6.93 13.84 1.24
C SER A 33 7.48 12.45 0.96
N LEU A 34 6.72 11.67 0.20
CA LEU A 34 7.13 10.30 -0.15
C LEU A 34 6.46 9.86 -1.44
N ARG A 35 7.00 8.80 -2.04
CA ARG A 35 6.44 8.25 -3.28
C ARG A 35 6.44 6.73 -3.25
N VAL A 36 5.25 6.16 -3.04
CA VAL A 36 5.10 4.72 -2.99
C VAL A 36 4.77 4.15 -4.37
N SER A 37 5.57 3.18 -4.80
CA SER A 37 5.37 2.55 -6.10
C SER A 37 5.32 1.03 -5.97
N TRP A 38 4.35 0.42 -6.66
CA TRP A 38 4.20 -1.03 -6.62
C TRP A 38 4.06 -1.60 -8.02
N GLN A 39 3.81 -2.90 -8.11
CA GLN A 39 3.66 -3.56 -9.40
C GLN A 39 2.26 -4.16 -9.56
N GLU A 40 1.79 -4.22 -10.79
CA GLU A 40 0.46 -4.76 -11.08
C GLU A 40 0.41 -6.25 -10.80
N PRO A 41 -0.37 -6.63 -9.77
CA PRO A 41 -0.52 -8.04 -9.37
C PRO A 41 -1.31 -8.84 -10.39
N ARG A 42 -1.28 -10.16 -10.24
CA ARG A 42 -2.00 -11.05 -11.15
C ARG A 42 -3.50 -11.03 -10.86
N CYS A 43 -4.29 -10.94 -11.93
CA CYS A 43 -5.75 -10.91 -11.80
C CYS A 43 -6.43 -11.28 -13.11
N GLU A 44 -7.28 -12.30 -13.06
CA GLU A 44 -7.99 -12.75 -14.25
C GLU A 44 -8.92 -11.66 -14.77
N ARG A 45 -9.30 -10.74 -13.89
CA ARG A 45 -10.19 -9.65 -14.27
C ARG A 45 -9.42 -8.34 -14.40
N PRO A 46 -9.93 -7.43 -15.24
CA PRO A 46 -9.31 -6.12 -15.47
C PRO A 46 -9.42 -5.21 -14.26
N LEU A 47 -8.28 -4.68 -13.81
CA LEU A 47 -8.24 -3.79 -12.65
C LEU A 47 -8.89 -2.45 -12.99
N GLN A 48 -9.50 -1.83 -11.99
CA GLN A 48 -10.15 -0.53 -12.17
C GLN A 48 -9.32 0.59 -11.58
N GLY A 49 -8.46 0.24 -10.61
CA GLY A 49 -7.62 1.24 -9.98
C GLY A 49 -6.72 0.64 -8.92
N TYR A 50 -6.47 1.40 -7.86
CA TYR A 50 -5.61 0.93 -6.77
C TYR A 50 -5.93 1.66 -5.48
N SER A 51 -5.38 1.16 -4.36
CA SER A 51 -5.62 1.76 -3.06
C SER A 51 -4.35 1.72 -2.21
N VAL A 52 -4.08 2.81 -1.50
CA VAL A 52 -2.91 2.90 -0.65
C VAL A 52 -3.28 3.39 0.75
N GLU A 53 -3.31 2.47 1.70
CA GLU A 53 -3.64 2.81 3.08
C GLU A 53 -2.38 2.93 3.93
N TYR A 54 -2.14 4.13 4.44
CA TYR A 54 -0.96 4.39 5.27
C TYR A 54 -1.37 5.00 6.61
N GLN A 55 -0.64 4.63 7.66
CA GLN A 55 -0.92 5.13 9.00
C GLN A 55 0.29 4.93 9.91
N LEU A 56 0.39 5.79 10.93
CA LEU A 56 1.49 5.72 11.89
C LEU A 56 1.84 4.27 12.19
N LEU A 57 3.04 3.86 11.83
CA LEU A 57 3.50 2.49 12.08
C LEU A 57 3.08 2.02 13.47
N ASN A 58 3.41 2.81 14.48
CA ASN A 58 3.06 2.48 15.86
C ASN A 58 1.54 2.36 16.02
N GLY A 59 0.82 3.33 15.45
CA GLY A 59 -0.62 3.32 15.56
C GLY A 59 -1.21 4.72 15.64
N GLY A 60 -2.19 4.99 14.79
CA GLY A 60 -2.83 6.30 14.78
C GLY A 60 -3.76 6.49 13.61
N GLU A 61 -4.11 7.74 13.32
CA GLU A 61 -5.01 8.04 12.21
C GLU A 61 -4.62 7.27 10.96
N LEU A 62 -5.61 6.78 10.24
CA LEU A 62 -5.38 6.02 9.02
C LEU A 62 -5.75 6.82 7.79
N HIS A 63 -4.93 6.73 6.75
CA HIS A 63 -5.17 7.46 5.50
C HIS A 63 -5.35 6.49 4.34
N ARG A 64 -6.51 6.53 3.71
CA ARG A 64 -6.80 5.67 2.57
C ARG A 64 -6.79 6.45 1.26
N LEU A 65 -5.87 6.08 0.37
CA LEU A 65 -5.75 6.75 -0.92
C LEU A 65 -6.31 5.88 -2.05
N ASN A 66 -7.09 6.49 -2.92
CA ASN A 66 -7.69 5.77 -4.05
C ASN A 66 -7.09 6.22 -5.37
N ILE A 67 -6.88 5.28 -6.27
CA ILE A 67 -6.31 5.58 -7.57
C ILE A 67 -7.32 5.35 -8.68
N PRO A 68 -7.85 6.46 -9.24
CA PRO A 68 -8.84 6.41 -10.31
C PRO A 68 -8.24 5.92 -11.64
N ASN A 69 -6.97 5.53 -11.59
CA ASN A 69 -6.28 5.05 -12.78
C ASN A 69 -5.59 3.72 -12.50
N PRO A 70 -6.05 2.65 -13.16
CA PRO A 70 -5.49 1.31 -13.00
C PRO A 70 -4.09 1.19 -13.60
N ALA A 71 -3.62 2.28 -14.20
CA ALA A 71 -2.29 2.30 -14.80
C ALA A 71 -1.26 2.89 -13.84
N GLN A 72 -1.70 3.82 -13.00
CA GLN A 72 -0.82 4.46 -12.03
C GLN A 72 -0.58 3.55 -10.82
N THR A 73 0.57 2.89 -10.81
CA THR A 73 0.91 1.99 -9.72
C THR A 73 1.82 2.68 -8.70
N SER A 74 1.83 4.01 -8.73
CA SER A 74 2.66 4.79 -7.82
C SER A 74 1.95 6.08 -7.42
N VAL A 75 2.04 6.42 -6.13
CA VAL A 75 1.41 7.63 -5.62
C VAL A 75 2.34 8.37 -4.67
N VAL A 76 2.26 9.70 -4.70
CA VAL A 76 3.09 10.53 -3.84
C VAL A 76 2.38 10.89 -2.55
N VAL A 77 2.95 10.47 -1.42
CA VAL A 77 2.37 10.74 -0.11
C VAL A 77 3.05 11.94 0.55
N GLU A 78 2.24 12.90 0.98
CA GLU A 78 2.77 14.10 1.63
C GLU A 78 2.00 14.39 2.92
N ASP A 79 2.36 15.49 3.58
CA ASP A 79 1.72 15.89 4.81
C ASP A 79 1.92 14.82 5.89
N LEU A 80 3.15 14.38 6.06
CA LEU A 80 3.49 13.37 7.05
C LEU A 80 4.19 13.99 8.26
N LEU A 81 4.58 13.15 9.21
CA LEU A 81 5.27 13.62 10.40
C LEU A 81 6.74 13.20 10.39
N PRO A 82 7.62 14.13 10.78
CA PRO A 82 9.07 13.87 10.83
C PRO A 82 9.45 12.89 11.93
N ASN A 83 10.44 12.05 11.66
CA ASN A 83 10.91 11.07 12.63
C ASN A 83 9.75 10.20 13.11
N HIS A 84 8.94 9.71 12.17
CA HIS A 84 7.80 8.87 12.50
C HIS A 84 7.61 7.78 11.45
N SER A 85 7.40 6.55 11.91
CA SER A 85 7.21 5.42 11.01
C SER A 85 5.78 5.37 10.49
N TYR A 86 5.59 4.78 9.31
CA TYR A 86 4.28 4.67 8.70
C TYR A 86 4.14 3.36 7.93
N VAL A 87 3.10 2.61 8.25
CA VAL A 87 2.85 1.33 7.58
C VAL A 87 2.03 1.52 6.32
N PHE A 88 2.70 1.48 5.17
CA PHE A 88 2.03 1.66 3.89
C PHE A 88 1.56 0.32 3.34
N ARG A 89 0.24 0.12 3.32
CA ARG A 89 -0.34 -1.12 2.81
C ARG A 89 -1.09 -0.88 1.51
N VAL A 90 -0.42 -1.14 0.39
CA VAL A 90 -1.03 -0.95 -0.93
C VAL A 90 -1.74 -2.22 -1.39
N ARG A 91 -2.72 -2.05 -2.26
CA ARG A 91 -3.49 -3.18 -2.78
C ARG A 91 -4.07 -2.85 -4.16
N ALA A 92 -4.87 -3.78 -4.69
CA ALA A 92 -5.48 -3.59 -6.00
C ALA A 92 -6.95 -4.01 -5.97
N GLN A 93 -7.71 -3.52 -6.94
CA GLN A 93 -9.14 -3.85 -7.03
C GLN A 93 -9.49 -4.38 -8.42
N SER A 94 -10.37 -5.37 -8.45
CA SER A 94 -10.79 -5.98 -9.71
C SER A 94 -12.27 -6.32 -9.69
N GLN A 95 -12.82 -6.67 -10.85
CA GLN A 95 -14.23 -7.01 -10.96
C GLN A 95 -14.71 -7.73 -9.70
N GLU A 96 -13.87 -8.63 -9.18
CA GLU A 96 -14.22 -9.38 -7.97
C GLU A 96 -14.26 -8.47 -6.75
N GLY A 97 -13.13 -7.82 -6.47
CA GLY A 97 -13.06 -6.92 -5.33
C GLY A 97 -11.63 -6.70 -4.86
N TRP A 98 -11.49 -5.96 -3.78
CA TRP A 98 -10.17 -5.66 -3.22
C TRP A 98 -9.52 -6.92 -2.66
N GLY A 99 -8.37 -7.30 -3.22
CA GLY A 99 -7.67 -8.47 -2.76
C GLY A 99 -6.80 -8.21 -1.55
N ARG A 100 -5.62 -8.82 -1.52
CA ARG A 100 -4.69 -8.63 -0.41
C ARG A 100 -3.95 -7.31 -0.55
N GLU A 101 -3.03 -7.06 0.39
CA GLU A 101 -2.25 -5.83 0.38
C GLU A 101 -0.86 -6.07 0.97
N ARG A 102 0.16 -5.56 0.29
CA ARG A 102 1.54 -5.71 0.74
C ARG A 102 1.90 -4.64 1.76
N GLU A 103 2.66 -5.04 2.78
CA GLU A 103 3.08 -4.12 3.83
C GLU A 103 4.39 -3.42 3.46
N GLY A 104 4.47 -2.13 3.74
CA GLY A 104 5.66 -1.37 3.43
C GLY A 104 5.89 -0.23 4.40
N VAL A 105 6.51 -0.54 5.54
CA VAL A 105 6.79 0.46 6.56
C VAL A 105 7.94 1.37 6.13
N ILE A 106 7.82 2.65 6.47
CA ILE A 106 8.86 3.63 6.12
C ILE A 106 9.20 4.51 7.31
N THR A 107 10.46 4.95 7.36
CA THR A 107 10.92 5.80 8.45
C THR A 107 11.47 7.12 7.93
N ILE A 108 10.94 8.23 8.43
CA ILE A 108 11.38 9.55 8.01
C ILE A 108 12.74 9.89 8.61
N GLU A 109 13.71 10.19 7.75
CA GLU A 109 15.05 10.53 8.20
C GLU A 109 15.49 11.88 7.62
N SER A 110 15.43 12.91 8.45
CA SER A 110 15.82 14.26 8.02
C SER A 110 17.28 14.53 8.34
N GLN A 111 17.65 14.33 9.60
CA GLN A 111 19.03 14.55 10.03
C GLN A 111 19.90 13.33 9.75
N VAL A 112 20.68 13.41 8.68
CA VAL A 112 21.56 12.31 8.30
C VAL A 112 22.67 12.12 9.31
N SER A 113 22.88 10.87 9.74
CA SER A 113 23.91 10.56 10.71
C SER A 113 24.93 9.59 10.14
N GLY A 114 25.99 10.13 9.53
CA GLY A 114 27.01 9.29 8.94
C GLY A 114 27.51 8.22 9.89
N PRO A 115 28.01 7.11 9.33
CA PRO A 115 28.53 5.99 10.13
C PRO A 115 29.83 6.34 10.83
N SER A 116 30.46 7.43 10.41
CA SER A 116 31.72 7.87 11.00
C SER A 116 31.55 8.13 12.49
N SER A 117 32.67 8.32 13.18
CA SER A 117 32.65 8.57 14.62
C SER A 117 32.58 10.07 14.91
N GLY A 118 31.65 10.44 15.79
CA GLY A 118 31.49 11.84 16.13
C GLY A 118 30.34 12.50 15.40
N GLY A 1 -28.19 -5.66 15.29
CA GLY A 1 -27.02 -5.10 15.96
C GLY A 1 -25.73 -5.75 15.50
N SER A 2 -25.29 -5.38 14.30
CA SER A 2 -24.06 -5.93 13.74
C SER A 2 -22.84 -5.41 14.49
N SER A 3 -22.08 -6.31 15.09
CA SER A 3 -20.89 -5.94 15.84
C SER A 3 -19.94 -7.12 15.98
N GLY A 4 -18.69 -6.84 16.35
CA GLY A 4 -17.70 -7.89 16.51
C GLY A 4 -16.51 -7.71 15.58
N SER A 5 -15.71 -8.76 15.45
CA SER A 5 -14.52 -8.72 14.60
C SER A 5 -14.64 -9.72 13.46
N SER A 6 -13.65 -9.73 12.58
CA SER A 6 -13.63 -10.64 11.44
C SER A 6 -13.75 -12.08 11.91
N GLY A 7 -14.95 -12.66 11.74
CA GLY A 7 -15.17 -14.03 12.15
C GLY A 7 -14.26 -15.01 11.44
N SER A 8 -13.96 -16.13 12.08
CA SER A 8 -13.09 -17.14 11.50
C SER A 8 -13.81 -17.91 10.39
N HIS A 9 -13.86 -17.33 9.21
CA HIS A 9 -14.51 -17.94 8.07
C HIS A 9 -14.30 -17.14 6.80
N ASP A 10 -14.80 -17.65 5.68
CA ASP A 10 -14.66 -16.96 4.40
C ASP A 10 -16.02 -16.53 3.86
N SER A 11 -16.29 -15.23 3.92
CA SER A 11 -17.55 -14.68 3.45
C SER A 11 -17.89 -15.22 2.06
N ARG A 12 -16.92 -15.15 1.14
CA ARG A 12 -17.11 -15.63 -0.22
C ARG A 12 -15.79 -16.08 -0.82
N LEU A 13 -15.86 -17.11 -1.66
CA LEU A 13 -14.67 -17.64 -2.31
C LEU A 13 -14.13 -16.68 -3.37
N THR A 14 -12.96 -16.11 -3.11
CA THR A 14 -12.35 -15.17 -4.05
C THR A 14 -11.52 -15.90 -5.10
N ALA A 15 -11.79 -15.61 -6.37
CA ALA A 15 -11.07 -16.24 -7.46
C ALA A 15 -10.47 -15.19 -8.41
N GLY A 16 -11.34 -14.34 -8.95
CA GLY A 16 -10.88 -13.30 -9.86
C GLY A 16 -10.38 -12.07 -9.12
N VAL A 17 -9.61 -12.29 -8.06
CA VAL A 17 -9.06 -11.19 -7.27
C VAL A 17 -7.56 -11.03 -7.53
N PRO A 18 -7.09 -9.77 -7.48
CA PRO A 18 -5.67 -9.45 -7.70
C PRO A 18 -4.79 -9.94 -6.57
N ASP A 19 -3.82 -10.79 -6.90
CA ASP A 19 -2.89 -11.32 -5.90
C ASP A 19 -2.12 -10.21 -5.22
N THR A 20 -1.65 -10.48 -4.01
CA THR A 20 -0.89 -9.49 -3.24
C THR A 20 0.13 -8.78 -4.12
N PRO A 21 0.16 -7.44 -4.04
CA PRO A 21 1.09 -6.62 -4.82
C PRO A 21 2.52 -6.77 -4.35
N THR A 22 3.44 -6.95 -5.30
CA THR A 22 4.85 -7.10 -4.98
C THR A 22 5.34 -5.98 -4.06
N ARG A 23 6.56 -6.12 -3.57
CA ARG A 23 7.15 -5.12 -2.68
C ARG A 23 6.88 -3.71 -3.20
N LEU A 24 6.86 -2.75 -2.29
CA LEU A 24 6.62 -1.35 -2.66
C LEU A 24 7.93 -0.59 -2.81
N VAL A 25 7.84 0.67 -3.24
CA VAL A 25 9.02 1.50 -3.42
C VAL A 25 8.77 2.92 -2.96
N PHE A 26 9.47 3.35 -1.92
CA PHE A 26 9.33 4.69 -1.37
C PHE A 26 10.40 5.62 -1.92
N SER A 27 9.98 6.82 -2.30
CA SER A 27 10.91 7.81 -2.85
C SER A 27 11.36 8.79 -1.77
N ALA A 28 10.43 9.17 -0.90
CA ALA A 28 10.73 10.11 0.18
C ALA A 28 11.18 11.45 -0.37
N LEU A 29 10.38 12.03 -1.25
CA LEU A 29 10.70 13.32 -1.85
C LEU A 29 11.19 14.32 -0.79
N GLY A 30 10.76 14.09 0.45
CA GLY A 30 11.17 14.97 1.54
C GLY A 30 10.76 14.43 2.89
N PRO A 31 10.87 15.29 3.92
CA PRO A 31 10.51 14.92 5.30
C PRO A 31 9.01 14.73 5.48
N THR A 32 8.23 15.45 4.67
CA THR A 32 6.78 15.36 4.74
C THR A 32 6.19 14.93 3.41
N SER A 33 7.01 14.30 2.57
CA SER A 33 6.56 13.84 1.26
C SER A 33 7.12 12.45 0.96
N LEU A 34 6.34 11.66 0.22
CA LEU A 34 6.75 10.31 -0.14
C LEU A 34 6.07 9.86 -1.42
N ARG A 35 6.56 8.76 -2.01
CA ARG A 35 6.00 8.23 -3.24
C ARG A 35 6.11 6.71 -3.26
N VAL A 36 4.97 6.04 -3.08
CA VAL A 36 4.95 4.58 -3.09
C VAL A 36 4.59 4.04 -4.48
N SER A 37 5.37 3.07 -4.95
CA SER A 37 5.14 2.48 -6.26
C SER A 37 5.16 0.96 -6.18
N TRP A 38 4.07 0.33 -6.63
CA TRP A 38 3.98 -1.13 -6.61
C TRP A 38 4.08 -1.71 -8.02
N GLN A 39 3.89 -3.01 -8.13
CA GLN A 39 3.96 -3.68 -9.43
C GLN A 39 2.63 -4.36 -9.77
N GLU A 40 2.04 -3.96 -10.89
CA GLU A 40 0.77 -4.52 -11.33
C GLU A 40 0.74 -6.03 -11.12
N PRO A 41 0.06 -6.47 -10.06
CA PRO A 41 -0.06 -7.89 -9.72
C PRO A 41 -0.94 -8.65 -10.72
N ARG A 42 -1.02 -9.97 -10.53
CA ARG A 42 -1.82 -10.80 -11.42
C ARG A 42 -3.29 -10.76 -11.04
N CYS A 43 -4.16 -10.83 -12.04
CA CYS A 43 -5.60 -10.78 -11.81
C CYS A 43 -6.36 -11.21 -13.05
N GLU A 44 -7.12 -12.29 -12.94
CA GLU A 44 -7.90 -12.80 -14.06
C GLU A 44 -8.76 -11.70 -14.67
N ARG A 45 -9.15 -10.74 -13.85
CA ARG A 45 -9.98 -9.62 -14.31
C ARG A 45 -9.17 -8.33 -14.36
N PRO A 46 -9.57 -7.41 -15.25
CA PRO A 46 -8.90 -6.12 -15.42
C PRO A 46 -9.11 -5.20 -14.21
N LEU A 47 -8.01 -4.68 -13.68
CA LEU A 47 -8.06 -3.78 -12.52
C LEU A 47 -8.76 -2.48 -12.88
N GLN A 48 -9.39 -1.85 -11.89
CA GLN A 48 -10.09 -0.59 -12.10
C GLN A 48 -9.33 0.57 -11.47
N GLY A 49 -8.38 0.24 -10.60
CA GLY A 49 -7.60 1.27 -9.94
C GLY A 49 -6.65 0.71 -8.91
N TYR A 50 -6.39 1.49 -7.86
CA TYR A 50 -5.47 1.05 -6.80
C TYR A 50 -5.78 1.80 -5.50
N SER A 51 -5.27 1.26 -4.39
CA SER A 51 -5.49 1.85 -3.08
C SER A 51 -4.22 1.77 -2.23
N VAL A 52 -3.87 2.88 -1.59
CA VAL A 52 -2.69 2.92 -0.74
C VAL A 52 -3.03 3.46 0.65
N GLU A 53 -3.21 2.54 1.59
CA GLU A 53 -3.55 2.92 2.96
C GLU A 53 -2.31 2.93 3.84
N TYR A 54 -2.00 4.08 4.42
CA TYR A 54 -0.83 4.22 5.28
C TYR A 54 -1.20 4.89 6.60
N GLN A 55 -0.59 4.44 7.68
CA GLN A 55 -0.85 4.99 9.01
C GLN A 55 0.39 4.90 9.89
N LEU A 56 0.39 5.68 10.98
CA LEU A 56 1.51 5.69 11.90
C LEU A 56 1.87 4.27 12.34
N LEU A 57 3.09 3.86 12.03
CA LEU A 57 3.56 2.52 12.39
C LEU A 57 3.24 2.22 13.86
N ASN A 58 3.49 3.20 14.72
CA ASN A 58 3.24 3.04 16.14
C ASN A 58 1.75 2.91 16.42
N GLY A 59 0.96 3.78 15.80
CA GLY A 59 -0.47 3.75 15.99
C GLY A 59 -1.10 5.13 15.92
N GLY A 60 -1.68 5.45 14.76
CA GLY A 60 -2.31 6.75 14.58
C GLY A 60 -3.32 6.74 13.45
N GLU A 61 -3.83 7.93 13.11
CA GLU A 61 -4.81 8.05 12.04
C GLU A 61 -4.39 7.24 10.82
N LEU A 62 -5.36 6.93 9.96
CA LEU A 62 -5.09 6.15 8.76
C LEU A 62 -5.49 6.93 7.51
N HIS A 63 -4.52 7.19 6.64
CA HIS A 63 -4.77 7.93 5.41
C HIS A 63 -5.02 6.97 4.24
N ARG A 64 -6.19 7.08 3.63
CA ARG A 64 -6.56 6.22 2.51
C ARG A 64 -6.39 6.97 1.19
N LEU A 65 -5.60 6.39 0.29
CA LEU A 65 -5.36 7.00 -1.02
C LEU A 65 -5.91 6.13 -2.13
N ASN A 66 -6.85 6.68 -2.89
CA ASN A 66 -7.47 5.95 -4.00
C ASN A 66 -6.87 6.38 -5.33
N ILE A 67 -6.79 5.44 -6.26
CA ILE A 67 -6.23 5.72 -7.58
C ILE A 67 -7.27 5.52 -8.67
N PRO A 68 -7.74 6.64 -9.26
CA PRO A 68 -8.75 6.61 -10.32
C PRO A 68 -8.19 6.03 -11.62
N ASN A 69 -6.94 5.59 -11.59
CA ASN A 69 -6.31 5.01 -12.77
C ASN A 69 -5.63 3.69 -12.42
N PRO A 70 -6.09 2.60 -13.05
CA PRO A 70 -5.55 1.26 -12.83
C PRO A 70 -4.14 1.11 -13.40
N ALA A 71 -3.72 2.08 -14.20
CA ALA A 71 -2.40 2.05 -14.81
C ALA A 71 -1.36 2.72 -13.91
N GLN A 72 -1.83 3.66 -13.09
CA GLN A 72 -0.94 4.39 -12.18
C GLN A 72 -0.52 3.49 -11.01
N THR A 73 0.68 2.93 -11.10
CA THR A 73 1.20 2.07 -10.07
C THR A 73 2.15 2.81 -9.15
N SER A 74 1.89 4.11 -8.95
CA SER A 74 2.72 4.94 -8.10
C SER A 74 1.96 6.17 -7.63
N VAL A 75 1.91 6.37 -6.32
CA VAL A 75 1.22 7.51 -5.74
C VAL A 75 2.13 8.30 -4.80
N VAL A 76 1.85 9.58 -4.67
CA VAL A 76 2.64 10.44 -3.80
C VAL A 76 1.92 10.74 -2.49
N VAL A 77 2.55 10.41 -1.38
CA VAL A 77 1.97 10.64 -0.06
C VAL A 77 2.64 11.82 0.64
N GLU A 78 1.83 12.82 0.99
CA GLU A 78 2.34 14.01 1.67
C GLU A 78 1.58 14.25 2.97
N ASP A 79 1.92 15.35 3.65
CA ASP A 79 1.28 15.70 4.90
C ASP A 79 1.59 14.67 5.98
N LEU A 80 2.86 14.27 6.07
CA LEU A 80 3.29 13.30 7.07
C LEU A 80 4.11 13.96 8.17
N LEU A 81 4.47 13.18 9.18
CA LEU A 81 5.25 13.68 10.29
C LEU A 81 6.70 13.20 10.21
N PRO A 82 7.65 14.09 10.54
CA PRO A 82 9.08 13.77 10.51
C PRO A 82 9.48 12.79 11.60
N ASN A 83 10.55 12.04 11.36
CA ASN A 83 11.03 11.06 12.32
C ASN A 83 9.88 10.23 12.88
N HIS A 84 9.04 9.72 11.98
CA HIS A 84 7.89 8.91 12.39
C HIS A 84 7.67 7.76 11.41
N SER A 85 7.49 6.56 11.95
CA SER A 85 7.28 5.37 11.12
C SER A 85 5.84 5.33 10.61
N TYR A 86 5.66 4.73 9.43
CA TYR A 86 4.35 4.62 8.83
C TYR A 86 4.21 3.31 8.05
N VAL A 87 3.14 2.58 8.34
CA VAL A 87 2.89 1.30 7.67
C VAL A 87 2.10 1.51 6.38
N PHE A 88 2.79 1.42 5.25
CA PHE A 88 2.15 1.59 3.95
C PHE A 88 1.64 0.26 3.41
N ARG A 89 0.33 0.17 3.20
CA ARG A 89 -0.27 -1.06 2.68
C ARG A 89 -0.93 -0.80 1.33
N VAL A 90 -0.32 -1.33 0.28
CA VAL A 90 -0.86 -1.17 -1.07
C VAL A 90 -1.67 -2.39 -1.50
N ARG A 91 -2.66 -2.16 -2.36
CA ARG A 91 -3.51 -3.24 -2.84
C ARG A 91 -4.18 -2.85 -4.16
N ALA A 92 -4.68 -3.86 -4.88
CA ALA A 92 -5.36 -3.62 -6.15
C ALA A 92 -6.81 -4.07 -6.09
N GLN A 93 -7.65 -3.47 -6.94
CA GLN A 93 -9.06 -3.80 -6.98
C GLN A 93 -9.45 -4.33 -8.37
N SER A 94 -10.41 -5.25 -8.39
CA SER A 94 -10.87 -5.83 -9.64
C SER A 94 -12.37 -6.09 -9.61
N GLN A 95 -12.92 -6.56 -10.72
CA GLN A 95 -14.35 -6.85 -10.81
C GLN A 95 -14.84 -7.57 -9.56
N GLU A 96 -14.05 -8.54 -9.10
CA GLU A 96 -14.42 -9.30 -7.91
C GLU A 96 -14.41 -8.41 -6.66
N GLY A 97 -13.27 -7.79 -6.40
CA GLY A 97 -13.16 -6.92 -5.24
C GLY A 97 -11.72 -6.62 -4.87
N TRP A 98 -11.50 -6.14 -3.65
CA TRP A 98 -10.17 -5.82 -3.17
C TRP A 98 -9.46 -7.06 -2.64
N GLY A 99 -8.36 -7.43 -3.28
CA GLY A 99 -7.61 -8.60 -2.86
C GLY A 99 -6.77 -8.33 -1.62
N ARG A 100 -5.56 -8.86 -1.60
CA ARG A 100 -4.66 -8.69 -0.47
C ARG A 100 -3.93 -7.35 -0.55
N GLU A 101 -3.01 -7.12 0.37
CA GLU A 101 -2.24 -5.88 0.40
C GLU A 101 -0.86 -6.10 1.01
N ARG A 102 0.17 -5.61 0.32
CA ARG A 102 1.53 -5.76 0.79
C ARG A 102 1.89 -4.67 1.81
N GLU A 103 2.50 -5.08 2.91
CA GLU A 103 2.88 -4.14 3.96
C GLU A 103 4.26 -3.56 3.69
N GLY A 104 4.43 -2.27 3.97
CA GLY A 104 5.70 -1.62 3.76
C GLY A 104 5.91 -0.43 4.68
N VAL A 105 6.56 -0.68 5.82
CA VAL A 105 6.82 0.38 6.79
C VAL A 105 7.96 1.28 6.33
N ILE A 106 7.82 2.58 6.59
CA ILE A 106 8.84 3.54 6.20
C ILE A 106 9.27 4.40 7.39
N THR A 107 10.52 4.83 7.38
CA THR A 107 11.05 5.66 8.45
C THR A 107 11.53 7.01 7.92
N ILE A 108 10.82 8.07 8.27
CA ILE A 108 11.18 9.42 7.83
C ILE A 108 12.53 9.84 8.41
N GLU A 109 13.52 9.99 7.54
CA GLU A 109 14.85 10.39 7.96
C GLU A 109 15.23 11.74 7.37
N SER A 110 15.32 12.77 8.21
CA SER A 110 15.66 14.11 7.77
C SER A 110 17.01 14.54 8.34
N GLN A 111 18.05 14.48 7.51
CA GLN A 111 19.39 14.86 7.93
C GLN A 111 19.97 15.93 7.00
N VAL A 112 19.13 16.88 6.61
CA VAL A 112 19.56 17.96 5.73
C VAL A 112 21.01 18.37 6.02
N SER A 113 21.25 18.76 7.27
CA SER A 113 22.59 19.18 7.68
C SER A 113 23.41 17.98 8.15
N GLY A 114 24.74 18.18 8.24
CA GLY A 114 25.61 17.11 8.67
C GLY A 114 26.69 17.60 9.62
N PRO A 115 27.06 16.76 10.59
CA PRO A 115 28.08 17.09 11.59
C PRO A 115 29.47 17.15 10.99
N SER A 116 29.57 16.81 9.71
CA SER A 116 30.86 16.83 9.00
C SER A 116 31.08 18.17 8.30
N SER A 117 30.11 18.56 7.47
CA SER A 117 30.20 19.81 6.74
C SER A 117 29.74 20.98 7.60
N GLY A 118 28.72 20.74 8.42
CA GLY A 118 28.21 21.79 9.29
C GLY A 118 28.22 21.39 10.75
N GLY A 1 -15.01 -6.23 13.81
CA GLY A 1 -15.84 -7.42 13.84
C GLY A 1 -15.06 -8.66 14.21
N SER A 2 -15.38 -9.78 13.56
CA SER A 2 -14.71 -11.04 13.84
C SER A 2 -13.22 -10.95 13.50
N SER A 3 -12.41 -11.74 14.19
CA SER A 3 -10.97 -11.75 13.96
C SER A 3 -10.65 -12.13 12.51
N GLY A 4 -11.09 -13.32 12.11
CA GLY A 4 -10.85 -13.77 10.76
C GLY A 4 -11.19 -15.25 10.58
N SER A 5 -11.24 -15.69 9.32
CA SER A 5 -11.56 -17.08 9.01
C SER A 5 -10.54 -17.67 8.04
N SER A 6 -9.27 -17.37 8.28
CA SER A 6 -8.20 -17.87 7.42
C SER A 6 -7.83 -19.30 7.78
N GLY A 7 -7.66 -20.14 6.78
CA GLY A 7 -7.30 -21.52 7.02
C GLY A 7 -8.44 -22.48 6.71
N SER A 8 -9.16 -22.21 5.62
CA SER A 8 -10.28 -23.05 5.23
C SER A 8 -10.21 -23.40 3.75
N HIS A 9 -10.62 -24.62 3.41
CA HIS A 9 -10.61 -25.07 2.03
C HIS A 9 -12.02 -25.30 1.50
N ASP A 10 -12.44 -24.46 0.57
CA ASP A 10 -13.77 -24.58 -0.02
C ASP A 10 -13.73 -24.32 -1.53
N SER A 11 -14.90 -24.35 -2.15
CA SER A 11 -15.00 -24.13 -3.59
C SER A 11 -15.37 -22.69 -3.90
N ARG A 12 -16.38 -22.18 -3.19
CA ARG A 12 -16.83 -20.82 -3.39
C ARG A 12 -15.79 -19.82 -2.91
N LEU A 13 -14.92 -19.39 -3.82
CA LEU A 13 -13.87 -18.43 -3.49
C LEU A 13 -13.63 -17.47 -4.64
N THR A 14 -13.53 -16.17 -4.32
CA THR A 14 -13.31 -15.15 -5.33
C THR A 14 -12.41 -15.67 -6.45
N ALA A 15 -12.97 -15.80 -7.64
CA ALA A 15 -12.22 -16.29 -8.79
C ALA A 15 -11.92 -15.15 -9.77
N GLY A 16 -10.79 -14.49 -9.57
CA GLY A 16 -10.41 -13.38 -10.44
C GLY A 16 -9.94 -12.17 -9.67
N VAL A 17 -9.37 -12.41 -8.48
CA VAL A 17 -8.88 -11.32 -7.65
C VAL A 17 -7.38 -11.11 -7.85
N PRO A 18 -6.94 -9.86 -7.71
CA PRO A 18 -5.53 -9.49 -7.87
C PRO A 18 -4.66 -10.02 -6.73
N ASP A 19 -3.66 -10.83 -7.08
CA ASP A 19 -2.77 -11.41 -6.09
C ASP A 19 -1.99 -10.32 -5.36
N THR A 20 -1.54 -10.64 -4.14
CA THR A 20 -0.81 -9.68 -3.33
C THR A 20 0.24 -8.95 -4.17
N PRO A 21 0.23 -7.61 -4.07
CA PRO A 21 1.16 -6.76 -4.82
C PRO A 21 2.60 -6.89 -4.29
N THR A 22 3.56 -6.90 -5.22
CA THR A 22 4.96 -7.01 -4.85
C THR A 22 5.38 -5.89 -3.91
N ARG A 23 6.62 -5.95 -3.44
CA ARG A 23 7.14 -4.93 -2.52
C ARG A 23 6.88 -3.53 -3.06
N LEU A 24 6.82 -2.56 -2.16
CA LEU A 24 6.57 -1.17 -2.55
C LEU A 24 7.88 -0.40 -2.65
N VAL A 25 7.87 0.67 -3.45
CA VAL A 25 9.05 1.50 -3.64
C VAL A 25 8.83 2.91 -3.09
N PHE A 26 9.58 3.27 -2.07
CA PHE A 26 9.47 4.59 -1.46
C PHE A 26 10.56 5.52 -1.96
N SER A 27 10.18 6.74 -2.33
CA SER A 27 11.13 7.72 -2.83
C SER A 27 11.58 8.67 -1.72
N ALA A 28 10.63 9.04 -0.86
CA ALA A 28 10.92 9.95 0.25
C ALA A 28 11.41 11.29 -0.26
N LEU A 29 10.69 11.86 -1.22
CA LEU A 29 11.04 13.15 -1.79
C LEU A 29 11.58 14.10 -0.71
N GLY A 30 11.12 13.90 0.52
CA GLY A 30 11.56 14.75 1.62
C GLY A 30 11.09 14.22 2.96
N PRO A 31 11.23 15.06 4.00
CA PRO A 31 10.83 14.70 5.37
C PRO A 31 9.31 14.61 5.52
N THR A 32 8.60 15.37 4.69
CA THR A 32 7.14 15.37 4.74
C THR A 32 6.55 14.96 3.40
N SER A 33 7.34 14.25 2.60
CA SER A 33 6.89 13.79 1.28
C SER A 33 7.41 12.40 0.99
N LEU A 34 6.63 11.62 0.24
CA LEU A 34 7.01 10.26 -0.12
C LEU A 34 6.31 9.82 -1.40
N ARG A 35 6.80 8.72 -1.98
CA ARG A 35 6.22 8.20 -3.20
C ARG A 35 6.22 6.67 -3.21
N VAL A 36 5.05 6.07 -2.98
CA VAL A 36 4.93 4.62 -2.96
C VAL A 36 4.56 4.08 -4.34
N SER A 37 5.37 3.15 -4.83
CA SER A 37 5.14 2.55 -6.14
C SER A 37 5.18 1.02 -6.04
N TRP A 38 4.15 0.38 -6.60
CA TRP A 38 4.05 -1.07 -6.57
C TRP A 38 4.16 -1.64 -7.99
N GLN A 39 4.03 -2.97 -8.10
CA GLN A 39 4.12 -3.64 -9.40
C GLN A 39 2.81 -4.35 -9.72
N GLU A 40 2.13 -3.87 -10.76
CA GLU A 40 0.86 -4.46 -11.17
C GLU A 40 0.87 -5.97 -10.94
N PRO A 41 0.12 -6.42 -9.93
CA PRO A 41 0.01 -7.85 -9.58
C PRO A 41 -0.74 -8.65 -10.63
N ARG A 42 -0.67 -9.96 -10.52
CA ARG A 42 -1.36 -10.85 -11.47
C ARG A 42 -2.87 -10.85 -11.20
N CYS A 43 -3.64 -10.85 -12.29
CA CYS A 43 -5.09 -10.83 -12.18
C CYS A 43 -5.74 -11.22 -13.51
N GLU A 44 -6.60 -12.24 -13.47
CA GLU A 44 -7.28 -12.71 -14.67
C GLU A 44 -8.20 -11.64 -15.23
N ARG A 45 -8.61 -10.71 -14.37
CA ARG A 45 -9.48 -9.63 -14.80
C ARG A 45 -8.78 -8.27 -14.70
N PRO A 46 -9.23 -7.31 -15.52
CA PRO A 46 -8.65 -5.97 -15.55
C PRO A 46 -8.96 -5.17 -14.28
N LEU A 47 -7.95 -4.49 -13.75
CA LEU A 47 -8.11 -3.69 -12.54
C LEU A 47 -8.81 -2.38 -12.85
N GLN A 48 -9.60 -1.89 -11.89
CA GLN A 48 -10.31 -0.63 -12.07
C GLN A 48 -9.55 0.52 -11.45
N GLY A 49 -8.62 0.20 -10.55
CA GLY A 49 -7.84 1.23 -9.90
C GLY A 49 -6.86 0.66 -8.89
N TYR A 50 -6.56 1.44 -7.86
CA TYR A 50 -5.63 1.00 -6.81
C TYR A 50 -5.97 1.66 -5.48
N SER A 51 -5.34 1.16 -4.41
CA SER A 51 -5.57 1.69 -3.08
C SER A 51 -4.27 1.72 -2.27
N VAL A 52 -4.04 2.84 -1.58
CA VAL A 52 -2.83 2.99 -0.77
C VAL A 52 -3.16 3.55 0.61
N GLU A 53 -3.11 2.68 1.62
CA GLU A 53 -3.41 3.09 2.99
C GLU A 53 -2.13 3.21 3.80
N TYR A 54 -2.04 4.28 4.60
CA TYR A 54 -0.88 4.51 5.44
C TYR A 54 -1.28 5.12 6.78
N GLN A 55 -0.57 4.73 7.83
CA GLN A 55 -0.85 5.23 9.17
C GLN A 55 0.31 4.96 10.12
N LEU A 56 0.50 5.85 11.09
CA LEU A 56 1.58 5.70 12.06
C LEU A 56 1.83 4.23 12.39
N LEU A 57 3.03 3.75 12.07
CA LEU A 57 3.39 2.36 12.33
C LEU A 57 2.73 1.86 13.61
N ASN A 58 3.00 2.55 14.71
CA ASN A 58 2.43 2.19 16.01
C ASN A 58 0.92 2.15 15.94
N GLY A 59 0.31 3.22 15.44
CA GLY A 59 -1.13 3.29 15.34
C GLY A 59 -1.67 4.67 15.64
N GLY A 60 -2.35 5.26 14.67
CA GLY A 60 -2.91 6.58 14.85
C GLY A 60 -3.81 7.00 13.70
N GLU A 61 -3.49 8.12 13.07
CA GLU A 61 -4.29 8.63 11.95
C GLU A 61 -4.10 7.76 10.72
N LEU A 62 -5.20 7.25 10.18
CA LEU A 62 -5.15 6.41 8.99
C LEU A 62 -5.64 7.16 7.76
N HIS A 63 -4.79 7.25 6.75
CA HIS A 63 -5.15 7.95 5.51
C HIS A 63 -5.32 6.96 4.36
N ARG A 64 -6.51 6.96 3.76
CA ARG A 64 -6.81 6.06 2.66
C ARG A 64 -6.71 6.80 1.32
N LEU A 65 -5.86 6.29 0.43
CA LEU A 65 -5.68 6.91 -0.89
C LEU A 65 -6.20 5.99 -1.99
N ASN A 66 -6.90 6.57 -2.95
CA ASN A 66 -7.46 5.81 -4.06
C ASN A 66 -6.88 6.28 -5.39
N ILE A 67 -6.72 5.35 -6.33
CA ILE A 67 -6.17 5.67 -7.63
C ILE A 67 -7.22 5.48 -8.73
N PRO A 68 -7.68 6.60 -9.32
CA PRO A 68 -8.68 6.57 -10.40
C PRO A 68 -8.13 5.98 -11.69
N ASN A 69 -6.89 5.52 -11.64
CA ASN A 69 -6.25 4.93 -12.82
C ASN A 69 -5.57 3.61 -12.47
N PRO A 70 -6.06 2.51 -13.06
CA PRO A 70 -5.52 1.17 -12.83
C PRO A 70 -4.13 1.00 -13.43
N ALA A 71 -3.66 2.02 -14.12
CA ALA A 71 -2.34 1.98 -14.74
C ALA A 71 -1.30 2.70 -13.88
N GLN A 72 -1.76 3.67 -13.10
CA GLN A 72 -0.87 4.43 -12.23
C GLN A 72 -0.44 3.59 -11.03
N THR A 73 0.77 3.06 -11.09
CA THR A 73 1.31 2.24 -10.01
C THR A 73 2.29 3.03 -9.15
N SER A 74 1.98 4.30 -8.95
CA SER A 74 2.84 5.17 -8.14
C SER A 74 2.05 6.36 -7.59
N VAL A 75 2.05 6.50 -6.28
CA VAL A 75 1.33 7.59 -5.63
C VAL A 75 2.25 8.36 -4.68
N VAL A 76 2.19 9.69 -4.74
CA VAL A 76 3.00 10.53 -3.89
C VAL A 76 2.27 10.90 -2.61
N VAL A 77 2.83 10.47 -1.48
CA VAL A 77 2.23 10.76 -0.17
C VAL A 77 2.86 11.98 0.47
N GLU A 78 2.02 12.84 1.04
CA GLU A 78 2.50 14.05 1.69
C GLU A 78 1.75 14.31 2.99
N ASP A 79 2.11 15.39 3.67
CA ASP A 79 1.46 15.74 4.93
C ASP A 79 1.71 14.69 5.99
N LEU A 80 2.97 14.29 6.13
CA LEU A 80 3.35 13.27 7.11
C LEU A 80 4.14 13.89 8.26
N LEU A 81 4.46 13.08 9.26
CA LEU A 81 5.21 13.54 10.42
C LEU A 81 6.66 13.09 10.34
N PRO A 82 7.59 14.00 10.65
CA PRO A 82 9.03 13.72 10.63
C PRO A 82 9.43 12.77 11.75
N ASN A 83 10.45 11.94 11.48
CA ASN A 83 10.94 10.99 12.47
C ASN A 83 9.80 10.14 13.02
N HIS A 84 8.95 9.65 12.12
CA HIS A 84 7.82 8.82 12.52
C HIS A 84 7.57 7.71 11.50
N SER A 85 7.50 6.47 11.99
CA SER A 85 7.28 5.32 11.12
C SER A 85 5.85 5.31 10.58
N TYR A 86 5.67 4.69 9.43
CA TYR A 86 4.35 4.61 8.81
C TYR A 86 4.19 3.30 8.04
N VAL A 87 3.15 2.54 8.39
CA VAL A 87 2.88 1.27 7.72
C VAL A 87 2.05 1.47 6.46
N PHE A 88 2.69 1.36 5.31
CA PHE A 88 2.02 1.53 4.03
C PHE A 88 1.54 0.19 3.49
N ARG A 89 0.24 0.09 3.25
CA ARG A 89 -0.35 -1.15 2.73
C ARG A 89 -1.07 -0.90 1.41
N VAL A 90 -0.45 -1.29 0.31
CA VAL A 90 -1.04 -1.11 -1.01
C VAL A 90 -1.81 -2.35 -1.45
N ARG A 91 -2.72 -2.16 -2.39
CA ARG A 91 -3.53 -3.27 -2.90
C ARG A 91 -4.19 -2.89 -4.23
N ALA A 92 -4.79 -3.89 -4.88
CA ALA A 92 -5.45 -3.66 -6.16
C ALA A 92 -6.88 -4.22 -6.14
N GLN A 93 -7.74 -3.65 -6.98
CA GLN A 93 -9.13 -4.08 -7.07
C GLN A 93 -9.47 -4.56 -8.47
N SER A 94 -10.31 -5.58 -8.56
CA SER A 94 -10.73 -6.13 -9.84
C SER A 94 -12.21 -6.44 -9.85
N GLN A 95 -12.75 -6.70 -11.04
CA GLN A 95 -14.17 -7.02 -11.19
C GLN A 95 -14.67 -7.82 -9.99
N GLU A 96 -13.85 -8.74 -9.51
CA GLU A 96 -14.22 -9.58 -8.37
C GLU A 96 -14.30 -8.74 -7.09
N GLY A 97 -13.16 -8.16 -6.70
CA GLY A 97 -13.12 -7.34 -5.50
C GLY A 97 -11.71 -7.05 -5.05
N TRP A 98 -11.58 -6.44 -3.87
CA TRP A 98 -10.27 -6.10 -3.33
C TRP A 98 -9.56 -7.34 -2.81
N GLY A 99 -8.36 -7.60 -3.35
CA GLY A 99 -7.60 -8.76 -2.93
C GLY A 99 -6.75 -8.49 -1.70
N ARG A 100 -5.53 -9.01 -1.70
CA ARG A 100 -4.61 -8.81 -0.58
C ARG A 100 -3.81 -7.52 -0.74
N GLU A 101 -3.04 -7.18 0.28
CA GLU A 101 -2.23 -5.97 0.25
C GLU A 101 -0.78 -6.28 0.61
N ARG A 102 0.09 -5.29 0.44
CA ARG A 102 1.51 -5.45 0.75
C ARG A 102 1.97 -4.41 1.78
N GLU A 103 2.43 -4.90 2.93
CA GLU A 103 2.90 -4.03 3.99
C GLU A 103 4.25 -3.42 3.64
N GLY A 104 4.39 -2.12 3.87
CA GLY A 104 5.63 -1.43 3.57
C GLY A 104 5.91 -0.29 4.53
N VAL A 105 6.52 -0.60 5.66
CA VAL A 105 6.83 0.41 6.67
C VAL A 105 7.96 1.32 6.18
N ILE A 106 7.92 2.58 6.60
CA ILE A 106 8.94 3.56 6.22
C ILE A 106 9.34 4.43 7.40
N THR A 107 10.59 4.86 7.42
CA THR A 107 11.09 5.71 8.48
C THR A 107 11.63 7.03 7.94
N ILE A 108 10.99 8.13 8.30
CA ILE A 108 11.40 9.45 7.85
C ILE A 108 12.72 9.86 8.51
N GLU A 109 13.79 9.84 7.71
CA GLU A 109 15.11 10.21 8.22
C GLU A 109 15.58 11.51 7.59
N SER A 110 15.50 12.59 8.35
CA SER A 110 15.93 13.90 7.86
C SER A 110 17.38 14.19 8.25
N GLN A 111 18.31 13.73 7.41
CA GLN A 111 19.72 13.94 7.65
C GLN A 111 20.31 14.93 6.65
N VAL A 112 20.22 16.21 6.98
CA VAL A 112 20.74 17.26 6.11
C VAL A 112 20.31 17.05 4.67
N SER A 113 19.04 16.65 4.48
CA SER A 113 18.51 16.40 3.15
C SER A 113 19.47 15.56 2.33
N GLY A 114 20.11 14.60 2.98
CA GLY A 114 21.04 13.72 2.29
C GLY A 114 21.50 12.56 3.15
N PRO A 115 21.60 11.38 2.55
CA PRO A 115 22.03 10.16 3.26
C PRO A 115 23.51 10.20 3.61
N SER A 116 24.22 11.17 3.06
CA SER A 116 25.65 11.32 3.33
C SER A 116 25.90 12.34 4.44
N SER A 117 26.86 12.03 5.31
CA SER A 117 27.19 12.91 6.42
C SER A 117 27.77 14.23 5.92
N GLY A 118 28.77 14.13 5.06
CA GLY A 118 29.40 15.32 4.51
C GLY A 118 30.74 15.62 5.16
N GLY A 1 0.47 -18.64 7.14
CA GLY A 1 -0.74 -18.69 6.34
C GLY A 1 -1.54 -19.96 6.58
N SER A 2 -2.82 -19.80 6.90
CA SER A 2 -3.69 -20.94 7.16
C SER A 2 -3.66 -21.92 5.99
N SER A 3 -3.89 -23.20 6.28
CA SER A 3 -3.88 -24.24 5.25
C SER A 3 -5.20 -25.01 5.27
N GLY A 4 -6.01 -24.80 4.23
CA GLY A 4 -7.28 -25.49 4.13
C GLY A 4 -7.15 -26.87 3.53
N SER A 5 -8.19 -27.69 3.69
CA SER A 5 -8.19 -29.05 3.16
C SER A 5 -8.31 -29.03 1.64
N SER A 6 -7.68 -30.02 0.99
CA SER A 6 -7.72 -30.11 -0.46
C SER A 6 -8.82 -31.08 -0.91
N GLY A 7 -9.04 -31.13 -2.22
CA GLY A 7 -10.07 -32.02 -2.76
C GLY A 7 -11.36 -31.29 -3.08
N SER A 8 -11.85 -30.50 -2.13
CA SER A 8 -13.08 -29.75 -2.33
C SER A 8 -12.99 -28.86 -3.55
N HIS A 9 -14.13 -28.34 -3.99
CA HIS A 9 -14.18 -27.47 -5.16
C HIS A 9 -14.18 -26.00 -4.73
N ASP A 10 -14.00 -25.11 -5.70
CA ASP A 10 -13.99 -23.67 -5.42
C ASP A 10 -15.31 -23.04 -5.80
N SER A 11 -16.40 -23.59 -5.28
CA SER A 11 -17.74 -23.07 -5.56
C SER A 11 -17.86 -21.62 -5.14
N ARG A 12 -17.42 -21.33 -3.92
CA ARG A 12 -17.48 -19.97 -3.38
C ARG A 12 -16.12 -19.53 -2.85
N LEU A 13 -15.17 -19.32 -3.76
CA LEU A 13 -13.83 -18.91 -3.38
C LEU A 13 -13.26 -17.92 -4.39
N THR A 14 -12.93 -16.73 -3.93
CA THR A 14 -12.37 -15.69 -4.80
C THR A 14 -11.32 -16.26 -5.74
N ALA A 15 -11.51 -16.05 -7.04
CA ALA A 15 -10.58 -16.55 -8.04
C ALA A 15 -10.12 -15.43 -8.96
N GLY A 16 -11.05 -14.56 -9.35
CA GLY A 16 -10.72 -13.46 -10.23
C GLY A 16 -10.27 -12.23 -9.47
N VAL A 17 -9.55 -12.44 -8.38
CA VAL A 17 -9.06 -11.34 -7.56
C VAL A 17 -7.57 -11.11 -7.79
N PRO A 18 -7.14 -9.84 -7.63
CA PRO A 18 -5.74 -9.45 -7.81
C PRO A 18 -4.84 -10.01 -6.70
N ASP A 19 -3.93 -10.89 -7.08
CA ASP A 19 -3.01 -11.49 -6.12
C ASP A 19 -2.23 -10.41 -5.36
N THR A 20 -1.61 -10.80 -4.26
CA THR A 20 -0.85 -9.86 -3.44
C THR A 20 0.18 -9.12 -4.29
N PRO A 21 0.20 -7.78 -4.14
CA PRO A 21 1.13 -6.93 -4.89
C PRO A 21 2.57 -7.09 -4.43
N THR A 22 3.51 -6.88 -5.36
CA THR A 22 4.93 -7.01 -5.05
C THR A 22 5.39 -5.92 -4.10
N ARG A 23 6.63 -6.02 -3.66
CA ARG A 23 7.20 -5.03 -2.74
C ARG A 23 6.92 -3.61 -3.23
N LEU A 24 7.02 -2.65 -2.32
CA LEU A 24 6.78 -1.25 -2.66
C LEU A 24 8.09 -0.48 -2.75
N VAL A 25 8.04 0.69 -3.38
CA VAL A 25 9.22 1.53 -3.53
C VAL A 25 8.96 2.95 -3.05
N PHE A 26 9.62 3.33 -1.96
CA PHE A 26 9.45 4.67 -1.40
C PHE A 26 10.57 5.60 -1.87
N SER A 27 10.20 6.82 -2.23
CA SER A 27 11.16 7.81 -2.70
C SER A 27 11.56 8.75 -1.57
N ALA A 28 10.59 9.16 -0.77
CA ALA A 28 10.83 10.06 0.35
C ALA A 28 11.36 11.41 -0.14
N LEU A 29 10.64 12.00 -1.09
CA LEU A 29 11.02 13.29 -1.65
C LEU A 29 11.53 14.23 -0.56
N GLY A 30 11.05 14.02 0.66
CA GLY A 30 11.46 14.86 1.78
C GLY A 30 10.97 14.31 3.11
N PRO A 31 11.08 15.15 4.16
CA PRO A 31 10.66 14.78 5.51
C PRO A 31 9.13 14.67 5.63
N THR A 32 8.42 15.42 4.80
CA THR A 32 6.97 15.41 4.82
C THR A 32 6.41 15.00 3.46
N SER A 33 7.22 14.30 2.67
CA SER A 33 6.81 13.85 1.35
C SER A 33 7.36 12.46 1.05
N LEU A 34 6.60 11.68 0.29
CA LEU A 34 7.01 10.33 -0.07
C LEU A 34 6.36 9.89 -1.38
N ARG A 35 6.84 8.78 -1.93
CA ARG A 35 6.30 8.25 -3.18
C ARG A 35 6.38 6.72 -3.20
N VAL A 36 5.23 6.08 -3.03
CA VAL A 36 5.17 4.62 -3.03
C VAL A 36 4.84 4.09 -4.41
N SER A 37 5.61 3.11 -4.87
CA SER A 37 5.41 2.52 -6.19
C SER A 37 5.39 0.99 -6.09
N TRP A 38 4.35 0.39 -6.64
CA TRP A 38 4.21 -1.07 -6.61
C TRP A 38 4.22 -1.63 -8.04
N GLN A 39 4.05 -2.95 -8.15
CA GLN A 39 4.04 -3.61 -9.44
C GLN A 39 2.71 -4.33 -9.68
N GLU A 40 1.93 -3.81 -10.62
CA GLU A 40 0.63 -4.41 -10.93
C GLU A 40 0.68 -5.93 -10.81
N PRO A 41 -0.07 -6.46 -9.84
CA PRO A 41 -0.13 -7.91 -9.58
C PRO A 41 -0.85 -8.66 -10.70
N ARG A 42 -1.24 -9.89 -10.40
CA ARG A 42 -1.95 -10.72 -11.38
C ARG A 42 -3.45 -10.74 -11.09
N CYS A 43 -4.25 -10.62 -12.15
CA CYS A 43 -5.71 -10.63 -12.00
C CYS A 43 -6.38 -10.92 -13.33
N GLU A 44 -7.07 -12.06 -13.41
CA GLU A 44 -7.76 -12.45 -14.64
C GLU A 44 -8.60 -11.29 -15.17
N ARG A 45 -9.11 -10.46 -14.27
CA ARG A 45 -9.94 -9.32 -14.66
C ARG A 45 -9.12 -8.03 -14.60
N PRO A 46 -9.52 -7.05 -15.43
CA PRO A 46 -8.86 -5.75 -15.50
C PRO A 46 -9.08 -4.91 -14.25
N LEU A 47 -7.99 -4.49 -13.63
CA LEU A 47 -8.05 -3.67 -12.41
C LEU A 47 -8.68 -2.31 -12.70
N GLN A 48 -9.46 -1.81 -11.75
CA GLN A 48 -10.12 -0.51 -11.91
C GLN A 48 -9.29 0.59 -11.26
N GLY A 49 -8.41 0.21 -10.34
CA GLY A 49 -7.57 1.18 -9.66
C GLY A 49 -6.71 0.55 -8.58
N TYR A 50 -6.35 1.35 -7.58
CA TYR A 50 -5.52 0.85 -6.49
C TYR A 50 -5.82 1.60 -5.19
N SER A 51 -5.35 1.06 -4.07
CA SER A 51 -5.58 1.66 -2.77
C SER A 51 -4.30 1.69 -1.96
N VAL A 52 -3.91 2.89 -1.52
CA VAL A 52 -2.70 3.06 -0.72
C VAL A 52 -3.02 3.54 0.68
N GLU A 53 -3.09 2.60 1.63
CA GLU A 53 -3.38 2.94 3.02
C GLU A 53 -2.10 3.13 3.82
N TYR A 54 -2.03 4.24 4.55
CA TYR A 54 -0.86 4.55 5.36
C TYR A 54 -1.27 5.18 6.68
N GLN A 55 -0.59 4.78 7.76
CA GLN A 55 -0.89 5.31 9.09
C GLN A 55 0.30 5.12 10.02
N LEU A 56 0.40 5.98 11.04
CA LEU A 56 1.49 5.90 11.99
C LEU A 56 1.66 4.47 12.52
N LEU A 57 2.81 3.89 12.26
CA LEU A 57 3.11 2.53 12.70
C LEU A 57 2.49 2.27 14.07
N ASN A 58 2.92 3.04 15.06
CA ASN A 58 2.41 2.90 16.42
C ASN A 58 0.89 2.82 16.43
N GLY A 59 0.24 3.75 15.72
CA GLY A 59 -1.20 3.76 15.65
C GLY A 59 -1.77 5.15 15.83
N GLY A 60 -2.09 5.81 14.72
CA GLY A 60 -2.64 7.15 14.78
C GLY A 60 -3.79 7.35 13.82
N GLU A 61 -3.57 8.15 12.78
CA GLU A 61 -4.60 8.42 11.79
C GLU A 61 -4.36 7.61 10.52
N LEU A 62 -5.40 6.94 10.04
CA LEU A 62 -5.29 6.12 8.83
C LEU A 62 -5.86 6.87 7.62
N HIS A 63 -5.04 7.00 6.58
CA HIS A 63 -5.45 7.69 5.37
C HIS A 63 -5.52 6.72 4.19
N ARG A 64 -6.69 6.63 3.57
CA ARG A 64 -6.88 5.74 2.43
C ARG A 64 -6.85 6.52 1.12
N LEU A 65 -5.88 6.20 0.28
CA LEU A 65 -5.74 6.87 -1.01
C LEU A 65 -6.18 5.96 -2.15
N ASN A 66 -7.18 6.42 -2.91
CA ASN A 66 -7.71 5.65 -4.03
C ASN A 66 -7.07 6.11 -5.35
N ILE A 67 -6.83 5.15 -6.24
CA ILE A 67 -6.24 5.45 -7.53
C ILE A 67 -7.23 5.24 -8.67
N PRO A 68 -7.71 6.35 -9.25
CA PRO A 68 -8.68 6.30 -10.36
C PRO A 68 -8.07 5.76 -11.64
N ASN A 69 -6.79 5.36 -11.57
CA ASN A 69 -6.10 4.82 -12.73
C ASN A 69 -5.44 3.49 -12.39
N PRO A 70 -5.94 2.42 -13.02
CA PRO A 70 -5.41 1.06 -12.80
C PRO A 70 -4.02 0.87 -13.40
N ALA A 71 -3.55 1.90 -14.13
CA ALA A 71 -2.23 1.85 -14.74
C ALA A 71 -1.19 2.54 -13.87
N GLN A 72 -1.64 3.48 -13.05
CA GLN A 72 -0.75 4.22 -12.17
C GLN A 72 -0.36 3.37 -10.97
N THR A 73 0.83 2.77 -11.02
CA THR A 73 1.32 1.93 -9.95
C THR A 73 2.26 2.71 -9.03
N SER A 74 2.01 4.01 -8.90
CA SER A 74 2.83 4.87 -8.05
C SER A 74 2.05 6.10 -7.60
N VAL A 75 2.18 6.43 -6.32
CA VAL A 75 1.49 7.59 -5.75
C VAL A 75 2.38 8.35 -4.79
N VAL A 76 2.24 9.67 -4.78
CA VAL A 76 3.04 10.52 -3.89
C VAL A 76 2.27 10.84 -2.60
N VAL A 77 2.87 10.46 -1.47
CA VAL A 77 2.25 10.71 -0.18
C VAL A 77 2.92 11.88 0.53
N GLU A 78 2.11 12.87 0.90
CA GLU A 78 2.62 14.05 1.58
C GLU A 78 1.82 14.33 2.85
N ASP A 79 2.13 15.44 3.50
CA ASP A 79 1.46 15.82 4.74
C ASP A 79 1.68 14.78 5.84
N LEU A 80 2.94 14.37 5.99
CA LEU A 80 3.29 13.38 7.00
C LEU A 80 4.06 14.01 8.15
N LEU A 81 4.43 13.20 9.14
CA LEU A 81 5.18 13.70 10.29
C LEU A 81 6.64 13.29 10.20
N PRO A 82 7.54 14.22 10.57
CA PRO A 82 8.99 13.98 10.54
C PRO A 82 9.43 12.99 11.61
N ASN A 83 10.46 12.21 11.28
CA ASN A 83 10.98 11.21 12.22
C ASN A 83 9.86 10.35 12.78
N HIS A 84 9.00 9.87 11.88
CA HIS A 84 7.87 9.02 12.28
C HIS A 84 7.69 7.86 11.30
N SER A 85 7.42 6.68 11.84
CA SER A 85 7.23 5.49 11.02
C SER A 85 5.78 5.39 10.53
N TYR A 86 5.62 4.92 9.30
CA TYR A 86 4.28 4.78 8.71
C TYR A 86 4.16 3.47 7.95
N VAL A 87 3.10 2.72 8.25
CA VAL A 87 2.87 1.44 7.59
C VAL A 87 2.07 1.62 6.30
N PHE A 88 2.75 1.55 5.17
CA PHE A 88 2.10 1.72 3.87
C PHE A 88 1.69 0.36 3.30
N ARG A 89 0.38 0.11 3.28
CA ARG A 89 -0.15 -1.15 2.76
C ARG A 89 -0.91 -0.92 1.45
N VAL A 90 -0.23 -1.13 0.34
CA VAL A 90 -0.85 -0.95 -0.98
C VAL A 90 -1.70 -2.16 -1.36
N ARG A 91 -2.83 -1.90 -2.00
CA ARG A 91 -3.72 -2.98 -2.42
C ARG A 91 -4.28 -2.70 -3.81
N ALA A 92 -4.87 -3.72 -4.43
CA ALA A 92 -5.46 -3.59 -5.75
C ALA A 92 -6.93 -3.97 -5.75
N GLN A 93 -7.68 -3.41 -6.70
CA GLN A 93 -9.10 -3.69 -6.80
C GLN A 93 -9.47 -4.15 -8.21
N SER A 94 -10.33 -5.15 -8.29
CA SER A 94 -10.75 -5.68 -9.59
C SER A 94 -12.27 -5.90 -9.62
N GLN A 95 -12.78 -6.29 -10.78
CA GLN A 95 -14.22 -6.52 -10.93
C GLN A 95 -14.74 -7.44 -9.84
N GLU A 96 -13.94 -8.44 -9.49
CA GLU A 96 -14.32 -9.39 -8.45
C GLU A 96 -14.42 -8.71 -7.09
N GLY A 97 -13.32 -8.07 -6.67
CA GLY A 97 -13.31 -7.39 -5.39
C GLY A 97 -11.90 -7.07 -4.93
N TRP A 98 -11.79 -6.46 -3.75
CA TRP A 98 -10.48 -6.10 -3.19
C TRP A 98 -9.68 -7.34 -2.84
N GLY A 99 -8.49 -7.46 -3.44
CA GLY A 99 -7.64 -8.60 -3.17
C GLY A 99 -6.73 -8.38 -1.98
N ARG A 100 -5.58 -9.04 -2.00
CA ARG A 100 -4.61 -8.91 -0.91
C ARG A 100 -3.84 -7.60 -1.02
N GLU A 101 -3.11 -7.27 0.05
CA GLU A 101 -2.32 -6.04 0.07
C GLU A 101 -0.93 -6.29 0.63
N ARG A 102 0.07 -5.62 0.05
CA ARG A 102 1.45 -5.77 0.50
C ARG A 102 1.80 -4.75 1.57
N GLU A 103 2.54 -5.18 2.57
CA GLU A 103 2.94 -4.30 3.66
C GLU A 103 4.29 -3.65 3.37
N GLY A 104 4.40 -2.37 3.69
CA GLY A 104 5.64 -1.65 3.45
C GLY A 104 5.81 -0.47 4.38
N VAL A 105 6.50 -0.68 5.50
CA VAL A 105 6.74 0.37 6.47
C VAL A 105 7.84 1.31 6.00
N ILE A 106 7.83 2.53 6.53
CA ILE A 106 8.84 3.52 6.17
C ILE A 106 9.15 4.44 7.35
N THR A 107 10.40 4.88 7.45
CA THR A 107 10.82 5.76 8.52
C THR A 107 11.43 7.04 7.98
N ILE A 108 10.79 8.17 8.28
CA ILE A 108 11.27 9.46 7.81
C ILE A 108 12.64 9.80 8.42
N GLU A 109 13.64 9.99 7.57
CA GLU A 109 14.98 10.32 8.03
C GLU A 109 15.46 11.63 7.39
N SER A 110 15.64 12.65 8.22
CA SER A 110 16.09 13.94 7.74
C SER A 110 17.39 14.35 8.44
N GLN A 111 17.39 14.32 9.76
CA GLN A 111 18.57 14.68 10.54
C GLN A 111 19.69 13.67 10.33
N VAL A 112 20.54 13.94 9.33
CA VAL A 112 21.66 13.05 9.04
C VAL A 112 22.94 13.85 8.76
N SER A 113 23.96 13.59 9.57
CA SER A 113 25.24 14.29 9.42
C SER A 113 26.01 13.76 8.21
N GLY A 114 25.81 14.41 7.07
CA GLY A 114 26.49 13.99 5.85
C GLY A 114 26.36 12.51 5.60
N PRO A 115 27.35 11.94 4.89
CA PRO A 115 27.36 10.51 4.56
C PRO A 115 27.60 9.64 5.78
N SER A 116 26.55 8.98 6.26
CA SER A 116 26.65 8.12 7.43
C SER A 116 26.69 6.65 7.02
N SER A 117 25.88 6.30 6.03
CA SER A 117 25.81 4.93 5.54
C SER A 117 26.83 4.69 4.45
N GLY A 118 28.03 5.24 4.63
CA GLY A 118 29.09 5.08 3.64
C GLY A 118 29.81 6.39 3.35
N GLY A 1 -9.14 -1.73 17.23
CA GLY A 1 -8.02 -2.22 18.01
C GLY A 1 -8.00 -3.74 18.12
N SER A 2 -6.89 -4.34 17.73
CA SER A 2 -6.74 -5.79 17.77
C SER A 2 -5.33 -6.19 18.15
N SER A 3 -5.20 -7.01 19.19
CA SER A 3 -3.90 -7.46 19.67
C SER A 3 -3.02 -7.90 18.49
N GLY A 4 -3.61 -8.66 17.57
CA GLY A 4 -2.87 -9.13 16.42
C GLY A 4 -3.13 -10.59 16.11
N SER A 5 -4.32 -10.88 15.59
CA SER A 5 -4.70 -12.24 15.25
C SER A 5 -4.96 -12.39 13.75
N SER A 6 -3.90 -12.66 13.01
CA SER A 6 -4.01 -12.82 11.56
C SER A 6 -3.37 -14.13 11.11
N GLY A 7 -4.22 -15.13 10.84
CA GLY A 7 -3.71 -16.42 10.40
C GLY A 7 -4.83 -17.36 9.99
N SER A 8 -5.80 -16.84 9.23
CA SER A 8 -6.92 -17.65 8.77
C SER A 8 -6.86 -17.88 7.27
N HIS A 9 -6.50 -19.10 6.88
CA HIS A 9 -6.39 -19.46 5.47
C HIS A 9 -7.68 -20.13 4.98
N ASP A 10 -7.79 -20.29 3.67
CA ASP A 10 -8.97 -20.91 3.07
C ASP A 10 -8.71 -21.28 1.62
N SER A 11 -9.63 -22.04 1.04
CA SER A 11 -9.49 -22.47 -0.35
C SER A 11 -10.60 -21.86 -1.22
N ARG A 12 -11.84 -22.15 -0.85
CA ARG A 12 -12.99 -21.63 -1.59
C ARG A 12 -13.16 -20.13 -1.36
N LEU A 13 -12.55 -19.33 -2.22
CA LEU A 13 -12.63 -17.88 -2.11
C LEU A 13 -12.83 -17.23 -3.48
N THR A 14 -13.07 -15.93 -3.49
CA THR A 14 -13.27 -15.20 -4.73
C THR A 14 -12.41 -15.78 -5.86
N ALA A 15 -13.00 -15.86 -7.05
CA ALA A 15 -12.28 -16.39 -8.21
C ALA A 15 -12.05 -15.31 -9.25
N GLY A 16 -10.87 -14.70 -9.21
CA GLY A 16 -10.54 -13.65 -10.15
C GLY A 16 -10.06 -12.38 -9.47
N VAL A 17 -9.50 -12.53 -8.28
CA VAL A 17 -9.00 -11.38 -7.52
C VAL A 17 -7.50 -11.20 -7.73
N PRO A 18 -7.03 -9.94 -7.64
CA PRO A 18 -5.62 -9.61 -7.81
C PRO A 18 -4.76 -10.11 -6.65
N ASP A 19 -3.83 -11.01 -6.95
CA ASP A 19 -2.95 -11.57 -5.94
C ASP A 19 -2.17 -10.46 -5.24
N THR A 20 -1.74 -10.74 -4.01
CA THR A 20 -0.99 -9.77 -3.22
C THR A 20 0.01 -9.01 -4.09
N PRO A 21 -0.03 -7.67 -4.01
CA PRO A 21 0.86 -6.81 -4.79
C PRO A 21 2.30 -6.89 -4.30
N THR A 22 3.25 -6.90 -5.24
CA THR A 22 4.66 -6.98 -4.92
C THR A 22 5.05 -5.87 -3.96
N ARG A 23 6.30 -5.93 -3.47
CA ARG A 23 6.80 -4.92 -2.54
C ARG A 23 6.49 -3.51 -3.03
N LEU A 24 6.82 -2.52 -2.22
CA LEU A 24 6.57 -1.13 -2.58
C LEU A 24 7.88 -0.33 -2.61
N VAL A 25 7.93 0.69 -3.46
CA VAL A 25 9.11 1.53 -3.58
C VAL A 25 8.85 2.93 -3.07
N PHE A 26 9.64 3.35 -2.08
CA PHE A 26 9.48 4.68 -1.49
C PHE A 26 10.58 5.62 -1.97
N SER A 27 10.20 6.84 -2.33
CA SER A 27 11.15 7.82 -2.81
C SER A 27 11.57 8.78 -1.70
N ALA A 28 10.59 9.18 -0.88
CA ALA A 28 10.85 10.09 0.23
C ALA A 28 11.34 11.44 -0.27
N LEU A 29 10.60 12.03 -1.19
CA LEU A 29 10.96 13.33 -1.75
C LEU A 29 11.46 14.27 -0.66
N GLY A 30 10.95 14.09 0.55
CA GLY A 30 11.36 14.93 1.67
C GLY A 30 10.90 14.38 3.00
N PRO A 31 10.99 15.21 4.05
CA PRO A 31 10.58 14.83 5.40
C PRO A 31 9.07 14.68 5.54
N THR A 32 8.33 15.40 4.70
CA THR A 32 6.88 15.35 4.73
C THR A 32 6.31 14.92 3.38
N SER A 33 7.16 14.27 2.58
CA SER A 33 6.74 13.80 1.26
C SER A 33 7.31 12.41 0.97
N LEU A 34 6.57 11.63 0.20
CA LEU A 34 7.00 10.27 -0.15
C LEU A 34 6.36 9.83 -1.46
N ARG A 35 6.91 8.77 -2.05
CA ARG A 35 6.39 8.23 -3.30
C ARG A 35 6.38 6.71 -3.28
N VAL A 36 5.19 6.13 -3.12
CA VAL A 36 5.04 4.69 -3.09
C VAL A 36 4.70 4.13 -4.47
N SER A 37 5.40 3.07 -4.87
CA SER A 37 5.18 2.46 -6.17
C SER A 37 5.14 0.92 -6.04
N TRP A 38 4.18 0.31 -6.72
CA TRP A 38 4.04 -1.14 -6.68
C TRP A 38 4.08 -1.73 -8.09
N GLN A 39 3.86 -3.03 -8.19
CA GLN A 39 3.88 -3.71 -9.48
C GLN A 39 2.54 -4.38 -9.77
N GLU A 40 1.97 -4.10 -10.94
CA GLU A 40 0.70 -4.68 -11.33
C GLU A 40 0.69 -6.19 -11.10
N PRO A 41 -0.03 -6.63 -10.06
CA PRO A 41 -0.13 -8.05 -9.71
C PRO A 41 -0.95 -8.84 -10.73
N ARG A 42 -1.01 -10.15 -10.55
CA ARG A 42 -1.77 -11.01 -11.45
C ARG A 42 -3.26 -10.94 -11.16
N CYS A 43 -4.07 -10.90 -12.21
CA CYS A 43 -5.51 -10.83 -12.07
C CYS A 43 -6.21 -11.14 -13.38
N GLU A 44 -6.84 -12.31 -13.46
CA GLU A 44 -7.54 -12.71 -14.67
C GLU A 44 -8.42 -11.58 -15.20
N ARG A 45 -8.94 -10.77 -14.28
CA ARG A 45 -9.81 -9.65 -14.66
C ARG A 45 -9.02 -8.34 -14.64
N PRO A 46 -9.46 -7.37 -15.46
CA PRO A 46 -8.82 -6.06 -15.56
C PRO A 46 -9.04 -5.22 -14.30
N LEU A 47 -7.98 -4.59 -13.82
CA LEU A 47 -8.05 -3.75 -12.64
C LEU A 47 -8.75 -2.43 -12.94
N GLN A 48 -9.45 -1.89 -11.94
CA GLN A 48 -10.16 -0.63 -12.11
C GLN A 48 -9.35 0.53 -11.52
N GLY A 49 -8.46 0.21 -10.60
CA GLY A 49 -7.64 1.23 -9.96
C GLY A 49 -6.68 0.66 -8.94
N TYR A 50 -6.44 1.41 -7.87
CA TYR A 50 -5.53 0.97 -6.83
C TYR A 50 -5.81 1.70 -5.51
N SER A 51 -5.29 1.16 -4.41
CA SER A 51 -5.50 1.75 -3.10
C SER A 51 -4.19 1.78 -2.31
N VAL A 52 -3.95 2.90 -1.62
CA VAL A 52 -2.73 3.05 -0.84
C VAL A 52 -3.06 3.61 0.56
N GLU A 53 -2.92 2.77 1.58
CA GLU A 53 -3.20 3.18 2.94
C GLU A 53 -1.90 3.37 3.72
N TYR A 54 -1.88 4.38 4.59
CA TYR A 54 -0.71 4.67 5.39
C TYR A 54 -1.10 5.28 6.75
N GLN A 55 -0.40 4.88 7.79
CA GLN A 55 -0.68 5.39 9.14
C GLN A 55 0.49 5.11 10.08
N LEU A 56 0.64 5.97 11.08
CA LEU A 56 1.72 5.83 12.05
C LEU A 56 1.82 4.39 12.56
N LEU A 57 2.91 3.72 12.22
CA LEU A 57 3.12 2.34 12.64
C LEU A 57 2.65 2.14 14.08
N ASN A 58 3.06 3.04 14.97
CA ASN A 58 2.68 2.95 16.38
C ASN A 58 1.16 2.94 16.52
N GLY A 59 0.50 3.87 15.83
CA GLY A 59 -0.95 3.96 15.90
C GLY A 59 -1.44 5.38 16.00
N GLY A 60 -1.78 5.97 14.86
CA GLY A 60 -2.27 7.34 14.85
C GLY A 60 -3.42 7.54 13.87
N GLU A 61 -3.22 8.43 12.90
CA GLU A 61 -4.24 8.71 11.91
C GLU A 61 -4.04 7.86 10.66
N LEU A 62 -5.12 7.21 10.21
CA LEU A 62 -5.07 6.37 9.02
C LEU A 62 -5.62 7.10 7.80
N HIS A 63 -4.79 7.20 6.77
CA HIS A 63 -5.19 7.87 5.53
C HIS A 63 -5.29 6.88 4.38
N ARG A 64 -6.48 6.78 3.79
CA ARG A 64 -6.70 5.87 2.67
C ARG A 64 -6.69 6.62 1.34
N LEU A 65 -5.80 6.22 0.45
CA LEU A 65 -5.68 6.86 -0.86
C LEU A 65 -6.23 5.96 -1.95
N ASN A 66 -6.93 6.55 -2.92
CA ASN A 66 -7.51 5.80 -4.03
C ASN A 66 -6.90 6.24 -5.36
N ILE A 67 -6.77 5.29 -6.28
CA ILE A 67 -6.21 5.58 -7.60
C ILE A 67 -7.26 5.38 -8.70
N PRO A 68 -7.76 6.50 -9.24
CA PRO A 68 -8.76 6.46 -10.31
C PRO A 68 -8.19 5.95 -11.63
N ASN A 69 -6.93 5.55 -11.61
CA ASN A 69 -6.27 5.03 -12.80
C ASN A 69 -5.56 3.71 -12.50
N PRO A 70 -6.05 2.63 -13.14
CA PRO A 70 -5.48 1.29 -12.97
C PRO A 70 -4.09 1.16 -13.59
N ALA A 71 -3.64 2.23 -14.24
CA ALA A 71 -2.33 2.23 -14.88
C ALA A 71 -1.29 2.89 -13.99
N GLN A 72 -1.74 3.81 -13.14
CA GLN A 72 -0.84 4.52 -12.23
C GLN A 72 -0.43 3.62 -11.07
N THR A 73 0.76 3.04 -11.17
CA THR A 73 1.27 2.15 -10.13
C THR A 73 2.20 2.90 -9.18
N SER A 74 1.89 4.17 -8.93
CA SER A 74 2.70 5.00 -8.05
C SER A 74 1.92 6.21 -7.56
N VAL A 75 2.00 6.48 -6.27
CA VAL A 75 1.29 7.60 -5.67
C VAL A 75 2.20 8.37 -4.71
N VAL A 76 1.98 9.68 -4.62
CA VAL A 76 2.77 10.53 -3.73
C VAL A 76 2.05 10.76 -2.41
N VAL A 77 2.73 10.47 -1.31
CA VAL A 77 2.16 10.66 0.03
C VAL A 77 2.83 11.82 0.75
N GLU A 78 2.04 12.84 1.08
CA GLU A 78 2.55 14.01 1.78
C GLU A 78 1.76 14.26 3.06
N ASP A 79 2.11 15.35 3.75
CA ASP A 79 1.43 15.71 4.99
C ASP A 79 1.70 14.67 6.08
N LEU A 80 2.95 14.22 6.16
CA LEU A 80 3.33 13.22 7.15
C LEU A 80 4.15 13.86 8.27
N LEU A 81 4.50 13.06 9.27
CA LEU A 81 5.29 13.55 10.40
C LEU A 81 6.74 13.13 10.28
N PRO A 82 7.65 14.03 10.65
CA PRO A 82 9.10 13.77 10.60
C PRO A 82 9.54 12.75 11.64
N ASN A 83 10.54 11.95 11.29
CA ASN A 83 11.06 10.93 12.20
C ASN A 83 9.93 10.11 12.80
N HIS A 84 9.08 9.57 11.93
CA HIS A 84 7.94 8.76 12.37
C HIS A 84 7.67 7.61 11.39
N SER A 85 7.51 6.41 11.91
CA SER A 85 7.25 5.24 11.09
C SER A 85 5.82 5.27 10.54
N TYR A 86 5.62 4.63 9.40
CA TYR A 86 4.31 4.58 8.76
C TYR A 86 4.12 3.28 8.00
N VAL A 87 3.11 2.50 8.39
CA VAL A 87 2.83 1.23 7.73
C VAL A 87 1.99 1.44 6.48
N PHE A 88 2.61 1.30 5.32
CA PHE A 88 1.93 1.47 4.04
C PHE A 88 1.38 0.14 3.54
N ARG A 89 0.07 0.09 3.31
CA ARG A 89 -0.58 -1.12 2.84
C ARG A 89 -1.30 -0.86 1.51
N VAL A 90 -0.67 -1.28 0.42
CA VAL A 90 -1.25 -1.09 -0.91
C VAL A 90 -2.01 -2.34 -1.36
N ARG A 91 -2.95 -2.16 -2.27
CA ARG A 91 -3.74 -3.27 -2.79
C ARG A 91 -4.41 -2.89 -4.10
N ALA A 92 -4.81 -3.89 -4.87
CA ALA A 92 -5.47 -3.67 -6.16
C ALA A 92 -6.93 -4.14 -6.11
N GLN A 93 -7.74 -3.62 -7.03
CA GLN A 93 -9.14 -3.99 -7.10
C GLN A 93 -9.50 -4.50 -8.49
N SER A 94 -10.37 -5.50 -8.54
CA SER A 94 -10.80 -6.08 -9.81
C SER A 94 -12.29 -6.36 -9.80
N GLN A 95 -12.87 -6.54 -11.00
CA GLN A 95 -14.30 -6.81 -11.12
C GLN A 95 -14.79 -7.65 -9.96
N GLU A 96 -13.96 -8.57 -9.50
CA GLU A 96 -14.31 -9.45 -8.39
C GLU A 96 -14.36 -8.68 -7.08
N GLY A 97 -13.23 -8.07 -6.71
CA GLY A 97 -13.17 -7.30 -5.48
C GLY A 97 -11.74 -7.02 -5.05
N TRP A 98 -11.59 -6.40 -3.89
CA TRP A 98 -10.27 -6.07 -3.36
C TRP A 98 -9.55 -7.32 -2.88
N GLY A 99 -8.37 -7.57 -3.43
CA GLY A 99 -7.60 -8.74 -3.04
C GLY A 99 -6.77 -8.49 -1.79
N ARG A 100 -5.54 -9.02 -1.78
CA ARG A 100 -4.66 -8.86 -0.64
C ARG A 100 -3.91 -7.53 -0.71
N GLU A 101 -3.01 -7.30 0.25
CA GLU A 101 -2.23 -6.08 0.29
C GLU A 101 -0.78 -6.37 0.66
N ARG A 102 0.07 -5.36 0.53
CA ARG A 102 1.49 -5.51 0.85
C ARG A 102 1.93 -4.44 1.85
N GLU A 103 2.48 -4.88 2.98
CA GLU A 103 2.95 -3.95 4.00
C GLU A 103 4.26 -3.30 3.59
N GLY A 104 4.36 -1.99 3.82
CA GLY A 104 5.56 -1.27 3.47
C GLY A 104 5.87 -0.15 4.45
N VAL A 105 6.42 -0.52 5.61
CA VAL A 105 6.76 0.45 6.64
C VAL A 105 7.94 1.31 6.20
N ILE A 106 7.87 2.60 6.51
CA ILE A 106 8.93 3.54 6.16
C ILE A 106 9.32 4.42 7.34
N THR A 107 10.58 4.80 7.40
CA THR A 107 11.08 5.64 8.48
C THR A 107 11.59 6.98 7.95
N ILE A 108 10.84 8.04 8.22
CA ILE A 108 11.23 9.38 7.77
C ILE A 108 12.61 9.76 8.29
N GLU A 109 13.52 10.04 7.36
CA GLU A 109 14.88 10.42 7.73
C GLU A 109 15.30 11.70 7.01
N SER A 110 15.42 12.78 7.77
CA SER A 110 15.81 14.07 7.19
C SER A 110 17.32 14.28 7.32
N GLN A 111 17.81 14.32 8.55
CA GLN A 111 19.22 14.52 8.81
C GLN A 111 19.95 13.19 8.94
N VAL A 112 20.42 12.66 7.81
CA VAL A 112 21.13 11.38 7.81
C VAL A 112 22.28 11.38 8.82
N SER A 113 22.43 10.27 9.53
CA SER A 113 23.48 10.15 10.53
C SER A 113 23.94 8.70 10.66
N GLY A 114 25.23 8.51 10.91
CA GLY A 114 25.77 7.16 11.06
C GLY A 114 27.18 7.17 11.62
N PRO A 115 27.47 6.18 12.49
CA PRO A 115 28.79 6.05 13.12
C PRO A 115 29.86 5.63 12.12
N SER A 116 31.12 5.70 12.56
CA SER A 116 32.24 5.33 11.70
C SER A 116 33.07 4.22 12.34
N SER A 117 33.74 3.43 11.51
CA SER A 117 34.56 2.33 11.99
C SER A 117 35.22 2.68 13.33
N GLY A 118 35.00 1.83 14.33
CA GLY A 118 35.57 2.07 15.64
C GLY A 118 34.51 2.23 16.72
N GLY A 1 12.79 -12.09 3.64
CA GLY A 1 12.09 -13.20 4.25
C GLY A 1 10.79 -13.52 3.53
N SER A 2 9.76 -13.87 4.29
CA SER A 2 8.47 -14.21 3.73
C SER A 2 7.36 -14.07 4.77
N SER A 3 6.13 -13.87 4.30
CA SER A 3 4.99 -13.72 5.19
C SER A 3 3.81 -14.57 4.72
N GLY A 4 2.76 -14.60 5.52
CA GLY A 4 1.58 -15.37 5.16
C GLY A 4 0.34 -14.51 5.02
N SER A 5 -0.46 -14.45 6.09
CA SER A 5 -1.68 -13.66 6.08
C SER A 5 -2.10 -13.29 7.51
N SER A 6 -3.03 -12.35 7.62
CA SER A 6 -3.51 -11.89 8.92
C SER A 6 -4.88 -11.23 8.79
N GLY A 7 -5.65 -11.27 9.87
CA GLY A 7 -6.97 -10.68 9.86
C GLY A 7 -8.00 -11.54 9.14
N SER A 8 -7.68 -11.93 7.91
CA SER A 8 -8.58 -12.75 7.12
C SER A 8 -7.91 -14.05 6.71
N HIS A 9 -8.34 -15.16 7.31
CA HIS A 9 -7.78 -16.47 7.01
C HIS A 9 -8.79 -17.34 6.28
N ASP A 10 -8.86 -17.18 4.96
CA ASP A 10 -9.78 -17.95 4.14
C ASP A 10 -9.17 -18.30 2.80
N SER A 11 -9.04 -19.59 2.52
CA SER A 11 -8.46 -20.05 1.26
C SER A 11 -9.53 -20.13 0.17
N ARG A 12 -10.58 -19.33 0.31
CA ARG A 12 -11.66 -19.32 -0.66
C ARG A 12 -12.08 -17.88 -0.98
N LEU A 13 -11.77 -17.44 -2.20
CA LEU A 13 -12.11 -16.10 -2.63
C LEU A 13 -12.39 -16.06 -4.13
N THR A 14 -13.03 -14.98 -4.59
CA THR A 14 -13.36 -14.82 -5.99
C THR A 14 -12.25 -15.36 -6.88
N ALA A 15 -12.63 -16.07 -7.95
CA ALA A 15 -11.67 -16.64 -8.87
C ALA A 15 -11.22 -15.62 -9.91
N GLY A 16 -11.20 -14.35 -9.50
CA GLY A 16 -10.80 -13.29 -10.41
C GLY A 16 -10.32 -12.05 -9.68
N VAL A 17 -9.73 -12.24 -8.49
CA VAL A 17 -9.24 -11.13 -7.69
C VAL A 17 -7.74 -10.94 -7.89
N PRO A 18 -7.27 -9.70 -7.69
CA PRO A 18 -5.86 -9.35 -7.84
C PRO A 18 -4.99 -9.95 -6.74
N ASP A 19 -3.98 -10.72 -7.14
CA ASP A 19 -3.08 -11.35 -6.19
C ASP A 19 -2.28 -10.31 -5.42
N THR A 20 -1.82 -10.67 -4.23
CA THR A 20 -1.05 -9.76 -3.39
C THR A 20 0.00 -9.02 -4.22
N PRO A 21 0.00 -7.69 -4.09
CA PRO A 21 0.94 -6.82 -4.81
C PRO A 21 2.37 -6.97 -4.33
N THR A 22 3.33 -6.81 -5.22
CA THR A 22 4.74 -6.92 -4.89
C THR A 22 5.17 -5.81 -3.96
N ARG A 23 6.38 -5.93 -3.40
CA ARG A 23 6.91 -4.92 -2.49
C ARG A 23 6.61 -3.52 -3.00
N LEU A 24 6.74 -2.52 -2.12
CA LEU A 24 6.48 -1.14 -2.48
C LEU A 24 7.77 -0.33 -2.54
N VAL A 25 7.83 0.61 -3.46
CA VAL A 25 9.01 1.45 -3.62
C VAL A 25 8.77 2.85 -3.09
N PHE A 26 9.53 3.23 -2.06
CA PHE A 26 9.39 4.56 -1.46
C PHE A 26 10.49 5.49 -1.95
N SER A 27 10.10 6.72 -2.29
CA SER A 27 11.06 7.70 -2.77
C SER A 27 11.45 8.68 -1.66
N ALA A 28 10.46 9.09 -0.87
CA ALA A 28 10.70 10.01 0.24
C ALA A 28 11.20 11.35 -0.27
N LEU A 29 10.45 11.94 -1.19
CA LEU A 29 10.81 13.24 -1.76
C LEU A 29 11.31 14.19 -0.68
N GLY A 30 10.81 14.01 0.54
CA GLY A 30 11.20 14.86 1.64
C GLY A 30 10.75 14.32 2.98
N PRO A 31 10.85 15.16 4.03
CA PRO A 31 10.44 14.77 5.39
C PRO A 31 8.94 14.60 5.53
N THR A 32 8.19 15.34 4.70
CA THR A 32 6.73 15.27 4.74
C THR A 32 6.18 14.82 3.39
N SER A 33 7.03 14.21 2.58
CA SER A 33 6.62 13.73 1.26
C SER A 33 7.17 12.33 0.99
N LEU A 34 6.45 11.56 0.19
CA LEU A 34 6.87 10.21 -0.16
C LEU A 34 6.24 9.77 -1.47
N ARG A 35 6.83 8.73 -2.08
CA ARG A 35 6.33 8.20 -3.34
C ARG A 35 6.31 6.68 -3.33
N VAL A 36 5.13 6.11 -3.12
CA VAL A 36 4.97 4.66 -3.08
C VAL A 36 4.62 4.11 -4.46
N SER A 37 5.29 3.03 -4.85
CA SER A 37 5.04 2.41 -6.15
C SER A 37 5.03 0.88 -6.02
N TRP A 38 4.00 0.27 -6.59
CA TRP A 38 3.86 -1.19 -6.55
C TRP A 38 3.98 -1.79 -7.94
N GLN A 39 3.78 -3.09 -8.04
CA GLN A 39 3.87 -3.79 -9.32
C GLN A 39 2.53 -4.43 -9.68
N GLU A 40 1.92 -3.95 -10.76
CA GLU A 40 0.64 -4.47 -11.21
C GLU A 40 0.59 -5.99 -11.08
N PRO A 41 -0.09 -6.48 -10.05
CA PRO A 41 -0.22 -7.92 -9.80
C PRO A 41 -1.10 -8.61 -10.83
N ARG A 42 -1.12 -9.94 -10.79
CA ARG A 42 -1.92 -10.72 -11.72
C ARG A 42 -3.39 -10.71 -11.32
N CYS A 43 -4.27 -10.76 -12.32
CA CYS A 43 -5.71 -10.76 -12.07
C CYS A 43 -6.48 -11.13 -13.33
N GLU A 44 -7.12 -12.30 -13.31
CA GLU A 44 -7.89 -12.76 -14.45
C GLU A 44 -8.70 -11.62 -15.07
N ARG A 45 -9.07 -10.65 -14.24
CA ARG A 45 -9.85 -9.51 -14.69
C ARG A 45 -9.02 -8.23 -14.65
N PRO A 46 -9.38 -7.26 -15.50
CA PRO A 46 -8.68 -5.98 -15.58
C PRO A 46 -8.92 -5.11 -14.36
N LEU A 47 -7.84 -4.69 -13.70
CA LEU A 47 -7.94 -3.86 -12.51
C LEU A 47 -8.61 -2.53 -12.83
N GLN A 48 -9.36 -2.00 -11.88
CA GLN A 48 -10.05 -0.72 -12.06
C GLN A 48 -9.24 0.43 -11.49
N GLY A 49 -8.40 0.12 -10.51
CA GLY A 49 -7.58 1.14 -9.89
C GLY A 49 -6.61 0.57 -8.86
N TYR A 50 -6.38 1.32 -7.79
CA TYR A 50 -5.47 0.88 -6.74
C TYR A 50 -5.77 1.59 -5.43
N SER A 51 -5.17 1.11 -4.34
CA SER A 51 -5.38 1.70 -3.03
C SER A 51 -4.07 1.75 -2.25
N VAL A 52 -3.86 2.86 -1.53
CA VAL A 52 -2.65 3.04 -0.73
C VAL A 52 -2.98 3.55 0.66
N GLU A 53 -2.96 2.65 1.64
CA GLU A 53 -3.25 3.02 3.02
C GLU A 53 -1.97 3.27 3.80
N TYR A 54 -1.95 4.36 4.56
CA TYR A 54 -0.78 4.72 5.36
C TYR A 54 -1.20 5.33 6.68
N GLN A 55 -0.42 5.05 7.73
CA GLN A 55 -0.71 5.57 9.06
C GLN A 55 0.47 5.38 9.99
N LEU A 56 0.43 6.02 11.16
CA LEU A 56 1.50 5.91 12.13
C LEU A 56 1.58 4.50 12.71
N LEU A 57 2.68 3.82 12.45
CA LEU A 57 2.88 2.46 12.94
C LEU A 57 2.34 2.30 14.35
N ASN A 58 2.86 3.11 15.27
CA ASN A 58 2.42 3.07 16.66
C ASN A 58 0.90 3.07 16.75
N GLY A 59 0.27 3.96 16.00
CA GLY A 59 -1.18 4.04 16.01
C GLY A 59 -1.67 5.48 16.01
N GLY A 60 -1.78 6.05 14.81
CA GLY A 60 -2.24 7.43 14.69
C GLY A 60 -3.44 7.56 13.76
N GLU A 61 -3.33 8.46 12.79
CA GLU A 61 -4.41 8.69 11.83
C GLU A 61 -4.19 7.87 10.57
N LEU A 62 -5.20 7.11 10.16
CA LEU A 62 -5.12 6.29 8.96
C LEU A 62 -5.66 7.04 7.75
N HIS A 63 -4.88 7.09 6.68
CA HIS A 63 -5.28 7.76 5.46
C HIS A 63 -5.34 6.78 4.28
N ARG A 64 -6.51 6.63 3.70
CA ARG A 64 -6.69 5.73 2.58
C ARG A 64 -6.70 6.50 1.25
N LEU A 65 -5.79 6.13 0.36
CA LEU A 65 -5.68 6.78 -0.94
C LEU A 65 -6.17 5.87 -2.05
N ASN A 66 -7.02 6.41 -2.92
CA ASN A 66 -7.57 5.64 -4.04
C ASN A 66 -7.01 6.13 -5.36
N ILE A 67 -6.80 5.20 -6.29
CA ILE A 67 -6.26 5.54 -7.60
C ILE A 67 -7.30 5.31 -8.69
N PRO A 68 -7.79 6.41 -9.28
CA PRO A 68 -8.80 6.35 -10.35
C PRO A 68 -8.23 5.79 -11.64
N ASN A 69 -6.98 5.36 -11.60
CA ASN A 69 -6.32 4.79 -12.78
C ASN A 69 -5.63 3.48 -12.44
N PRO A 70 -6.09 2.39 -13.06
CA PRO A 70 -5.53 1.05 -12.83
C PRO A 70 -4.13 0.90 -13.43
N ALA A 71 -3.70 1.91 -14.16
CA ALA A 71 -2.37 1.90 -14.78
C ALA A 71 -1.34 2.57 -13.88
N GLN A 72 -1.80 3.53 -13.09
CA GLN A 72 -0.91 4.26 -12.19
C GLN A 72 -0.54 3.39 -10.99
N THR A 73 0.65 2.80 -11.05
CA THR A 73 1.13 1.95 -9.96
C THR A 73 2.07 2.70 -9.03
N SER A 74 1.82 4.01 -8.88
CA SER A 74 2.65 4.84 -8.02
C SER A 74 1.89 6.08 -7.58
N VAL A 75 1.97 6.41 -6.29
CA VAL A 75 1.29 7.57 -5.74
C VAL A 75 2.18 8.31 -4.76
N VAL A 76 1.98 9.62 -4.65
CA VAL A 76 2.76 10.44 -3.73
C VAL A 76 2.00 10.72 -2.44
N VAL A 77 2.65 10.47 -1.31
CA VAL A 77 2.04 10.69 0.00
C VAL A 77 2.71 11.83 0.73
N GLU A 78 1.93 12.85 1.08
CA GLU A 78 2.45 14.01 1.79
C GLU A 78 1.68 14.25 3.09
N ASP A 79 2.00 15.34 3.77
CA ASP A 79 1.34 15.69 5.02
C ASP A 79 1.62 14.64 6.09
N LEU A 80 2.88 14.23 6.19
CA LEU A 80 3.28 13.23 7.17
C LEU A 80 4.13 13.86 8.26
N LEU A 81 4.48 13.05 9.26
CA LEU A 81 5.30 13.54 10.37
C LEU A 81 6.76 13.12 10.19
N PRO A 82 7.68 14.04 10.51
CA PRO A 82 9.12 13.80 10.40
C PRO A 82 9.63 12.80 11.43
N ASN A 83 10.57 11.96 11.02
CA ASN A 83 11.13 10.95 11.91
C ASN A 83 10.03 10.10 12.54
N HIS A 84 9.10 9.64 11.70
CA HIS A 84 8.00 8.81 12.18
C HIS A 84 7.74 7.66 11.23
N SER A 85 7.62 6.45 11.78
CA SER A 85 7.37 5.26 10.97
C SER A 85 5.91 5.19 10.55
N TYR A 86 5.68 4.97 9.26
CA TYR A 86 4.33 4.88 8.73
C TYR A 86 4.13 3.58 7.94
N VAL A 87 3.17 2.78 8.37
CA VAL A 87 2.87 1.51 7.72
C VAL A 87 2.08 1.73 6.43
N PHE A 88 2.77 1.60 5.30
CA PHE A 88 2.12 1.78 3.99
C PHE A 88 1.66 0.44 3.43
N ARG A 89 0.36 0.20 3.46
CA ARG A 89 -0.20 -1.05 2.94
C ARG A 89 -0.92 -0.81 1.62
N VAL A 90 -0.26 -1.18 0.52
CA VAL A 90 -0.83 -1.00 -0.81
C VAL A 90 -1.73 -2.18 -1.17
N ARG A 91 -2.83 -1.88 -1.87
CA ARG A 91 -3.77 -2.92 -2.28
C ARG A 91 -4.31 -2.64 -3.68
N ALA A 92 -4.84 -3.67 -4.33
CA ALA A 92 -5.39 -3.53 -5.67
C ALA A 92 -6.87 -3.90 -5.69
N GLN A 93 -7.57 -3.42 -6.72
CA GLN A 93 -9.00 -3.69 -6.86
C GLN A 93 -9.33 -4.10 -8.30
N SER A 94 -10.32 -4.98 -8.44
CA SER A 94 -10.74 -5.46 -9.75
C SER A 94 -12.24 -5.73 -9.78
N GLN A 95 -12.78 -5.91 -10.98
CA GLN A 95 -14.20 -6.17 -11.14
C GLN A 95 -14.71 -7.10 -10.04
N GLU A 96 -13.95 -8.14 -9.75
CA GLU A 96 -14.32 -9.10 -8.73
C GLU A 96 -14.37 -8.44 -7.35
N GLY A 97 -13.24 -7.88 -6.93
CA GLY A 97 -13.17 -7.21 -5.64
C GLY A 97 -11.75 -6.98 -5.18
N TRP A 98 -11.59 -6.37 -4.02
CA TRP A 98 -10.27 -6.08 -3.47
C TRP A 98 -9.54 -7.37 -3.11
N GLY A 99 -8.39 -7.58 -3.73
CA GLY A 99 -7.61 -8.78 -3.45
C GLY A 99 -6.80 -8.67 -2.17
N ARG A 100 -5.49 -8.87 -2.28
CA ARG A 100 -4.61 -8.78 -1.12
C ARG A 100 -3.83 -7.46 -1.13
N GLU A 101 -3.20 -7.17 0.00
CA GLU A 101 -2.41 -5.94 0.13
C GLU A 101 -1.03 -6.22 0.73
N ARG A 102 -0.03 -5.53 0.22
CA ARG A 102 1.34 -5.71 0.69
C ARG A 102 1.67 -4.69 1.78
N GLU A 103 2.42 -5.13 2.79
CA GLU A 103 2.80 -4.26 3.89
C GLU A 103 4.19 -3.66 3.64
N GLY A 104 4.31 -2.35 3.88
CA GLY A 104 5.58 -1.69 3.67
C GLY A 104 5.75 -0.48 4.58
N VAL A 105 6.54 -0.65 5.64
CA VAL A 105 6.79 0.42 6.59
C VAL A 105 7.99 1.25 6.19
N ILE A 106 7.91 2.57 6.40
CA ILE A 106 9.00 3.47 6.07
C ILE A 106 9.33 4.40 7.23
N THR A 107 10.61 4.75 7.34
CA THR A 107 11.07 5.63 8.41
C THR A 107 11.62 6.93 7.85
N ILE A 108 10.91 8.03 8.11
CA ILE A 108 11.33 9.34 7.63
C ILE A 108 12.69 9.72 8.20
N GLU A 109 13.71 9.75 7.35
CA GLU A 109 15.06 10.10 7.78
C GLU A 109 15.52 11.39 7.10
N SER A 110 15.60 12.47 7.88
CA SER A 110 16.01 13.76 7.35
C SER A 110 17.51 13.98 7.60
N GLN A 111 18.03 13.35 8.64
CA GLN A 111 19.44 13.48 8.98
C GLN A 111 20.13 12.12 8.97
N VAL A 112 19.96 11.39 7.87
CA VAL A 112 20.57 10.07 7.73
C VAL A 112 22.09 10.15 7.84
N SER A 113 22.65 11.28 7.43
CA SER A 113 24.09 11.48 7.48
C SER A 113 24.46 12.54 8.51
N GLY A 114 25.59 12.33 9.18
CA GLY A 114 26.02 13.27 10.20
C GLY A 114 26.46 12.58 11.47
N PRO A 115 26.54 13.36 12.57
CA PRO A 115 26.94 12.84 13.88
C PRO A 115 25.89 11.91 14.48
N SER A 116 26.06 10.61 14.26
CA SER A 116 25.12 9.62 14.78
C SER A 116 25.46 9.26 16.22
N SER A 117 24.44 9.25 17.09
CA SER A 117 24.63 8.93 18.49
C SER A 117 25.00 7.46 18.66
N GLY A 118 24.24 6.58 18.02
CA GLY A 118 24.50 5.16 18.12
C GLY A 118 24.65 4.50 16.76
N GLY A 1 4.28 -23.04 11.52
CA GLY A 1 5.00 -23.78 10.50
C GLY A 1 4.36 -23.64 9.13
N SER A 2 4.85 -24.42 8.16
CA SER A 2 4.32 -24.37 6.81
C SER A 2 3.52 -25.63 6.49
N SER A 3 4.07 -26.79 6.86
CA SER A 3 3.40 -28.06 6.61
C SER A 3 2.29 -28.29 7.61
N GLY A 4 1.07 -28.50 7.10
CA GLY A 4 -0.07 -28.73 7.97
C GLY A 4 -0.68 -27.44 8.48
N SER A 5 -1.53 -26.82 7.66
CA SER A 5 -2.17 -25.57 8.04
C SER A 5 -3.69 -25.73 8.08
N SER A 6 -4.26 -25.58 9.28
CA SER A 6 -5.70 -25.71 9.45
C SER A 6 -6.40 -24.37 9.29
N GLY A 7 -7.73 -24.40 9.25
CA GLY A 7 -8.49 -23.17 9.10
C GLY A 7 -8.20 -22.47 7.80
N SER A 8 -8.51 -23.13 6.69
CA SER A 8 -8.27 -22.55 5.36
C SER A 8 -9.58 -22.30 4.63
N HIS A 9 -10.17 -21.14 4.86
CA HIS A 9 -11.44 -20.79 4.23
C HIS A 9 -11.40 -19.34 3.72
N ASP A 10 -12.42 -18.95 2.97
CA ASP A 10 -12.51 -17.61 2.43
C ASP A 10 -13.80 -16.92 2.87
N SER A 11 -13.66 -15.87 3.67
CA SER A 11 -14.82 -15.14 4.16
C SER A 11 -15.74 -14.72 3.02
N ARG A 12 -15.13 -14.34 1.90
CA ARG A 12 -15.89 -13.92 0.73
C ARG A 12 -15.36 -14.59 -0.54
N LEU A 13 -15.96 -15.73 -0.89
CA LEU A 13 -15.54 -16.46 -2.07
C LEU A 13 -15.42 -15.54 -3.28
N THR A 14 -14.18 -15.29 -3.70
CA THR A 14 -13.93 -14.42 -4.85
C THR A 14 -13.06 -15.12 -5.88
N ALA A 15 -13.63 -15.36 -7.05
CA ALA A 15 -12.90 -16.03 -8.13
C ALA A 15 -12.48 -15.03 -9.20
N GLY A 16 -11.35 -14.37 -8.98
CA GLY A 16 -10.85 -13.40 -9.93
C GLY A 16 -10.35 -12.14 -9.27
N VAL A 17 -9.75 -12.30 -8.09
CA VAL A 17 -9.22 -11.16 -7.35
C VAL A 17 -7.71 -11.02 -7.56
N PRO A 18 -7.22 -9.77 -7.49
CA PRO A 18 -5.80 -9.47 -7.67
C PRO A 18 -4.95 -9.98 -6.51
N ASP A 19 -4.00 -10.86 -6.82
CA ASP A 19 -3.12 -11.42 -5.80
C ASP A 19 -2.28 -10.33 -5.14
N THR A 20 -1.81 -10.60 -3.93
CA THR A 20 -1.01 -9.64 -3.20
C THR A 20 0.02 -8.98 -4.11
N PRO A 21 0.05 -7.63 -4.09
CA PRO A 21 0.98 -6.85 -4.91
C PRO A 21 2.43 -6.99 -4.43
N THR A 22 3.37 -6.84 -5.36
CA THR A 22 4.79 -6.93 -5.03
C THR A 22 5.22 -5.81 -4.10
N ARG A 23 6.42 -5.92 -3.54
CA ARG A 23 6.95 -4.92 -2.63
C ARG A 23 6.67 -3.51 -3.15
N LEU A 24 6.79 -2.52 -2.28
CA LEU A 24 6.56 -1.14 -2.65
C LEU A 24 7.87 -0.36 -2.73
N VAL A 25 7.85 0.76 -3.43
CA VAL A 25 9.04 1.60 -3.58
C VAL A 25 8.79 3.00 -3.03
N PHE A 26 9.62 3.40 -2.06
CA PHE A 26 9.48 4.71 -1.45
C PHE A 26 10.60 5.64 -1.92
N SER A 27 10.25 6.87 -2.26
CA SER A 27 11.22 7.86 -2.72
C SER A 27 11.58 8.84 -1.60
N ALA A 28 10.60 9.14 -0.76
CA ALA A 28 10.80 10.07 0.35
C ALA A 28 11.31 11.42 -0.15
N LEU A 29 10.58 12.00 -1.09
CA LEU A 29 10.95 13.30 -1.65
C LEU A 29 11.43 14.25 -0.56
N GLY A 30 10.89 14.08 0.64
CA GLY A 30 11.28 14.93 1.75
C GLY A 30 10.84 14.36 3.10
N PRO A 31 10.90 15.20 4.14
CA PRO A 31 10.50 14.81 5.50
C PRO A 31 9.00 14.61 5.63
N THR A 32 8.24 15.33 4.80
CA THR A 32 6.79 15.23 4.83
C THR A 32 6.24 14.82 3.46
N SER A 33 7.09 14.20 2.65
CA SER A 33 6.70 13.75 1.32
C SER A 33 7.26 12.36 1.03
N LEU A 34 6.51 11.58 0.25
CA LEU A 34 6.92 10.24 -0.10
C LEU A 34 6.27 9.79 -1.41
N ARG A 35 6.79 8.71 -1.98
CA ARG A 35 6.25 8.18 -3.23
C ARG A 35 6.25 6.66 -3.22
N VAL A 36 5.07 6.07 -3.06
CA VAL A 36 4.94 4.62 -3.03
C VAL A 36 4.59 4.07 -4.41
N SER A 37 5.39 3.12 -4.88
CA SER A 37 5.17 2.51 -6.19
C SER A 37 5.15 0.99 -6.09
N TRP A 38 4.17 0.38 -6.72
CA TRP A 38 4.03 -1.08 -6.72
C TRP A 38 4.02 -1.63 -8.13
N GLN A 39 3.84 -2.94 -8.24
CA GLN A 39 3.80 -3.61 -9.54
C GLN A 39 2.46 -4.29 -9.77
N GLU A 40 1.90 -4.10 -10.95
CA GLU A 40 0.60 -4.69 -11.29
C GLU A 40 0.63 -6.20 -11.08
N PRO A 41 -0.07 -6.66 -10.04
CA PRO A 41 -0.15 -8.09 -9.70
C PRO A 41 -0.95 -8.89 -10.71
N ARG A 42 -1.09 -10.19 -10.47
CA ARG A 42 -1.82 -11.06 -11.37
C ARG A 42 -3.32 -11.02 -11.04
N CYS A 43 -4.14 -10.97 -12.09
CA CYS A 43 -5.59 -10.92 -11.93
C CYS A 43 -6.30 -11.27 -13.22
N GLU A 44 -7.08 -12.36 -13.19
CA GLU A 44 -7.80 -12.81 -14.38
C GLU A 44 -8.70 -11.70 -14.91
N ARG A 45 -9.13 -10.80 -14.03
CA ARG A 45 -9.98 -9.69 -14.42
C ARG A 45 -9.20 -8.38 -14.45
N PRO A 46 -9.65 -7.44 -15.29
CA PRO A 46 -9.01 -6.12 -15.42
C PRO A 46 -9.20 -5.26 -14.18
N LEU A 47 -8.11 -4.65 -13.71
CA LEU A 47 -8.16 -3.80 -12.53
C LEU A 47 -8.80 -2.45 -12.86
N GLN A 48 -9.39 -1.83 -11.86
CA GLN A 48 -10.05 -0.53 -12.04
C GLN A 48 -9.24 0.58 -11.40
N GLY A 49 -8.30 0.21 -10.53
CA GLY A 49 -7.47 1.19 -9.85
C GLY A 49 -6.61 0.57 -8.77
N TYR A 50 -6.31 1.36 -7.74
CA TYR A 50 -5.48 0.89 -6.64
C TYR A 50 -5.81 1.63 -5.36
N SER A 51 -5.29 1.13 -4.24
CA SER A 51 -5.53 1.75 -2.93
C SER A 51 -4.27 1.74 -2.08
N VAL A 52 -3.98 2.85 -1.43
CA VAL A 52 -2.81 2.97 -0.58
C VAL A 52 -3.18 3.44 0.82
N GLU A 53 -3.20 2.51 1.77
CA GLU A 53 -3.55 2.83 3.16
C GLU A 53 -2.29 2.97 4.00
N TYR A 54 -2.03 4.19 4.46
CA TYR A 54 -0.87 4.47 5.29
C TYR A 54 -1.26 5.09 6.62
N GLN A 55 -0.56 4.72 7.68
CA GLN A 55 -0.85 5.25 9.01
C GLN A 55 0.34 5.03 9.95
N LEU A 56 0.45 5.88 10.97
CA LEU A 56 1.53 5.78 11.93
C LEU A 56 1.69 4.35 12.43
N LEU A 57 2.87 3.77 12.20
CA LEU A 57 3.15 2.41 12.63
C LEU A 57 2.65 2.16 14.05
N ASN A 58 3.10 2.98 14.99
CA ASN A 58 2.70 2.85 16.38
C ASN A 58 1.18 2.82 16.50
N GLY A 59 0.51 3.64 15.70
CA GLY A 59 -0.94 3.68 15.74
C GLY A 59 -1.48 5.11 15.76
N GLY A 60 -2.18 5.48 14.68
CA GLY A 60 -2.73 6.81 14.60
C GLY A 60 -3.70 6.97 13.44
N GLU A 61 -4.10 8.20 13.16
CA GLU A 61 -5.03 8.48 12.07
C GLU A 61 -4.64 7.70 10.82
N LEU A 62 -5.61 7.03 10.22
CA LEU A 62 -5.38 6.24 9.02
C LEU A 62 -5.70 7.06 7.77
N HIS A 63 -4.85 6.92 6.75
CA HIS A 63 -5.05 7.64 5.49
C HIS A 63 -5.18 6.67 4.33
N ARG A 64 -6.33 6.71 3.66
CA ARG A 64 -6.59 5.84 2.52
C ARG A 64 -6.57 6.63 1.22
N LEU A 65 -5.72 6.19 0.28
CA LEU A 65 -5.61 6.86 -1.01
C LEU A 65 -6.15 5.97 -2.13
N ASN A 66 -7.02 6.53 -2.96
CA ASN A 66 -7.61 5.79 -4.07
C ASN A 66 -6.99 6.22 -5.39
N ILE A 67 -6.77 5.25 -6.28
CA ILE A 67 -6.19 5.52 -7.58
C ILE A 67 -7.20 5.31 -8.70
N PRO A 68 -7.70 6.41 -9.28
CA PRO A 68 -8.68 6.38 -10.36
C PRO A 68 -8.08 5.85 -11.66
N ASN A 69 -6.81 5.45 -11.61
CA ASN A 69 -6.12 4.92 -12.79
C ASN A 69 -5.46 3.59 -12.48
N PRO A 70 -5.96 2.51 -13.10
CA PRO A 70 -5.44 1.17 -12.91
C PRO A 70 -4.04 0.99 -13.52
N ALA A 71 -3.57 2.04 -14.19
CA ALA A 71 -2.26 2.00 -14.83
C ALA A 71 -1.21 2.71 -13.97
N GLN A 72 -1.68 3.65 -13.14
CA GLN A 72 -0.78 4.40 -12.27
C GLN A 72 -0.34 3.55 -11.08
N THR A 73 0.86 2.99 -11.18
CA THR A 73 1.41 2.15 -10.12
C THR A 73 2.38 2.94 -9.24
N SER A 74 2.11 4.23 -9.07
CA SER A 74 2.96 5.09 -8.26
C SER A 74 2.19 6.29 -7.75
N VAL A 75 2.17 6.46 -6.43
CA VAL A 75 1.46 7.57 -5.82
C VAL A 75 2.38 8.34 -4.85
N VAL A 76 2.15 9.64 -4.74
CA VAL A 76 2.95 10.48 -3.86
C VAL A 76 2.19 10.82 -2.58
N VAL A 77 2.75 10.44 -1.44
CA VAL A 77 2.13 10.69 -0.15
C VAL A 77 2.77 11.90 0.53
N GLU A 78 1.92 12.79 1.05
CA GLU A 78 2.40 13.99 1.74
C GLU A 78 1.64 14.22 3.03
N ASP A 79 1.93 15.33 3.70
CA ASP A 79 1.27 15.67 4.95
C ASP A 79 1.59 14.63 6.03
N LEU A 80 2.84 14.22 6.08
CA LEU A 80 3.28 13.22 7.07
C LEU A 80 4.08 13.87 8.18
N LEU A 81 4.56 13.06 9.11
CA LEU A 81 5.36 13.57 10.24
C LEU A 81 6.80 13.09 10.15
N PRO A 82 7.74 14.00 10.40
CA PRO A 82 9.18 13.70 10.35
C PRO A 82 9.62 12.79 11.49
N ASN A 83 10.62 11.96 11.23
CA ASN A 83 11.13 11.04 12.23
C ASN A 83 10.01 10.17 12.79
N HIS A 84 9.10 9.75 11.91
CA HIS A 84 7.98 8.92 12.32
C HIS A 84 7.77 7.77 11.32
N SER A 85 7.45 6.59 11.85
CA SER A 85 7.23 5.42 11.01
C SER A 85 5.79 5.38 10.51
N TYR A 86 5.60 4.85 9.30
CA TYR A 86 4.27 4.75 8.71
C TYR A 86 4.13 3.46 7.92
N VAL A 87 3.13 2.65 8.29
CA VAL A 87 2.88 1.38 7.61
C VAL A 87 2.05 1.58 6.35
N PHE A 88 2.69 1.51 5.20
CA PHE A 88 2.00 1.68 3.93
C PHE A 88 1.56 0.34 3.36
N ARG A 89 0.24 0.14 3.30
CA ARG A 89 -0.32 -1.11 2.78
C ARG A 89 -1.05 -0.86 1.47
N VAL A 90 -0.41 -1.23 0.36
CA VAL A 90 -1.01 -1.06 -0.95
C VAL A 90 -1.76 -2.31 -1.39
N ARG A 91 -2.73 -2.14 -2.27
CA ARG A 91 -3.52 -3.25 -2.78
C ARG A 91 -4.23 -2.88 -4.08
N ALA A 92 -4.58 -3.90 -4.86
CA ALA A 92 -5.27 -3.68 -6.13
C ALA A 92 -6.76 -4.01 -6.02
N GLN A 93 -7.54 -3.46 -6.94
CA GLN A 93 -8.99 -3.69 -6.94
C GLN A 93 -9.46 -4.19 -8.30
N SER A 94 -10.29 -5.23 -8.29
CA SER A 94 -10.81 -5.81 -9.52
C SER A 94 -12.32 -6.01 -9.44
N GLN A 95 -12.94 -6.27 -10.58
CA GLN A 95 -14.39 -6.49 -10.62
C GLN A 95 -14.86 -7.28 -9.41
N GLU A 96 -14.09 -8.30 -9.04
CA GLU A 96 -14.44 -9.13 -7.90
C GLU A 96 -14.42 -8.33 -6.61
N GLY A 97 -13.25 -7.86 -6.22
CA GLY A 97 -13.13 -7.07 -5.00
C GLY A 97 -11.68 -6.84 -4.61
N TRP A 98 -11.48 -6.09 -3.53
CA TRP A 98 -10.13 -5.79 -3.05
C TRP A 98 -9.43 -7.06 -2.58
N GLY A 99 -8.33 -7.40 -3.24
CA GLY A 99 -7.58 -8.58 -2.87
C GLY A 99 -6.68 -8.36 -1.69
N ARG A 100 -5.49 -8.96 -1.73
CA ARG A 100 -4.52 -8.81 -0.64
C ARG A 100 -3.81 -7.47 -0.71
N GLU A 101 -3.15 -7.09 0.38
CA GLU A 101 -2.43 -5.83 0.43
C GLU A 101 -1.00 -6.03 0.92
N ARG A 102 -0.05 -5.49 0.19
CA ARG A 102 1.36 -5.61 0.54
C ARG A 102 1.75 -4.56 1.59
N GLU A 103 2.41 -5.01 2.65
CA GLU A 103 2.85 -4.12 3.71
C GLU A 103 4.19 -3.47 3.37
N GLY A 104 4.31 -2.18 3.66
CA GLY A 104 5.55 -1.47 3.38
C GLY A 104 5.79 -0.32 4.34
N VAL A 105 6.42 -0.62 5.47
CA VAL A 105 6.71 0.39 6.48
C VAL A 105 7.88 1.27 6.05
N ILE A 106 7.89 2.50 6.53
CA ILE A 106 8.96 3.45 6.20
C ILE A 106 9.29 4.33 7.39
N THR A 107 10.57 4.70 7.51
CA THR A 107 11.03 5.54 8.61
C THR A 107 11.59 6.86 8.08
N ILE A 108 10.83 7.93 8.28
CA ILE A 108 11.26 9.26 7.82
C ILE A 108 12.60 9.65 8.45
N GLU A 109 13.65 9.64 7.65
CA GLU A 109 14.98 10.00 8.12
C GLU A 109 15.52 11.22 7.38
N SER A 110 15.63 12.33 8.08
CA SER A 110 16.12 13.57 7.49
C SER A 110 17.64 13.64 7.57
N GLN A 111 18.31 13.13 6.54
CA GLN A 111 19.77 13.13 6.49
C GLN A 111 20.28 13.75 5.20
N VAL A 112 19.64 14.85 4.79
CA VAL A 112 20.03 15.54 3.56
C VAL A 112 20.63 14.58 2.55
N SER A 113 20.02 13.40 2.43
CA SER A 113 20.49 12.38 1.50
C SER A 113 22.02 12.42 1.39
N GLY A 114 22.69 12.35 2.52
CA GLY A 114 24.14 12.38 2.53
C GLY A 114 24.76 11.00 2.39
N PRO A 115 26.09 10.95 2.37
CA PRO A 115 26.82 9.68 2.23
C PRO A 115 26.71 8.80 3.48
N SER A 116 26.37 7.54 3.27
CA SER A 116 26.22 6.60 4.38
C SER A 116 26.06 5.17 3.86
N SER A 117 26.80 4.24 4.46
CA SER A 117 26.74 2.85 4.06
C SER A 117 27.17 1.93 5.20
N GLY A 118 26.28 1.04 5.61
CA GLY A 118 26.58 0.12 6.69
C GLY A 118 27.64 -0.89 6.30
N GLY A 1 -17.88 -4.15 -1.30
CA GLY A 1 -17.04 -4.98 -0.46
C GLY A 1 -16.68 -4.30 0.85
N SER A 2 -17.24 -4.78 1.95
CA SER A 2 -16.97 -4.22 3.26
C SER A 2 -15.58 -4.61 3.75
N SER A 3 -14.72 -3.61 3.91
CA SER A 3 -13.36 -3.84 4.37
C SER A 3 -13.34 -4.88 5.50
N GLY A 4 -12.31 -5.72 5.50
CA GLY A 4 -12.19 -6.75 6.53
C GLY A 4 -12.04 -6.15 7.91
N SER A 5 -11.68 -6.99 8.88
CA SER A 5 -11.51 -6.55 10.25
C SER A 5 -10.12 -6.91 10.77
N SER A 6 -9.73 -8.16 10.59
CA SER A 6 -8.42 -8.63 11.04
C SER A 6 -7.82 -9.61 10.04
N GLY A 7 -6.49 -9.68 10.02
CA GLY A 7 -5.81 -10.57 9.10
C GLY A 7 -5.81 -12.01 9.58
N SER A 8 -6.57 -12.86 8.89
CA SER A 8 -6.66 -14.27 9.26
C SER A 8 -6.75 -15.15 8.01
N HIS A 9 -6.28 -16.39 8.13
CA HIS A 9 -6.32 -17.33 7.01
C HIS A 9 -7.73 -17.45 6.46
N ASP A 10 -7.84 -17.39 5.13
CA ASP A 10 -9.13 -17.49 4.46
C ASP A 10 -9.05 -18.42 3.27
N SER A 11 -10.21 -18.83 2.75
CA SER A 11 -10.28 -19.72 1.61
C SER A 11 -11.71 -19.84 1.08
N ARG A 12 -11.85 -20.40 -0.11
CA ARG A 12 -13.16 -20.57 -0.73
C ARG A 12 -13.83 -19.22 -0.95
N LEU A 13 -13.09 -18.29 -1.54
CA LEU A 13 -13.61 -16.96 -1.82
C LEU A 13 -13.33 -16.55 -3.27
N THR A 14 -13.69 -15.32 -3.61
CA THR A 14 -13.47 -14.81 -4.95
C THR A 14 -12.16 -15.32 -5.54
N ALA A 15 -12.18 -15.65 -6.82
CA ALA A 15 -11.00 -16.15 -7.50
C ALA A 15 -10.44 -15.13 -8.48
N GLY A 16 -11.34 -14.37 -9.11
CA GLY A 16 -10.92 -13.37 -10.07
C GLY A 16 -10.44 -12.09 -9.40
N VAL A 17 -9.71 -12.24 -8.30
CA VAL A 17 -9.20 -11.09 -7.56
C VAL A 17 -7.70 -10.95 -7.73
N PRO A 18 -7.20 -9.71 -7.63
CA PRO A 18 -5.77 -9.42 -7.78
C PRO A 18 -4.95 -9.94 -6.61
N ASP A 19 -4.03 -10.86 -6.90
CA ASP A 19 -3.17 -11.43 -5.87
C ASP A 19 -2.43 -10.34 -5.11
N THR A 20 -1.62 -10.76 -4.13
CA THR A 20 -0.84 -9.82 -3.34
C THR A 20 0.21 -9.10 -4.18
N PRO A 21 0.24 -7.76 -4.08
CA PRO A 21 1.19 -6.94 -4.83
C PRO A 21 2.62 -7.11 -4.33
N THR A 22 3.58 -6.92 -5.24
CA THR A 22 5.00 -7.06 -4.89
C THR A 22 5.44 -5.94 -3.95
N ARG A 23 6.69 -6.03 -3.49
CA ARG A 23 7.24 -5.03 -2.58
C ARG A 23 6.98 -3.62 -3.11
N LEU A 24 6.96 -2.64 -2.20
CA LEU A 24 6.73 -1.25 -2.57
C LEU A 24 8.04 -0.48 -2.64
N VAL A 25 8.03 0.63 -3.38
CA VAL A 25 9.22 1.46 -3.53
C VAL A 25 8.96 2.88 -3.03
N PHE A 26 9.68 3.27 -1.98
CA PHE A 26 9.53 4.61 -1.41
C PHE A 26 10.65 5.53 -1.89
N SER A 27 10.28 6.77 -2.22
CA SER A 27 11.25 7.75 -2.70
C SER A 27 11.62 8.73 -1.59
N ALA A 28 10.63 9.12 -0.80
CA ALA A 28 10.86 10.05 0.30
C ALA A 28 11.37 11.39 -0.21
N LEU A 29 10.65 11.97 -1.16
CA LEU A 29 11.02 13.25 -1.73
C LEU A 29 11.51 14.22 -0.65
N GLY A 30 11.02 14.02 0.57
CA GLY A 30 11.41 14.88 1.68
C GLY A 30 10.93 14.35 3.01
N PRO A 31 11.02 15.19 4.05
CA PRO A 31 10.60 14.82 5.40
C PRO A 31 9.08 14.68 5.52
N THR A 32 8.36 15.43 4.70
CA THR A 32 6.91 15.39 4.72
C THR A 32 6.35 14.96 3.36
N SER A 33 7.20 14.33 2.56
CA SER A 33 6.80 13.86 1.23
C SER A 33 7.35 12.45 0.96
N LEU A 34 6.58 11.67 0.20
CA LEU A 34 6.99 10.31 -0.13
C LEU A 34 6.34 9.86 -1.44
N ARG A 35 6.85 8.77 -1.99
CA ARG A 35 6.32 8.23 -3.24
C ARG A 35 6.38 6.70 -3.24
N VAL A 36 5.22 6.07 -3.06
CA VAL A 36 5.14 4.62 -3.03
C VAL A 36 4.79 4.07 -4.41
N SER A 37 5.55 3.07 -4.85
CA SER A 37 5.32 2.45 -6.15
C SER A 37 5.26 0.94 -6.04
N TRP A 38 4.24 0.34 -6.65
CA TRP A 38 4.06 -1.11 -6.61
C TRP A 38 4.03 -1.69 -8.02
N GLN A 39 3.79 -2.99 -8.12
CA GLN A 39 3.73 -3.67 -9.40
C GLN A 39 2.36 -4.28 -9.64
N GLU A 40 1.83 -4.10 -10.84
CA GLU A 40 0.51 -4.64 -11.20
C GLU A 40 0.47 -6.15 -10.98
N PRO A 41 -0.26 -6.59 -9.96
CA PRO A 41 -0.40 -8.00 -9.62
C PRO A 41 -1.22 -8.77 -10.66
N ARG A 42 -1.26 -10.09 -10.52
CA ARG A 42 -2.01 -10.93 -11.45
C ARG A 42 -3.51 -10.89 -11.14
N CYS A 43 -4.33 -10.85 -12.19
CA CYS A 43 -5.77 -10.80 -12.02
C CYS A 43 -6.48 -11.14 -13.33
N GLU A 44 -7.24 -12.23 -13.32
CA GLU A 44 -7.96 -12.67 -14.51
C GLU A 44 -8.87 -11.56 -15.03
N ARG A 45 -9.29 -10.67 -14.14
CA ARG A 45 -10.15 -9.57 -14.51
C ARG A 45 -9.39 -8.25 -14.52
N PRO A 46 -9.86 -7.29 -15.34
CA PRO A 46 -9.22 -5.97 -15.46
C PRO A 46 -9.39 -5.13 -14.21
N LEU A 47 -8.29 -4.57 -13.72
CA LEU A 47 -8.32 -3.74 -12.52
C LEU A 47 -8.95 -2.38 -12.82
N GLN A 48 -9.49 -1.74 -11.79
CA GLN A 48 -10.12 -0.43 -11.94
C GLN A 48 -9.27 0.66 -11.31
N GLY A 49 -8.42 0.28 -10.36
CA GLY A 49 -7.57 1.23 -9.69
C GLY A 49 -6.71 0.60 -8.61
N TYR A 50 -6.35 1.38 -7.61
CA TYR A 50 -5.53 0.89 -6.51
C TYR A 50 -5.89 1.61 -5.20
N SER A 51 -5.36 1.10 -4.09
CA SER A 51 -5.62 1.68 -2.78
C SER A 51 -4.36 1.66 -1.92
N VAL A 52 -3.95 2.83 -1.44
CA VAL A 52 -2.77 2.93 -0.60
C VAL A 52 -3.12 3.46 0.79
N GLU A 53 -3.21 2.54 1.75
CA GLU A 53 -3.55 2.91 3.13
C GLU A 53 -2.28 3.05 3.97
N TYR A 54 -2.06 4.26 4.49
CA TYR A 54 -0.89 4.53 5.30
C TYR A 54 -1.30 5.19 6.63
N GLN A 55 -0.63 4.79 7.71
CA GLN A 55 -0.92 5.35 9.02
C GLN A 55 0.26 5.13 9.97
N LEU A 56 0.36 5.99 10.98
CA LEU A 56 1.43 5.90 11.97
C LEU A 56 1.58 4.47 12.48
N LEU A 57 2.78 3.92 12.37
CA LEU A 57 3.06 2.57 12.82
C LEU A 57 2.49 2.33 14.22
N ASN A 58 2.91 3.18 15.17
CA ASN A 58 2.45 3.06 16.54
C ASN A 58 0.92 3.00 16.60
N GLY A 59 0.27 3.84 15.81
CA GLY A 59 -1.18 3.86 15.79
C GLY A 59 -1.75 5.28 15.81
N GLY A 60 -2.54 5.61 14.81
CA GLY A 60 -3.13 6.93 14.73
C GLY A 60 -4.08 7.09 13.56
N GLU A 61 -4.33 8.33 13.17
CA GLU A 61 -5.23 8.61 12.05
C GLU A 61 -4.80 7.85 10.81
N LEU A 62 -5.73 7.08 10.24
CA LEU A 62 -5.44 6.30 9.04
C LEU A 62 -5.76 7.10 7.77
N HIS A 63 -4.90 6.99 6.78
CA HIS A 63 -5.08 7.70 5.52
C HIS A 63 -5.22 6.71 4.36
N ARG A 64 -6.39 6.75 3.70
CA ARG A 64 -6.65 5.86 2.57
C ARG A 64 -6.62 6.63 1.25
N LEU A 65 -5.77 6.19 0.33
CA LEU A 65 -5.65 6.84 -0.97
C LEU A 65 -6.15 5.93 -2.08
N ASN A 66 -7.00 6.48 -2.94
CA ASN A 66 -7.55 5.72 -4.06
C ASN A 66 -6.97 6.18 -5.39
N ILE A 67 -6.73 5.23 -6.29
CA ILE A 67 -6.18 5.55 -7.60
C ILE A 67 -7.21 5.33 -8.70
N PRO A 68 -7.68 6.44 -9.29
CA PRO A 68 -8.68 6.40 -10.36
C PRO A 68 -8.11 5.84 -11.66
N ASN A 69 -6.86 5.41 -11.61
CA ASN A 69 -6.18 4.86 -12.79
C ASN A 69 -5.54 3.51 -12.46
N PRO A 70 -6.03 2.45 -13.11
CA PRO A 70 -5.52 1.08 -12.90
C PRO A 70 -4.11 0.91 -13.47
N ALA A 71 -3.63 1.93 -14.17
CA ALA A 71 -2.29 1.89 -14.76
C ALA A 71 -1.26 2.54 -13.84
N GLN A 72 -1.70 3.51 -13.05
CA GLN A 72 -0.81 4.21 -12.13
C GLN A 72 -0.47 3.32 -10.94
N THR A 73 0.71 2.71 -10.99
CA THR A 73 1.17 1.83 -9.92
C THR A 73 2.11 2.57 -8.96
N SER A 74 1.82 3.85 -8.74
CA SER A 74 2.65 4.66 -7.85
C SER A 74 1.92 5.95 -7.45
N VAL A 75 2.01 6.29 -6.18
CA VAL A 75 1.36 7.50 -5.67
C VAL A 75 2.28 8.27 -4.73
N VAL A 76 2.15 9.59 -4.75
CA VAL A 76 2.97 10.45 -3.91
C VAL A 76 2.24 10.82 -2.62
N VAL A 77 2.81 10.44 -1.49
CA VAL A 77 2.21 10.73 -0.19
C VAL A 77 2.91 11.92 0.47
N GLU A 78 2.12 12.92 0.86
CA GLU A 78 2.65 14.11 1.51
C GLU A 78 1.88 14.42 2.78
N ASP A 79 2.21 15.56 3.40
CA ASP A 79 1.55 15.98 4.63
C ASP A 79 1.77 14.95 5.75
N LEU A 80 3.02 14.55 5.93
CA LEU A 80 3.36 13.58 6.97
C LEU A 80 4.14 14.24 8.10
N LEU A 81 4.59 13.42 9.06
CA LEU A 81 5.35 13.93 10.19
C LEU A 81 6.80 13.45 10.12
N PRO A 82 7.74 14.36 10.43
CA PRO A 82 9.17 14.06 10.42
C PRO A 82 9.58 13.11 11.54
N ASN A 83 10.52 12.23 11.26
CA ASN A 83 11.00 11.26 12.25
C ASN A 83 9.84 10.45 12.81
N HIS A 84 8.98 9.96 11.92
CA HIS A 84 7.83 9.16 12.33
C HIS A 84 7.59 8.02 11.34
N SER A 85 7.49 6.80 11.87
CA SER A 85 7.25 5.63 11.02
C SER A 85 5.84 5.63 10.48
N TYR A 86 5.63 4.86 9.40
CA TYR A 86 4.31 4.78 8.77
C TYR A 86 4.17 3.47 8.00
N VAL A 87 3.13 2.70 8.35
CA VAL A 87 2.87 1.43 7.69
C VAL A 87 2.05 1.63 6.42
N PHE A 88 2.72 1.53 5.28
CA PHE A 88 2.05 1.69 3.99
C PHE A 88 1.61 0.34 3.43
N ARG A 89 0.30 0.18 3.24
CA ARG A 89 -0.25 -1.06 2.72
C ARG A 89 -0.94 -0.82 1.39
N VAL A 90 -0.29 -1.23 0.30
CA VAL A 90 -0.85 -1.07 -1.03
C VAL A 90 -1.71 -2.26 -1.43
N ARG A 91 -2.89 -1.98 -1.97
CA ARG A 91 -3.81 -3.02 -2.39
C ARG A 91 -4.34 -2.75 -3.79
N ALA A 92 -4.95 -3.77 -4.40
CA ALA A 92 -5.51 -3.64 -5.75
C ALA A 92 -6.98 -4.02 -5.76
N GLN A 93 -7.71 -3.49 -6.74
CA GLN A 93 -9.13 -3.78 -6.87
C GLN A 93 -9.48 -4.17 -8.30
N SER A 94 -10.34 -5.18 -8.45
CA SER A 94 -10.75 -5.65 -9.76
C SER A 94 -12.25 -5.89 -9.81
N GLN A 95 -12.80 -5.98 -11.02
CA GLN A 95 -14.22 -6.20 -11.20
C GLN A 95 -14.79 -7.10 -10.09
N GLU A 96 -14.05 -8.15 -9.77
CA GLU A 96 -14.48 -9.08 -8.72
C GLU A 96 -14.54 -8.39 -7.36
N GLY A 97 -13.38 -7.92 -6.90
CA GLY A 97 -13.33 -7.24 -5.61
C GLY A 97 -11.91 -6.95 -5.17
N TRP A 98 -11.75 -6.53 -3.93
CA TRP A 98 -10.43 -6.22 -3.38
C TRP A 98 -9.67 -7.50 -3.03
N GLY A 99 -8.48 -7.64 -3.59
CA GLY A 99 -7.67 -8.82 -3.33
C GLY A 99 -6.80 -8.66 -2.09
N ARG A 100 -5.51 -8.94 -2.24
CA ARG A 100 -4.58 -8.83 -1.13
C ARG A 100 -3.77 -7.54 -1.22
N GLU A 101 -3.01 -7.25 -0.16
CA GLU A 101 -2.19 -6.05 -0.12
C GLU A 101 -0.79 -6.36 0.37
N ARG A 102 0.15 -5.45 0.12
CA ARG A 102 1.53 -5.63 0.54
C ARG A 102 1.90 -4.63 1.63
N GLU A 103 2.61 -5.10 2.65
CA GLU A 103 3.03 -4.25 3.75
C GLU A 103 4.38 -3.59 3.47
N GLY A 104 4.49 -2.30 3.78
CA GLY A 104 5.72 -1.58 3.55
C GLY A 104 5.87 -0.39 4.47
N VAL A 105 6.55 -0.60 5.60
CA VAL A 105 6.77 0.47 6.57
C VAL A 105 7.92 1.36 6.14
N ILE A 106 7.88 2.62 6.57
CA ILE A 106 8.92 3.58 6.24
C ILE A 106 9.24 4.49 7.42
N THR A 107 10.50 4.90 7.53
CA THR A 107 10.93 5.77 8.61
C THR A 107 11.50 7.08 8.08
N ILE A 108 10.77 8.17 8.28
CA ILE A 108 11.20 9.48 7.82
C ILE A 108 12.59 9.82 8.37
N GLU A 109 13.56 9.95 7.46
CA GLU A 109 14.92 10.27 7.86
C GLU A 109 15.44 11.48 7.08
N SER A 110 15.40 12.65 7.73
CA SER A 110 15.85 13.89 7.09
C SER A 110 17.37 14.04 7.24
N GLN A 111 18.05 14.15 6.11
CA GLN A 111 19.50 14.29 6.11
C GLN A 111 19.92 15.62 5.47
N VAL A 112 19.30 16.71 5.94
CA VAL A 112 19.61 18.04 5.42
C VAL A 112 20.78 18.67 6.16
N SER A 113 21.80 17.86 6.44
CA SER A 113 22.98 18.35 7.15
C SER A 113 24.12 18.65 6.17
N GLY A 114 24.45 17.67 5.34
CA GLY A 114 25.51 17.85 4.38
C GLY A 114 25.42 16.87 3.22
N PRO A 115 25.59 17.38 1.99
CA PRO A 115 25.52 16.57 0.78
C PRO A 115 26.71 15.62 0.64
N SER A 116 26.42 14.33 0.48
CA SER A 116 27.46 13.32 0.35
C SER A 116 27.75 13.02 -1.12
N SER A 117 29.03 12.90 -1.46
CA SER A 117 29.44 12.61 -2.83
C SER A 117 30.22 11.30 -2.90
N GLY A 118 29.71 10.37 -3.71
CA GLY A 118 30.36 9.09 -3.86
C GLY A 118 31.32 9.06 -5.05
N GLY A 1 -3.71 -28.40 2.93
CA GLY A 1 -4.14 -28.32 1.55
C GLY A 1 -5.17 -27.22 1.33
N SER A 2 -6.30 -27.59 0.72
CA SER A 2 -7.37 -26.64 0.45
C SER A 2 -8.65 -27.36 0.04
N SER A 3 -9.77 -26.65 0.10
CA SER A 3 -11.06 -27.21 -0.25
C SER A 3 -11.96 -26.17 -0.91
N GLY A 4 -12.65 -26.56 -1.97
CA GLY A 4 -13.53 -25.65 -2.66
C GLY A 4 -13.04 -25.30 -4.05
N SER A 5 -13.97 -25.10 -4.98
CA SER A 5 -13.62 -24.77 -6.35
C SER A 5 -14.46 -23.60 -6.86
N SER A 6 -13.86 -22.76 -7.70
CA SER A 6 -14.54 -21.60 -8.25
C SER A 6 -15.44 -22.00 -9.42
N GLY A 7 -16.55 -21.29 -9.57
CA GLY A 7 -17.49 -21.60 -10.64
C GLY A 7 -18.30 -20.39 -11.06
N SER A 8 -19.38 -20.12 -10.31
CA SER A 8 -20.24 -19.00 -10.61
C SER A 8 -19.77 -17.74 -9.89
N HIS A 9 -20.05 -16.58 -10.49
CA HIS A 9 -19.64 -15.30 -9.91
C HIS A 9 -20.10 -15.20 -8.46
N ASP A 10 -19.18 -15.42 -7.53
CA ASP A 10 -19.50 -15.35 -6.11
C ASP A 10 -18.36 -14.72 -5.33
N SER A 11 -18.62 -13.57 -4.72
CA SER A 11 -17.60 -12.85 -3.94
C SER A 11 -16.67 -13.84 -3.25
N ARG A 12 -17.23 -14.92 -2.73
CA ARG A 12 -16.45 -15.94 -2.04
C ARG A 12 -15.48 -16.63 -3.00
N LEU A 13 -14.80 -17.66 -2.51
CA LEU A 13 -13.86 -18.41 -3.33
C LEU A 13 -13.15 -17.49 -4.32
N THR A 14 -12.90 -16.26 -3.91
CA THR A 14 -12.24 -15.28 -4.77
C THR A 14 -11.22 -15.95 -5.69
N ALA A 15 -11.35 -15.72 -6.98
CA ALA A 15 -10.43 -16.30 -7.96
C ALA A 15 -9.87 -15.22 -8.89
N GLY A 16 -10.74 -14.43 -9.48
CA GLY A 16 -10.31 -13.37 -10.39
C GLY A 16 -9.92 -12.12 -9.65
N VAL A 17 -9.24 -12.28 -8.52
CA VAL A 17 -8.79 -11.13 -7.72
C VAL A 17 -7.29 -10.91 -7.85
N PRO A 18 -6.87 -9.65 -7.70
CA PRO A 18 -5.46 -9.28 -7.80
C PRO A 18 -4.63 -9.81 -6.62
N ASP A 19 -3.80 -10.81 -6.90
CA ASP A 19 -2.96 -11.41 -5.88
C ASP A 19 -2.10 -10.34 -5.19
N THR A 20 -1.69 -10.63 -3.96
CA THR A 20 -0.88 -9.70 -3.18
C THR A 20 0.20 -9.06 -4.07
N PRO A 21 0.24 -7.71 -4.05
CA PRO A 21 1.21 -6.95 -4.83
C PRO A 21 2.63 -7.10 -4.31
N THR A 22 3.61 -6.89 -5.18
CA THR A 22 5.01 -7.02 -4.81
C THR A 22 5.43 -5.88 -3.87
N ARG A 23 6.61 -6.01 -3.29
CA ARG A 23 7.12 -4.99 -2.37
C ARG A 23 6.85 -3.58 -2.91
N LEU A 24 6.93 -2.59 -2.03
CA LEU A 24 6.69 -1.21 -2.41
C LEU A 24 8.00 -0.42 -2.44
N VAL A 25 8.03 0.63 -3.25
CA VAL A 25 9.21 1.48 -3.37
C VAL A 25 8.94 2.88 -2.84
N PHE A 26 9.71 3.29 -1.84
CA PHE A 26 9.54 4.61 -1.24
C PHE A 26 10.64 5.56 -1.72
N SER A 27 10.24 6.75 -2.15
CA SER A 27 11.19 7.75 -2.63
C SER A 27 11.57 8.73 -1.53
N ALA A 28 10.59 9.05 -0.69
CA ALA A 28 10.81 9.98 0.41
C ALA A 28 11.33 11.33 -0.10
N LEU A 29 10.61 11.92 -1.05
CA LEU A 29 10.99 13.20 -1.61
C LEU A 29 11.44 14.17 -0.53
N GLY A 30 10.91 13.99 0.67
CA GLY A 30 11.27 14.86 1.79
C GLY A 30 10.80 14.32 3.12
N PRO A 31 10.85 15.17 4.15
CA PRO A 31 10.41 14.79 5.51
C PRO A 31 8.91 14.60 5.61
N THR A 32 8.17 15.30 4.75
CA THR A 32 6.72 15.21 4.74
C THR A 32 6.20 14.76 3.38
N SER A 33 7.08 14.15 2.59
CA SER A 33 6.71 13.67 1.26
C SER A 33 7.27 12.28 1.01
N LEU A 34 6.56 11.50 0.21
CA LEU A 34 6.98 10.14 -0.11
C LEU A 34 6.38 9.69 -1.44
N ARG A 35 6.98 8.66 -2.04
CA ARG A 35 6.50 8.14 -3.31
C ARG A 35 6.47 6.61 -3.28
N VAL A 36 5.29 6.05 -2.99
CA VAL A 36 5.12 4.61 -2.93
C VAL A 36 4.78 4.04 -4.31
N SER A 37 5.55 3.03 -4.73
CA SER A 37 5.34 2.40 -6.03
C SER A 37 5.31 0.88 -5.89
N TRP A 38 4.31 0.25 -6.51
CA TRP A 38 4.17 -1.19 -6.46
C TRP A 38 4.23 -1.79 -7.86
N GLN A 39 4.00 -3.10 -7.94
CA GLN A 39 4.03 -3.80 -9.23
C GLN A 39 2.67 -4.41 -9.54
N GLU A 40 2.15 -4.12 -10.73
CA GLU A 40 0.86 -4.65 -11.16
C GLU A 40 0.80 -6.16 -10.95
N PRO A 41 0.02 -6.58 -9.94
CA PRO A 41 -0.14 -8.00 -9.62
C PRO A 41 -0.95 -8.75 -10.67
N ARG A 42 -1.03 -10.06 -10.53
CA ARG A 42 -1.77 -10.89 -11.48
C ARG A 42 -3.27 -10.81 -11.20
N CYS A 43 -4.05 -10.73 -12.27
CA CYS A 43 -5.51 -10.64 -12.15
C CYS A 43 -6.17 -10.94 -13.50
N GLU A 44 -6.84 -12.09 -13.57
CA GLU A 44 -7.53 -12.48 -14.79
C GLU A 44 -8.47 -11.38 -15.28
N ARG A 45 -8.90 -10.53 -14.36
CA ARG A 45 -9.81 -9.43 -14.69
C ARG A 45 -9.06 -8.09 -14.67
N PRO A 46 -9.55 -7.13 -15.46
CA PRO A 46 -8.95 -5.79 -15.55
C PRO A 46 -9.16 -4.99 -14.27
N LEU A 47 -8.07 -4.40 -13.77
CA LEU A 47 -8.13 -3.60 -12.55
C LEU A 47 -8.78 -2.25 -12.83
N GLN A 48 -9.49 -1.71 -11.83
CA GLN A 48 -10.15 -0.43 -11.96
C GLN A 48 -9.33 0.69 -11.33
N GLY A 49 -8.53 0.33 -10.32
CA GLY A 49 -7.70 1.31 -9.65
C GLY A 49 -6.83 0.69 -8.58
N TYR A 50 -6.45 1.48 -7.59
CA TYR A 50 -5.60 1.01 -6.50
C TYR A 50 -5.88 1.76 -5.21
N SER A 51 -5.54 1.15 -4.09
CA SER A 51 -5.76 1.76 -2.78
C SER A 51 -4.49 1.72 -1.94
N VAL A 52 -4.01 2.91 -1.54
CA VAL A 52 -2.81 3.00 -0.73
C VAL A 52 -3.12 3.55 0.67
N GLU A 53 -3.21 2.66 1.65
CA GLU A 53 -3.50 3.05 3.02
C GLU A 53 -2.23 3.16 3.83
N TYR A 54 -2.08 4.28 4.54
CA TYR A 54 -0.89 4.51 5.36
C TYR A 54 -1.28 5.09 6.72
N GLN A 55 -0.55 4.70 7.76
CA GLN A 55 -0.81 5.18 9.11
C GLN A 55 0.38 4.94 10.03
N LEU A 56 0.52 5.77 11.04
CA LEU A 56 1.62 5.65 11.99
C LEU A 56 1.81 4.20 12.42
N LEU A 57 2.95 3.62 12.05
CA LEU A 57 3.25 2.24 12.40
C LEU A 57 2.88 1.94 13.85
N ASN A 58 3.18 2.90 14.74
CA ASN A 58 2.88 2.74 16.15
C ASN A 58 1.37 2.72 16.39
N GLY A 59 0.65 3.59 15.68
CA GLY A 59 -0.79 3.66 15.82
C GLY A 59 -1.30 5.08 15.87
N GLY A 60 -1.68 5.61 14.71
CA GLY A 60 -2.18 6.98 14.65
C GLY A 60 -3.36 7.11 13.71
N GLU A 61 -3.32 8.12 12.84
CA GLU A 61 -4.40 8.36 11.89
C GLU A 61 -4.18 7.56 10.61
N LEU A 62 -5.25 6.98 10.09
CA LEU A 62 -5.18 6.19 8.88
C LEU A 62 -5.70 6.98 7.68
N HIS A 63 -4.90 7.06 6.63
CA HIS A 63 -5.28 7.78 5.42
C HIS A 63 -5.39 6.83 4.22
N ARG A 64 -6.57 6.80 3.62
CA ARG A 64 -6.81 5.93 2.47
C ARG A 64 -6.72 6.71 1.17
N LEU A 65 -5.81 6.29 0.29
CA LEU A 65 -5.63 6.96 -1.00
C LEU A 65 -6.14 6.09 -2.14
N ASN A 66 -7.11 6.61 -2.88
CA ASN A 66 -7.69 5.89 -4.02
C ASN A 66 -7.03 6.31 -5.32
N ILE A 67 -6.84 5.35 -6.22
CA ILE A 67 -6.23 5.62 -7.51
C ILE A 67 -7.24 5.44 -8.64
N PRO A 68 -7.67 6.56 -9.24
CA PRO A 68 -8.63 6.55 -10.35
C PRO A 68 -8.03 5.98 -11.63
N ASN A 69 -6.79 5.52 -11.55
CA ASN A 69 -6.10 4.96 -12.71
C ASN A 69 -5.49 3.61 -12.37
N PRO A 70 -6.00 2.55 -13.00
CA PRO A 70 -5.52 1.19 -12.79
C PRO A 70 -4.13 0.96 -13.36
N ALA A 71 -3.63 1.96 -14.10
CA ALA A 71 -2.31 1.88 -14.70
C ALA A 71 -1.26 2.56 -13.82
N GLN A 72 -1.70 3.55 -13.04
CA GLN A 72 -0.80 4.27 -12.16
C GLN A 72 -0.41 3.42 -10.96
N THR A 73 0.78 2.81 -11.03
CA THR A 73 1.28 1.96 -9.96
C THR A 73 2.22 2.74 -9.04
N SER A 74 1.97 4.04 -8.90
CA SER A 74 2.79 4.88 -8.05
C SER A 74 2.01 6.11 -7.59
N VAL A 75 2.10 6.41 -6.30
CA VAL A 75 1.40 7.55 -5.73
C VAL A 75 2.31 8.34 -4.78
N VAL A 76 2.09 9.65 -4.71
CA VAL A 76 2.89 10.50 -3.84
C VAL A 76 2.15 10.81 -2.54
N VAL A 77 2.77 10.45 -1.42
CA VAL A 77 2.18 10.68 -0.11
C VAL A 77 2.83 11.88 0.58
N GLU A 78 2.02 12.88 0.89
CA GLU A 78 2.52 14.09 1.56
C GLU A 78 1.75 14.36 2.84
N ASP A 79 2.08 15.46 3.51
CA ASP A 79 1.42 15.84 4.75
C ASP A 79 1.67 14.79 5.83
N LEU A 80 2.93 14.41 6.00
CA LEU A 80 3.29 13.42 7.00
C LEU A 80 4.08 14.05 8.15
N LEU A 81 4.51 13.24 9.09
CA LEU A 81 5.27 13.73 10.24
C LEU A 81 6.72 13.28 10.17
N PRO A 82 7.65 14.19 10.51
CA PRO A 82 9.09 13.92 10.48
C PRO A 82 9.50 12.95 11.58
N ASN A 83 10.45 12.07 11.26
CA ASN A 83 10.93 11.09 12.22
C ASN A 83 9.80 10.22 12.74
N HIS A 84 8.90 9.83 11.83
CA HIS A 84 7.76 8.99 12.21
C HIS A 84 7.55 7.88 11.18
N SER A 85 7.34 6.66 11.67
CA SER A 85 7.13 5.51 10.80
C SER A 85 5.68 5.46 10.31
N TYR A 86 5.48 4.91 9.12
CA TYR A 86 4.15 4.80 8.55
C TYR A 86 4.01 3.51 7.73
N VAL A 87 3.13 2.64 8.16
CA VAL A 87 2.90 1.37 7.47
C VAL A 87 2.06 1.58 6.22
N PHE A 88 2.72 1.53 5.06
CA PHE A 88 2.05 1.70 3.79
C PHE A 88 1.59 0.36 3.22
N ARG A 89 0.27 0.14 3.24
CA ARG A 89 -0.30 -1.11 2.73
C ARG A 89 -0.97 -0.88 1.38
N VAL A 90 -0.29 -1.24 0.31
CA VAL A 90 -0.82 -1.08 -1.04
C VAL A 90 -1.77 -2.21 -1.39
N ARG A 91 -2.94 -1.85 -1.91
CA ARG A 91 -3.94 -2.85 -2.29
C ARG A 91 -4.44 -2.59 -3.71
N ALA A 92 -5.00 -3.63 -4.32
CA ALA A 92 -5.52 -3.53 -5.68
C ALA A 92 -6.95 -4.03 -5.76
N GLN A 93 -7.71 -3.51 -6.71
CA GLN A 93 -9.10 -3.92 -6.89
C GLN A 93 -9.35 -4.36 -8.32
N SER A 94 -10.21 -5.36 -8.49
CA SER A 94 -10.54 -5.88 -9.81
C SER A 94 -12.03 -6.21 -9.91
N GLN A 95 -12.50 -6.42 -11.14
CA GLN A 95 -13.91 -6.75 -11.36
C GLN A 95 -14.45 -7.65 -10.26
N GLU A 96 -13.62 -8.59 -9.81
CA GLU A 96 -14.02 -9.52 -8.75
C GLU A 96 -14.17 -8.78 -7.42
N GLY A 97 -13.09 -8.15 -6.97
CA GLY A 97 -13.12 -7.42 -5.71
C GLY A 97 -11.73 -7.08 -5.21
N TRP A 98 -11.66 -6.60 -3.97
CA TRP A 98 -10.39 -6.24 -3.36
C TRP A 98 -9.60 -7.47 -2.96
N GLY A 99 -8.40 -7.63 -3.52
CA GLY A 99 -7.58 -8.77 -3.20
C GLY A 99 -6.71 -8.54 -1.98
N ARG A 100 -5.50 -9.09 -2.00
CA ARG A 100 -4.57 -8.94 -0.88
C ARG A 100 -3.80 -7.63 -0.99
N GLU A 101 -2.96 -7.36 0.01
CA GLU A 101 -2.16 -6.15 0.03
C GLU A 101 -0.79 -6.40 0.66
N ARG A 102 0.21 -5.66 0.20
CA ARG A 102 1.56 -5.80 0.70
C ARG A 102 1.85 -4.77 1.79
N GLU A 103 2.62 -5.17 2.80
CA GLU A 103 2.96 -4.27 3.91
C GLU A 103 4.34 -3.65 3.69
N GLY A 104 4.43 -2.34 3.94
CA GLY A 104 5.70 -1.65 3.77
C GLY A 104 5.76 -0.35 4.55
N VAL A 105 6.49 -0.37 5.65
CA VAL A 105 6.61 0.82 6.50
C VAL A 105 7.93 1.54 6.21
N ILE A 106 7.88 2.88 6.25
CA ILE A 106 9.06 3.69 6.00
C ILE A 106 9.37 4.58 7.19
N THR A 107 10.66 4.84 7.41
CA THR A 107 11.09 5.68 8.52
C THR A 107 11.66 7.00 8.02
N ILE A 108 10.87 8.06 8.15
CA ILE A 108 11.29 9.39 7.71
C ILE A 108 12.63 9.77 8.33
N GLU A 109 13.66 9.84 7.49
CA GLU A 109 15.00 10.19 7.96
C GLU A 109 15.48 11.48 7.29
N SER A 110 15.48 12.57 8.05
CA SER A 110 15.92 13.86 7.54
C SER A 110 17.44 13.99 7.62
N GLN A 111 17.98 13.74 8.79
CA GLN A 111 19.42 13.84 9.00
C GLN A 111 20.18 13.13 7.89
N VAL A 112 20.92 13.92 7.10
CA VAL A 112 21.69 13.37 5.99
C VAL A 112 22.63 12.26 6.46
N SER A 113 22.47 11.08 5.90
CA SER A 113 23.29 9.93 6.25
C SER A 113 24.12 9.45 5.07
N GLY A 114 25.29 10.06 4.88
CA GLY A 114 26.15 9.68 3.78
C GLY A 114 27.06 8.52 4.13
N PRO A 115 27.59 7.84 3.09
CA PRO A 115 28.49 6.70 3.28
C PRO A 115 29.85 7.11 3.82
N SER A 116 30.01 8.40 4.11
CA SER A 116 31.26 8.92 4.63
C SER A 116 31.21 9.03 6.15
N SER A 117 32.36 8.83 6.79
CA SER A 117 32.44 8.91 8.24
C SER A 117 31.18 8.34 8.90
N GLY A 118 30.69 7.23 8.35
CA GLY A 118 29.49 6.61 8.89
C GLY A 118 29.38 5.14 8.52
N GLY A 1 -13.61 -5.02 17.62
CA GLY A 1 -14.48 -4.00 17.09
C GLY A 1 -15.23 -4.45 15.85
N SER A 2 -15.54 -3.52 14.97
CA SER A 2 -16.26 -3.83 13.74
C SER A 2 -15.31 -3.94 12.56
N SER A 3 -14.17 -4.58 12.79
CA SER A 3 -13.16 -4.74 11.75
C SER A 3 -13.81 -5.05 10.40
N GLY A 4 -14.65 -6.08 10.38
CA GLY A 4 -15.33 -6.46 9.15
C GLY A 4 -16.50 -7.38 9.40
N SER A 5 -17.43 -6.93 10.25
CA SER A 5 -18.61 -7.72 10.57
C SER A 5 -19.18 -8.39 9.33
N SER A 6 -19.97 -9.44 9.53
CA SER A 6 -20.56 -10.18 8.43
C SER A 6 -22.09 -10.14 8.52
N GLY A 7 -22.70 -9.24 7.75
CA GLY A 7 -24.14 -9.13 7.76
C GLY A 7 -24.77 -9.48 6.42
N SER A 8 -25.27 -8.46 5.72
CA SER A 8 -25.90 -8.68 4.42
C SER A 8 -24.85 -8.80 3.32
N HIS A 9 -24.30 -10.00 3.16
CA HIS A 9 -23.29 -10.25 2.15
C HIS A 9 -23.31 -11.71 1.70
N ASP A 10 -22.52 -12.02 0.69
CA ASP A 10 -22.44 -13.39 0.16
C ASP A 10 -21.22 -14.11 0.72
N SER A 11 -21.31 -15.43 0.79
CA SER A 11 -20.21 -16.26 1.30
C SER A 11 -18.92 -15.97 0.54
N ARG A 12 -17.79 -16.27 1.16
CA ARG A 12 -16.49 -16.05 0.55
C ARG A 12 -16.33 -16.87 -0.73
N LEU A 13 -16.59 -16.25 -1.87
CA LEU A 13 -16.48 -16.93 -3.16
C LEU A 13 -15.68 -16.10 -4.15
N THR A 14 -14.69 -15.37 -3.64
CA THR A 14 -13.85 -14.53 -4.49
C THR A 14 -12.80 -15.35 -5.22
N ALA A 15 -12.80 -15.26 -6.55
CA ALA A 15 -11.84 -15.99 -7.36
C ALA A 15 -11.14 -15.07 -8.35
N GLY A 16 -11.90 -14.15 -8.94
CA GLY A 16 -11.32 -13.22 -9.90
C GLY A 16 -10.67 -12.03 -9.24
N VAL A 17 -10.23 -12.21 -7.99
CA VAL A 17 -9.58 -11.15 -7.25
C VAL A 17 -8.07 -11.13 -7.51
N PRO A 18 -7.48 -9.93 -7.48
CA PRO A 18 -6.04 -9.75 -7.71
C PRO A 18 -5.20 -10.31 -6.57
N ASP A 19 -4.02 -10.81 -6.91
CA ASP A 19 -3.11 -11.38 -5.91
C ASP A 19 -2.31 -10.28 -5.22
N THR A 20 -1.73 -10.61 -4.07
CA THR A 20 -0.94 -9.65 -3.32
C THR A 20 0.05 -8.92 -4.22
N PRO A 21 0.07 -7.59 -4.10
CA PRO A 21 0.97 -6.74 -4.90
C PRO A 21 2.43 -6.90 -4.50
N THR A 22 3.32 -6.81 -5.48
CA THR A 22 4.75 -6.93 -5.23
C THR A 22 5.24 -5.87 -4.25
N ARG A 23 6.51 -5.97 -3.87
CA ARG A 23 7.10 -5.01 -2.94
C ARG A 23 6.89 -3.58 -3.43
N LEU A 24 6.82 -2.64 -2.49
CA LEU A 24 6.62 -1.23 -2.83
C LEU A 24 7.96 -0.52 -2.97
N VAL A 25 7.90 0.76 -3.32
CA VAL A 25 9.11 1.56 -3.49
C VAL A 25 8.90 2.99 -2.99
N PHE A 26 9.62 3.36 -1.94
CA PHE A 26 9.51 4.70 -1.38
C PHE A 26 10.66 5.58 -1.85
N SER A 27 10.31 6.78 -2.31
CA SER A 27 11.31 7.73 -2.80
C SER A 27 11.73 8.71 -1.70
N ALA A 28 10.77 9.08 -0.86
CA ALA A 28 11.03 10.00 0.24
C ALA A 28 11.49 11.36 -0.28
N LEU A 29 10.72 11.92 -1.20
CA LEU A 29 11.04 13.22 -1.78
C LEU A 29 11.53 14.19 -0.71
N GLY A 30 11.05 14.00 0.51
CA GLY A 30 11.45 14.86 1.61
C GLY A 30 10.99 14.34 2.95
N PRO A 31 11.08 15.19 3.99
CA PRO A 31 10.68 14.82 5.35
C PRO A 31 9.18 14.65 5.49
N THR A 32 8.42 15.38 4.68
CA THR A 32 6.97 15.31 4.70
C THR A 32 6.40 14.90 3.35
N SER A 33 7.24 14.25 2.54
CA SER A 33 6.83 13.79 1.22
C SER A 33 7.39 12.41 0.92
N LEU A 34 6.65 11.63 0.14
CA LEU A 34 7.07 10.28 -0.22
C LEU A 34 6.45 9.85 -1.54
N ARG A 35 6.91 8.73 -2.08
CA ARG A 35 6.40 8.21 -3.34
C ARG A 35 6.40 6.68 -3.35
N VAL A 36 5.23 6.09 -3.20
CA VAL A 36 5.10 4.64 -3.18
C VAL A 36 4.72 4.11 -4.57
N SER A 37 5.51 3.17 -5.07
CA SER A 37 5.27 2.57 -6.37
C SER A 37 5.27 1.05 -6.29
N TRP A 38 4.18 0.45 -6.76
CA TRP A 38 4.06 -1.01 -6.74
C TRP A 38 4.07 -1.57 -8.16
N GLN A 39 3.86 -2.88 -8.27
CA GLN A 39 3.85 -3.54 -9.57
C GLN A 39 2.52 -4.27 -9.80
N GLU A 40 1.81 -3.86 -10.84
CA GLU A 40 0.52 -4.47 -11.18
C GLU A 40 0.59 -5.99 -11.02
N PRO A 41 -0.07 -6.51 -9.97
CA PRO A 41 -0.11 -7.95 -9.68
C PRO A 41 -0.93 -8.72 -10.71
N ARG A 42 -1.15 -10.00 -10.44
CA ARG A 42 -1.92 -10.85 -11.34
C ARG A 42 -3.40 -10.84 -10.96
N CYS A 43 -4.26 -10.96 -11.96
CA CYS A 43 -5.71 -10.96 -11.73
C CYS A 43 -6.46 -11.36 -13.00
N GLU A 44 -7.27 -12.40 -12.90
CA GLU A 44 -8.05 -12.88 -14.04
C GLU A 44 -8.91 -11.77 -14.62
N ARG A 45 -9.26 -10.80 -13.77
CA ARG A 45 -10.09 -9.68 -14.20
C ARG A 45 -9.27 -8.39 -14.25
N PRO A 46 -9.69 -7.45 -15.10
CA PRO A 46 -9.02 -6.15 -15.27
C PRO A 46 -9.19 -5.26 -14.05
N LEU A 47 -8.08 -4.72 -13.56
CA LEU A 47 -8.11 -3.83 -12.40
C LEU A 47 -8.77 -2.50 -12.74
N GLN A 48 -9.51 -1.95 -11.79
CA GLN A 48 -10.19 -0.68 -11.99
C GLN A 48 -9.38 0.47 -11.39
N GLY A 49 -8.48 0.14 -10.48
CA GLY A 49 -7.65 1.15 -9.85
C GLY A 49 -6.71 0.58 -8.82
N TYR A 50 -6.39 1.36 -7.80
CA TYR A 50 -5.48 0.93 -6.74
C TYR A 50 -5.79 1.64 -5.43
N SER A 51 -5.30 1.07 -4.33
CA SER A 51 -5.52 1.64 -3.01
C SER A 51 -4.25 1.59 -2.17
N VAL A 52 -3.90 2.70 -1.54
CA VAL A 52 -2.72 2.78 -0.70
C VAL A 52 -3.04 3.34 0.67
N GLU A 53 -3.31 2.44 1.62
CA GLU A 53 -3.65 2.85 2.98
C GLU A 53 -2.39 2.88 3.86
N TYR A 54 -2.14 4.04 4.47
CA TYR A 54 -0.98 4.20 5.33
C TYR A 54 -1.36 4.85 6.65
N GLN A 55 -0.74 4.41 7.73
CA GLN A 55 -1.01 4.95 9.06
C GLN A 55 0.24 4.96 9.93
N LEU A 56 0.20 5.72 11.01
CA LEU A 56 1.34 5.81 11.92
C LEU A 56 1.77 4.42 12.39
N LEU A 57 3.03 4.09 12.13
CA LEU A 57 3.57 2.79 12.52
C LEU A 57 3.38 2.55 14.01
N ASN A 58 3.51 3.62 14.80
CA ASN A 58 3.35 3.52 16.25
C ASN A 58 1.87 3.30 16.61
N GLY A 59 0.98 3.94 15.85
CA GLY A 59 -0.44 3.81 16.12
C GLY A 59 -1.16 5.13 16.08
N GLY A 60 -2.10 5.28 15.15
CA GLY A 60 -2.84 6.51 15.04
C GLY A 60 -3.82 6.50 13.87
N GLU A 61 -4.26 7.68 13.46
CA GLU A 61 -5.21 7.79 12.34
C GLU A 61 -4.75 6.95 11.17
N LEU A 62 -5.63 6.79 10.18
CA LEU A 62 -5.33 6.00 9.00
C LEU A 62 -5.71 6.76 7.72
N HIS A 63 -4.72 7.02 6.87
CA HIS A 63 -4.96 7.73 5.62
C HIS A 63 -5.12 6.75 4.45
N ARG A 64 -6.28 6.80 3.80
CA ARG A 64 -6.56 5.92 2.67
C ARG A 64 -6.43 6.68 1.35
N LEU A 65 -5.62 6.15 0.44
CA LEU A 65 -5.42 6.77 -0.86
C LEU A 65 -6.07 5.94 -1.97
N ASN A 66 -6.90 6.59 -2.78
CA ASN A 66 -7.58 5.92 -3.87
C ASN A 66 -6.94 6.27 -5.22
N ILE A 67 -6.94 5.31 -6.14
CA ILE A 67 -6.35 5.53 -7.45
C ILE A 67 -7.38 5.26 -8.55
N PRO A 68 -7.91 6.34 -9.14
CA PRO A 68 -8.91 6.25 -10.21
C PRO A 68 -8.32 5.73 -11.51
N ASN A 69 -7.03 5.39 -11.47
CA ASN A 69 -6.34 4.88 -12.66
C ASN A 69 -5.69 3.53 -12.36
N PRO A 70 -6.19 2.47 -13.00
CA PRO A 70 -5.67 1.11 -12.82
C PRO A 70 -4.27 0.95 -13.42
N ALA A 71 -3.81 1.97 -14.12
CA ALA A 71 -2.49 1.93 -14.75
C ALA A 71 -1.46 2.66 -13.88
N GLN A 72 -1.94 3.50 -12.98
CA GLN A 72 -1.05 4.25 -12.09
C GLN A 72 -0.59 3.39 -10.93
N THR A 73 0.66 2.93 -11.00
CA THR A 73 1.23 2.09 -9.96
C THR A 73 2.19 2.88 -9.08
N SER A 74 1.93 4.17 -8.94
CA SER A 74 2.78 5.05 -8.13
C SER A 74 2.01 6.27 -7.65
N VAL A 75 2.02 6.50 -6.35
CA VAL A 75 1.32 7.65 -5.77
C VAL A 75 2.21 8.38 -4.77
N VAL A 76 2.19 9.71 -4.84
CA VAL A 76 3.00 10.54 -3.95
C VAL A 76 2.27 10.80 -2.64
N VAL A 77 2.95 10.49 -1.53
CA VAL A 77 2.36 10.69 -0.21
C VAL A 77 2.99 11.89 0.50
N GLU A 78 2.14 12.83 0.90
CA GLU A 78 2.62 14.03 1.59
C GLU A 78 1.80 14.30 2.84
N ASP A 79 2.10 15.40 3.52
CA ASP A 79 1.39 15.77 4.73
C ASP A 79 1.63 14.76 5.85
N LEU A 80 2.88 14.31 5.95
CA LEU A 80 3.24 13.33 6.98
C LEU A 80 3.99 14.00 8.13
N LEU A 81 4.33 13.21 9.14
CA LEU A 81 5.04 13.72 10.31
C LEU A 81 6.51 13.34 10.27
N PRO A 82 7.38 14.29 10.66
CA PRO A 82 8.83 14.07 10.68
C PRO A 82 9.26 13.08 11.76
N ASN A 83 10.30 12.32 11.48
CA ASN A 83 10.81 11.33 12.42
C ASN A 83 9.68 10.47 12.96
N HIS A 84 8.89 9.90 12.06
CA HIS A 84 7.77 9.06 12.45
C HIS A 84 7.56 7.93 11.43
N SER A 85 7.49 6.70 11.92
CA SER A 85 7.29 5.55 11.05
C SER A 85 5.85 5.46 10.56
N TYR A 86 5.65 4.82 9.42
CA TYR A 86 4.33 4.67 8.84
C TYR A 86 4.20 3.36 8.09
N VAL A 87 3.13 2.62 8.37
CA VAL A 87 2.89 1.33 7.72
C VAL A 87 2.05 1.51 6.46
N PHE A 88 2.72 1.43 5.31
CA PHE A 88 2.05 1.58 4.02
C PHE A 88 1.52 0.24 3.52
N ARG A 89 0.24 0.21 3.15
CA ARG A 89 -0.39 -1.01 2.65
C ARG A 89 -1.06 -0.77 1.31
N VAL A 90 -0.45 -1.27 0.25
CA VAL A 90 -0.98 -1.11 -1.09
C VAL A 90 -1.78 -2.34 -1.52
N ARG A 91 -2.66 -2.15 -2.49
CA ARG A 91 -3.49 -3.25 -2.99
C ARG A 91 -4.21 -2.85 -4.28
N ALA A 92 -4.63 -3.85 -5.04
CA ALA A 92 -5.33 -3.61 -6.29
C ALA A 92 -6.81 -3.97 -6.18
N GLN A 93 -7.63 -3.36 -7.05
CA GLN A 93 -9.06 -3.62 -7.03
C GLN A 93 -9.53 -4.15 -8.39
N SER A 94 -10.38 -5.18 -8.36
CA SER A 94 -10.90 -5.78 -9.58
C SER A 94 -12.42 -5.89 -9.53
N GLN A 95 -13.02 -6.17 -10.68
CA GLN A 95 -14.48 -6.30 -10.76
C GLN A 95 -15.03 -7.01 -9.53
N GLU A 96 -14.27 -7.97 -9.01
CA GLU A 96 -14.68 -8.72 -7.84
C GLU A 96 -14.60 -7.85 -6.58
N GLY A 97 -13.37 -7.51 -6.19
CA GLY A 97 -13.19 -6.69 -5.01
C GLY A 97 -11.72 -6.48 -4.68
N TRP A 98 -11.44 -5.97 -3.49
CA TRP A 98 -10.07 -5.73 -3.05
C TRP A 98 -9.44 -7.00 -2.51
N GLY A 99 -8.43 -7.50 -3.21
CA GLY A 99 -7.75 -8.71 -2.78
C GLY A 99 -6.84 -8.47 -1.59
N ARG A 100 -5.60 -8.94 -1.69
CA ARG A 100 -4.63 -8.78 -0.62
C ARG A 100 -3.87 -7.47 -0.76
N GLU A 101 -3.03 -7.17 0.23
CA GLU A 101 -2.24 -5.94 0.20
C GLU A 101 -0.78 -6.23 0.53
N ARG A 102 0.08 -5.23 0.34
CA ARG A 102 1.50 -5.39 0.62
C ARG A 102 1.97 -4.37 1.65
N GLU A 103 2.41 -4.86 2.81
CA GLU A 103 2.88 -3.99 3.88
C GLU A 103 4.20 -3.35 3.51
N GLY A 104 4.34 -2.07 3.84
CA GLY A 104 5.57 -1.35 3.53
C GLY A 104 5.85 -0.24 4.52
N VAL A 105 6.37 -0.61 5.69
CA VAL A 105 6.68 0.36 6.74
C VAL A 105 7.83 1.26 6.31
N ILE A 106 7.71 2.55 6.61
CA ILE A 106 8.75 3.51 6.26
C ILE A 106 9.03 4.47 7.42
N THR A 107 10.29 4.90 7.54
CA THR A 107 10.68 5.80 8.60
C THR A 107 11.19 7.12 8.03
N ILE A 108 10.63 8.24 8.50
CA ILE A 108 11.03 9.56 8.04
C ILE A 108 12.39 9.95 8.63
N GLU A 109 13.41 9.98 7.78
CA GLU A 109 14.75 10.33 8.21
C GLU A 109 15.17 11.69 7.63
N SER A 110 15.16 12.72 8.48
CA SER A 110 15.52 14.07 8.05
C SER A 110 16.91 14.43 8.57
N GLN A 111 17.40 13.67 9.53
CA GLN A 111 18.72 13.92 10.10
C GLN A 111 19.64 12.71 9.89
N VAL A 112 19.78 12.30 8.64
CA VAL A 112 20.64 11.17 8.29
C VAL A 112 22.09 11.46 8.64
N SER A 113 22.64 10.69 9.57
CA SER A 113 24.03 10.87 9.98
C SER A 113 24.63 9.55 10.45
N GLY A 114 25.96 9.50 10.54
CA GLY A 114 26.64 8.30 10.97
C GLY A 114 26.88 7.32 9.84
N PRO A 115 27.34 6.12 10.18
CA PRO A 115 27.62 5.07 9.19
C PRO A 115 26.34 4.51 8.56
N SER A 116 26.11 4.87 7.30
CA SER A 116 24.93 4.41 6.58
C SER A 116 25.17 3.04 5.96
N SER A 117 24.93 1.99 6.74
CA SER A 117 25.13 0.62 6.28
C SER A 117 24.41 0.40 4.95
N GLY A 118 25.08 -0.30 4.04
CA GLY A 118 24.50 -0.57 2.74
C GLY A 118 25.11 0.27 1.63
#